data_2BG9
#
_entry.id   2BG9
#
_cell.length_a   1.0
_cell.length_b   1.0
_cell.length_c   1.0
_cell.angle_alpha   90.0
_cell.angle_beta   90.0
_cell.angle_gamma   90.0
#
_symmetry.space_group_name_H-M   'P 1'
#
loop_
_entity.id
_entity.type
_entity.pdbx_description
1 polymer 'ACETYLCHOLINE RECEPTOR PROTEIN, ALPHA CHAIN'
2 polymer 'ACETYLCHOLINE RECEPTOR PROTEIN, BETA CHAIN'
3 polymer 'ACETYLCHOLINE RECEPTOR PROTEIN, DELTA CHAIN'
4 polymer 'ACETYLCHOLINE RECEPTOR PROTEIN, GAMMA CHAIN'
#
loop_
_entity_poly.entity_id
_entity_poly.type
_entity_poly.pdbx_seq_one_letter_code
_entity_poly.pdbx_strand_id
1 'polypeptide(L)'
;SEHETRLVANLLENYNKVIRPVEHHTHFVDITVGLQLIQLINVDEVNQIVETNVRLRQQWIDVRLRWNPADYGGIKKIRL
PSDDVWLPDLVLYNNADGDFAIVHMTKLLLDYTGKIMWTPPAIFKSYCEIIVTHFPFDQQNCTMKLGIWTYDGTKVSISP
ESDRPDLSTFMESGEWVMKDYRGWKHWVYYTCCPDTPYLDITYHFIMQRIPLYFVVNVIIPCLLFSFLTVLVFYLPTDSG
EKMTLSISVLLSLTVFLLVIVELIPSTSSAVPLIGKYMLFTMIFVISSIIVTVVVINTHHRSPSTHSAIEGVKYIAEHMK
SDEESSNAAEEWKYVAMVIDHILLCVFMLICIIGTVSVFAGRLIELSQEG
;
A,D
2 'polypeptide(L)'
;SVMEDTLLSVLFENYNPKVRPSQTVGDKVTVRVGLTLTSLLILNEKNEEMTTSVFLNLAWTDYRLQWDPAAYEGIKDLSI
PSDDVWQPDIVLMNNNDGSFEITLHVNVLVQHTGAVSWHPSAIYRSSCTIKVMYFPFDWQNCTMVFKSYTYDTSEVILQH
ALDAMINQDAFTENGQWSIEHKPSRKNWRSDDPSYEDVTFYLIIQRKPLFYIVYTIVPCILISILAILVFYLPPDAGEKM
SLSISALLALTVFLLLLADKVPETSLSVPIIISYLMFIMILVAFSVILSVVVLNLHHRSPNTHEAVEAIKYIAEQLESAS
EFDDLKKDWQYVAMVADRLFLYIFITMCSIGTFSIFLDASHNVPPDNPFA
;
B
3 'polypeptide(L)'
;VNEEERLINDLLIVNKYNKHVRPVKHNNEVVNIALSLTLSNLISLKETDETLTTNVWMDHAWYDHRLTWNASEYSDISIL
RLRPELIWIPDIVLQNNNDGQYNVAYFCNVLVRPNGYVTWLPPAIFRSSCPINVLYFPFDWQNCSLKFTALNYNANEISM
DLIIDPEAFTENGEWEIIHKPAKKNIYGDKFPNGTNYQDVTFYLIIRRKPLFYVINFITPCVLISFLAALAFYLPAESGE
KMSTAICVLLAQAVFLLLTSQRLPETALAVPLIGKYLMFIMSLVTGVVVNCGIVLNFHFRTPSTHSGIDSTNYIVKQIKE
KNAYDEEVGNWNLVGQTIDRLSMFIITPVMVLGTIFIFVMGNFNRPPAK
;
C
4 'polypeptide(L)'
;NEEGRLIEKLLGDYDKRIKPAKTLDHVIDVTLKLTLTNLISLNEKEEALTTNVWIEIQWNDYRLSWNTSEYEGIDLVRIP
SELLWLPDVVLENNVDGQFEVAYYANVLVYNDGSMYWLPPAIYRSTCPIAVTYFPFDWQNCSLVFRSQTYNAHEVNLQLS
AEEGIDPEDFTENGEWTIRHRPAKKNYNWQLTKDDIDFQEIIFFLIIQRKPLFYIINIIAPCVLISSLVVLVYFLPAQAG
GQKCTLSISVLLAQTIFLFLIAQKVPETSLNVPLIGKYLIFVMFVSLVIVTNCVIVLNVSLRTPNTHSCVEACNFIAKST
KEQNDSGSENENWVLIGKVIDKACFWIALLLFSLGTLAIFLTGHLNQVPE
;
E
#
# COMPACT_ATOMS: atom_id res chain seq x y z
N SER A 1 -35.79 32.06 -42.75
CA SER A 1 -36.57 33.14 -43.39
C SER A 1 -36.32 34.52 -42.77
N GLU A 2 -37.12 34.90 -41.78
CA GLU A 2 -36.99 36.20 -41.14
C GLU A 2 -35.51 36.55 -40.91
N HIS A 3 -34.94 37.17 -41.93
CA HIS A 3 -33.55 37.55 -41.98
C HIS A 3 -32.67 36.39 -41.45
N GLU A 4 -33.23 35.18 -41.54
CA GLU A 4 -32.64 33.90 -41.17
C GLU A 4 -31.12 33.82 -41.09
N THR A 5 -30.49 33.78 -42.26
CA THR A 5 -29.04 33.70 -42.38
C THR A 5 -28.44 35.05 -41.98
N ARG A 6 -29.13 36.13 -42.32
CA ARG A 6 -28.57 37.42 -41.94
C ARG A 6 -28.55 37.54 -40.41
N LEU A 7 -29.56 36.97 -39.74
CA LEU A 7 -29.67 36.92 -38.29
C LEU A 7 -28.42 36.31 -37.71
N VAL A 8 -28.34 35.00 -37.89
CA VAL A 8 -27.28 34.15 -37.40
C VAL A 8 -25.82 34.55 -37.66
N ALA A 9 -25.50 34.89 -38.91
CA ALA A 9 -24.16 35.29 -39.29
C ALA A 9 -23.72 36.60 -38.65
N ASN A 10 -24.55 37.62 -38.73
CA ASN A 10 -24.21 38.89 -38.13
C ASN A 10 -23.70 38.67 -36.72
N LEU A 11 -24.48 37.93 -35.94
CA LEU A 11 -24.17 37.61 -34.54
C LEU A 11 -22.75 37.07 -34.39
N LEU A 12 -22.36 36.09 -35.20
CA LEU A 12 -21.00 35.51 -35.13
C LEU A 12 -19.90 36.52 -35.36
N GLU A 13 -20.03 37.21 -36.48
CA GLU A 13 -19.02 38.18 -36.89
C GLU A 13 -18.66 39.19 -35.79
N ASN A 14 -19.48 40.20 -35.55
CA ASN A 14 -19.07 41.14 -34.51
C ASN A 14 -19.45 40.74 -33.10
N TYR A 15 -18.58 39.91 -32.55
CA TYR A 15 -18.67 39.38 -31.20
C TYR A 15 -17.40 38.67 -30.83
N ASN A 16 -16.68 39.20 -29.86
CA ASN A 16 -15.45 38.58 -29.43
C ASN A 16 -15.71 37.87 -28.10
N LYS A 17 -15.63 36.54 -28.15
CA LYS A 17 -15.83 35.63 -27.03
C LYS A 17 -15.07 36.08 -25.78
N VAL A 18 -13.76 36.24 -25.98
CA VAL A 18 -12.83 36.63 -24.92
C VAL A 18 -13.14 37.97 -24.27
N ILE A 19 -13.94 38.79 -24.92
CA ILE A 19 -14.23 40.08 -24.33
C ILE A 19 -15.08 39.94 -23.07
N ARG A 20 -14.72 40.69 -22.05
CA ARG A 20 -15.48 40.67 -20.82
C ARG A 20 -16.48 41.82 -20.77
N PRO A 21 -17.76 41.54 -20.62
CA PRO A 21 -18.83 42.54 -20.61
C PRO A 21 -18.62 43.75 -19.68
N VAL A 22 -17.46 44.39 -19.84
CA VAL A 22 -17.08 45.58 -19.06
C VAL A 22 -18.06 46.69 -19.45
N GLU A 23 -18.58 47.40 -18.44
CA GLU A 23 -19.51 48.50 -18.65
C GLU A 23 -18.98 49.76 -17.96
N HIS A 24 -18.22 50.57 -18.68
CA HIS A 24 -17.68 51.81 -18.13
C HIS A 24 -16.73 51.46 -16.98
N HIS A 25 -16.08 52.45 -16.38
CA HIS A 25 -15.21 52.14 -15.27
C HIS A 25 -15.96 52.23 -13.96
N THR A 26 -16.60 51.13 -13.58
CA THR A 26 -17.32 51.16 -12.32
C THR A 26 -17.58 49.78 -11.71
N HIS A 27 -18.85 49.48 -11.45
CA HIS A 27 -19.33 48.23 -10.85
C HIS A 27 -18.60 46.94 -11.14
N PHE A 28 -17.62 46.95 -12.05
CA PHE A 28 -16.90 45.71 -12.27
C PHE A 28 -17.95 44.80 -12.96
N VAL A 29 -17.60 43.57 -13.34
CA VAL A 29 -18.60 42.71 -13.92
C VAL A 29 -19.24 42.08 -12.67
N ASP A 30 -20.53 42.33 -12.46
CA ASP A 30 -21.19 41.76 -11.28
C ASP A 30 -21.52 40.32 -11.56
N ILE A 31 -20.84 39.45 -10.81
CA ILE A 31 -20.99 38.01 -11.00
C ILE A 31 -21.15 37.33 -9.62
N THR A 32 -22.20 36.54 -9.46
CA THR A 32 -22.44 35.87 -8.19
C THR A 32 -22.24 34.36 -8.22
N VAL A 33 -21.76 33.83 -7.10
CA VAL A 33 -21.50 32.41 -6.92
C VAL A 33 -22.61 31.83 -6.06
N GLY A 34 -22.88 30.55 -6.23
CA GLY A 34 -23.89 29.86 -5.44
C GLY A 34 -23.65 28.38 -5.55
N LEU A 35 -23.02 27.80 -4.53
CA LEU A 35 -22.67 26.38 -4.50
C LEU A 35 -23.68 25.49 -3.78
N GLN A 36 -24.14 24.45 -4.47
CA GLN A 36 -25.05 23.50 -3.83
C GLN A 36 -24.44 22.11 -3.93
N LEU A 37 -23.79 21.69 -2.86
CA LEU A 37 -23.17 20.35 -2.87
C LEU A 37 -24.32 19.35 -2.94
N ILE A 38 -24.47 18.67 -4.07
CA ILE A 38 -25.54 17.68 -4.22
C ILE A 38 -25.23 16.52 -3.28
N GLN A 39 -23.93 16.21 -3.17
CA GLN A 39 -23.47 15.13 -2.30
C GLN A 39 -21.95 14.97 -2.30
N LEU A 40 -21.45 14.22 -1.32
CA LEU A 40 -20.03 14.00 -1.15
C LEU A 40 -19.71 12.51 -1.37
N ILE A 41 -18.59 12.24 -2.06
CA ILE A 41 -18.15 10.90 -2.44
C ILE A 41 -17.15 10.34 -1.43
N ASN A 42 -16.18 11.12 -1.00
CA ASN A 42 -15.18 10.61 -0.06
C ASN A 42 -14.28 11.71 0.57
N VAL A 43 -13.86 11.42 1.80
CA VAL A 43 -13.03 12.35 2.54
C VAL A 43 -11.97 11.64 3.37
N ASP A 44 -10.88 12.37 3.65
CA ASP A 44 -9.75 11.85 4.43
C ASP A 44 -9.35 12.95 5.41
N GLU A 45 -9.91 12.88 6.61
CA GLU A 45 -9.63 13.86 7.66
C GLU A 45 -8.13 13.97 7.90
N VAL A 46 -7.44 12.84 7.81
CA VAL A 46 -6.00 12.79 8.01
C VAL A 46 -5.28 13.73 7.04
N ASN A 47 -5.63 13.57 5.76
CA ASN A 47 -5.02 14.36 4.69
C ASN A 47 -5.90 15.54 4.31
N GLN A 48 -7.00 15.75 5.03
CA GLN A 48 -7.98 16.82 4.87
C GLN A 48 -8.35 17.01 3.41
N ILE A 49 -8.62 15.95 2.68
CA ILE A 49 -9.01 15.97 1.26
C ILE A 49 -10.42 15.43 1.04
N VAL A 50 -11.26 16.11 0.26
CA VAL A 50 -12.63 15.62 -0.03
C VAL A 50 -12.97 15.72 -1.51
N GLU A 51 -13.72 14.73 -1.99
CA GLU A 51 -14.16 14.69 -3.36
C GLU A 51 -15.69 14.92 -3.23
N THR A 52 -16.17 16.08 -3.68
CA THR A 52 -17.59 16.45 -3.53
C THR A 52 -18.38 16.84 -4.76
N ASN A 53 -19.71 16.75 -4.65
CA ASN A 53 -20.63 17.12 -5.73
C ASN A 53 -21.06 18.57 -5.64
N VAL A 54 -20.79 19.36 -6.68
CA VAL A 54 -21.15 20.78 -6.62
C VAL A 54 -21.82 21.24 -7.92
N ARG A 55 -22.94 21.94 -7.83
CA ARG A 55 -23.57 22.42 -9.03
C ARG A 55 -23.24 23.91 -8.89
N LEU A 56 -22.39 24.46 -9.75
CA LEU A 56 -22.14 25.86 -9.53
C LEU A 56 -23.03 26.75 -10.30
N ARG A 57 -23.75 27.52 -9.50
CA ARG A 57 -24.71 28.50 -10.00
C ARG A 57 -23.91 29.78 -10.15
N GLN A 58 -23.63 30.13 -11.41
CA GLN A 58 -22.87 31.33 -11.72
C GLN A 58 -23.76 32.29 -12.48
N GLN A 59 -23.85 33.54 -11.99
CA GLN A 59 -24.70 34.55 -12.65
C GLN A 59 -23.96 35.83 -13.01
N TRP A 60 -24.37 36.44 -14.11
CA TRP A 60 -23.79 37.68 -14.58
C TRP A 60 -24.59 38.20 -15.78
N ILE A 61 -24.40 39.47 -16.13
CA ILE A 61 -25.12 39.99 -17.26
C ILE A 61 -24.20 40.61 -18.34
N ASP A 62 -24.59 40.36 -19.60
CA ASP A 62 -23.88 40.83 -20.76
C ASP A 62 -24.91 41.50 -21.64
N VAL A 63 -25.12 42.80 -21.37
CA VAL A 63 -26.06 43.66 -22.08
C VAL A 63 -25.90 43.56 -23.60
N ARG A 64 -24.91 42.79 -24.04
CA ARG A 64 -24.60 42.59 -25.45
C ARG A 64 -25.41 41.40 -25.93
N LEU A 65 -26.00 40.68 -24.99
CA LEU A 65 -26.79 39.51 -25.33
C LEU A 65 -28.29 39.79 -25.39
N ARG A 66 -28.66 41.03 -25.15
CA ARG A 66 -30.07 41.46 -25.24
C ARG A 66 -30.48 41.36 -26.70
N TRP A 67 -31.77 41.09 -26.96
CA TRP A 67 -32.26 40.91 -28.33
C TRP A 67 -33.57 41.60 -28.69
N ASN A 68 -33.98 41.42 -29.95
CA ASN A 68 -35.23 41.98 -30.44
C ASN A 68 -36.02 40.76 -31.03
N PRO A 69 -37.13 41.00 -31.76
CA PRO A 69 -37.93 39.91 -32.33
C PRO A 69 -37.20 38.84 -33.18
N ALA A 70 -35.90 39.01 -33.40
CA ALA A 70 -35.15 38.08 -34.24
C ALA A 70 -34.15 37.21 -33.47
N ASP A 71 -34.36 37.08 -32.17
CA ASP A 71 -33.48 36.28 -31.30
C ASP A 71 -34.27 35.96 -30.05
N TYR A 72 -34.91 36.99 -29.48
CA TYR A 72 -35.73 36.74 -28.30
C TYR A 72 -37.12 36.43 -28.87
N GLY A 73 -37.53 37.14 -29.91
CA GLY A 73 -38.83 36.88 -30.52
C GLY A 73 -38.88 35.47 -31.07
N GLY A 74 -37.72 34.91 -31.40
CA GLY A 74 -37.65 33.57 -31.94
C GLY A 74 -38.13 32.56 -30.92
N ILE A 75 -37.53 32.62 -29.73
CA ILE A 75 -37.92 31.70 -28.64
C ILE A 75 -37.41 32.20 -27.29
N LYS A 76 -38.16 33.13 -26.71
CA LYS A 76 -37.86 33.70 -25.39
C LYS A 76 -36.46 33.40 -24.90
N LYS A 77 -36.38 32.40 -24.05
CA LYS A 77 -35.12 31.98 -23.47
C LYS A 77 -34.56 30.81 -24.28
N ILE A 78 -33.24 30.76 -24.44
CA ILE A 78 -32.63 29.68 -25.19
C ILE A 78 -31.30 29.18 -24.63
N ARG A 79 -30.79 28.12 -25.24
CA ARG A 79 -29.55 27.45 -24.84
C ARG A 79 -28.36 27.76 -25.73
N LEU A 80 -27.39 28.49 -25.19
CA LEU A 80 -26.15 28.87 -25.88
C LEU A 80 -25.02 28.19 -25.11
N PRO A 81 -24.09 27.51 -25.81
CA PRO A 81 -22.99 26.85 -25.10
C PRO A 81 -21.91 27.82 -24.57
N SER A 82 -21.30 27.44 -23.46
CA SER A 82 -20.25 28.25 -22.79
C SER A 82 -19.25 29.01 -23.62
N ASP A 83 -18.27 28.27 -24.14
CA ASP A 83 -17.19 28.79 -24.98
C ASP A 83 -17.17 30.33 -25.08
N ASP A 84 -18.16 30.86 -25.80
CA ASP A 84 -18.34 32.30 -26.01
C ASP A 84 -18.32 33.11 -24.74
N VAL A 85 -18.38 32.45 -23.60
CA VAL A 85 -18.43 33.12 -22.31
C VAL A 85 -17.13 33.26 -21.54
N TRP A 86 -17.02 34.39 -20.84
CA TRP A 86 -15.91 34.72 -19.99
C TRP A 86 -16.15 34.08 -18.62
N LEU A 87 -15.45 32.98 -18.39
CA LEU A 87 -15.51 32.14 -17.21
C LEU A 87 -14.67 32.61 -16.01
N PRO A 88 -15.29 33.05 -14.91
CA PRO A 88 -14.46 33.48 -13.78
C PRO A 88 -13.56 32.34 -13.28
N ASP A 89 -12.29 32.68 -13.12
CA ASP A 89 -11.36 31.70 -12.58
C ASP A 89 -11.65 31.45 -11.11
N LEU A 90 -12.78 30.77 -10.80
CA LEU A 90 -13.22 30.46 -9.43
C LEU A 90 -12.13 29.67 -8.70
N VAL A 91 -11.91 29.91 -7.40
CA VAL A 91 -10.89 29.19 -6.64
C VAL A 91 -11.09 29.17 -5.14
N LEU A 92 -11.03 27.97 -4.55
CA LEU A 92 -11.18 27.80 -3.12
C LEU A 92 -9.82 28.21 -2.51
N TYR A 93 -9.80 29.36 -1.84
CA TYR A 93 -8.58 29.95 -1.24
C TYR A 93 -7.55 28.99 -0.62
N ASN A 94 -7.75 28.59 0.62
CA ASN A 94 -6.84 27.68 1.30
C ASN A 94 -7.11 26.23 0.91
N ASN A 95 -7.99 26.07 -0.08
CA ASN A 95 -8.38 24.77 -0.57
C ASN A 95 -7.93 24.72 -2.04
N ALA A 96 -8.81 24.34 -2.95
CA ALA A 96 -8.45 24.33 -4.38
C ALA A 96 -7.59 23.16 -4.86
N ASP A 97 -7.31 22.19 -3.99
CA ASP A 97 -6.47 21.06 -4.35
C ASP A 97 -6.73 20.41 -5.72
N GLY A 98 -7.89 20.70 -6.33
CA GLY A 98 -8.17 20.10 -7.61
C GLY A 98 -9.01 20.91 -8.57
N ASP A 99 -8.89 20.59 -9.85
CA ASP A 99 -9.65 21.28 -10.88
C ASP A 99 -11.14 21.00 -10.70
N PHE A 100 -11.96 21.96 -11.12
CA PHE A 100 -13.41 21.83 -11.10
C PHE A 100 -13.67 20.70 -12.10
N ALA A 101 -14.48 19.70 -11.72
CA ALA A 101 -14.75 18.61 -12.64
C ALA A 101 -16.16 18.71 -13.25
N ILE A 102 -16.18 18.92 -14.57
CA ILE A 102 -17.36 19.06 -15.44
C ILE A 102 -17.89 20.47 -15.56
N VAL A 103 -16.94 21.39 -15.40
CA VAL A 103 -17.09 22.81 -15.51
C VAL A 103 -17.00 23.16 -17.00
N HIS A 104 -16.11 22.48 -17.67
CA HIS A 104 -15.87 22.71 -19.10
C HIS A 104 -17.01 22.40 -20.06
N MET A 105 -16.88 22.93 -21.27
CA MET A 105 -17.87 22.77 -22.36
C MET A 105 -19.26 22.30 -21.94
N THR A 106 -19.98 23.19 -21.25
CA THR A 106 -21.34 22.89 -20.80
C THR A 106 -22.16 24.02 -21.41
N LYS A 107 -23.44 24.19 -21.05
CA LYS A 107 -24.14 25.28 -21.71
C LYS A 107 -24.75 26.30 -20.77
N LEU A 108 -25.30 27.36 -21.33
CA LEU A 108 -25.90 28.33 -20.44
C LEU A 108 -27.21 28.83 -21.10
N LEU A 109 -27.91 29.69 -20.40
CA LEU A 109 -29.19 30.18 -20.92
C LEU A 109 -29.24 31.70 -20.97
N LEU A 110 -29.68 32.16 -22.09
CA LEU A 110 -29.78 33.60 -22.32
C LEU A 110 -31.25 33.97 -22.37
N ASP A 111 -31.60 35.06 -21.70
CA ASP A 111 -32.99 35.51 -21.65
C ASP A 111 -33.28 36.55 -22.73
N TYR A 112 -34.56 36.81 -22.97
CA TYR A 112 -34.95 37.82 -23.96
C TYR A 112 -34.22 39.15 -23.76
N THR A 113 -33.78 39.37 -22.53
CA THR A 113 -33.06 40.57 -22.07
C THR A 113 -31.55 40.45 -22.10
N GLY A 114 -31.05 39.34 -21.61
CA GLY A 114 -29.62 39.14 -21.56
C GLY A 114 -29.12 38.27 -20.42
N LYS A 115 -29.62 38.51 -19.20
CA LYS A 115 -29.24 37.75 -18.01
C LYS A 115 -28.80 36.30 -18.33
N ILE A 116 -27.59 35.91 -17.92
CA ILE A 116 -27.14 34.52 -18.17
C ILE A 116 -26.82 33.72 -16.92
N MET A 117 -27.09 32.43 -16.96
CA MET A 117 -26.74 31.53 -15.86
C MET A 117 -25.82 30.48 -16.49
N TRP A 118 -24.85 30.03 -15.70
CA TRP A 118 -23.84 28.99 -16.06
C TRP A 118 -23.86 28.17 -14.81
N THR A 119 -24.49 27.00 -14.86
CA THR A 119 -24.56 26.12 -13.70
C THR A 119 -24.19 24.69 -14.01
N PRO A 120 -22.92 24.43 -14.37
CA PRO A 120 -22.47 23.08 -14.71
C PRO A 120 -22.24 22.17 -13.50
N PRO A 121 -22.75 20.93 -13.58
CA PRO A 121 -22.68 19.89 -12.56
C PRO A 121 -21.27 19.50 -12.23
N ALA A 122 -20.76 20.09 -11.18
CA ALA A 122 -19.40 19.83 -10.74
C ALA A 122 -19.37 18.85 -9.55
N ILE A 123 -18.28 18.29 -9.45
CA ILE A 123 -17.67 17.45 -8.44
C ILE A 123 -16.16 17.56 -8.45
N PHE A 124 -15.51 17.90 -7.36
CA PHE A 124 -14.08 18.18 -7.44
C PHE A 124 -13.38 17.71 -6.18
N LYS A 125 -12.08 18.11 -6.16
CA LYS A 125 -11.09 17.78 -5.10
C LYS A 125 -10.89 18.97 -4.18
N SER A 126 -11.17 18.81 -2.88
CA SER A 126 -11.06 19.87 -1.87
C SER A 126 -9.98 19.68 -0.79
N TYR A 127 -9.83 20.74 -0.12
CA TYR A 127 -8.70 20.84 0.82
C TYR A 127 -9.13 21.80 1.96
N CYS A 128 -9.67 21.29 3.08
CA CYS A 128 -10.09 22.15 4.18
C CYS A 128 -9.52 21.75 5.51
N GLU A 129 -9.42 22.73 6.41
CA GLU A 129 -8.89 22.48 7.74
C GLU A 129 -9.57 21.25 8.32
N ILE A 130 -8.85 20.58 9.17
CA ILE A 130 -9.39 19.41 9.86
C ILE A 130 -8.55 19.52 11.11
N ILE A 131 -7.33 19.99 10.87
CA ILE A 131 -6.31 20.13 11.89
C ILE A 131 -6.41 18.93 12.80
N VAL A 132 -5.56 18.86 13.80
CA VAL A 132 -5.64 17.72 14.67
C VAL A 132 -6.82 17.97 15.63
N THR A 133 -7.63 18.99 15.29
CA THR A 133 -8.81 19.40 16.06
C THR A 133 -10.14 19.07 15.34
N HIS A 134 -10.12 18.18 14.35
CA HIS A 134 -11.37 17.87 13.65
C HIS A 134 -12.06 16.63 14.18
N PHE A 135 -11.27 15.62 14.52
CA PHE A 135 -11.80 14.36 15.04
C PHE A 135 -12.29 14.44 16.49
N PRO A 136 -12.07 15.64 17.07
CA PRO A 136 -12.56 15.82 18.40
C PRO A 136 -14.06 15.57 18.50
N PHE A 137 -14.52 15.49 19.74
CA PHE A 137 -15.93 15.32 20.06
C PHE A 137 -16.50 16.73 20.00
N ASP A 138 -15.56 17.67 20.06
CA ASP A 138 -15.79 19.11 20.07
C ASP A 138 -15.49 19.76 18.73
N GLN A 139 -15.24 18.92 17.73
CA GLN A 139 -14.97 19.35 16.36
C GLN A 139 -14.12 20.62 16.17
N GLN A 140 -13.97 20.97 14.95
CA GLN A 140 -13.32 22.15 14.41
C GLN A 140 -14.11 22.72 13.22
N ASN A 141 -14.18 23.95 12.98
CA ASN A 141 -14.91 24.47 11.82
C ASN A 141 -14.09 24.66 10.54
N CYS A 142 -14.18 23.68 9.62
CA CYS A 142 -13.45 23.70 8.33
C CYS A 142 -13.66 25.06 7.67
N THR A 143 -12.64 25.91 7.72
CA THR A 143 -12.68 27.25 7.14
C THR A 143 -12.41 27.14 5.63
N MET A 144 -13.49 27.36 4.82
CA MET A 144 -13.29 27.29 3.38
C MET A 144 -13.78 28.55 2.61
N LYS A 145 -12.79 29.30 2.12
CA LYS A 145 -13.02 30.55 1.36
C LYS A 145 -13.08 30.35 -0.15
N LEU A 146 -14.05 31.01 -0.77
CA LEU A 146 -14.22 30.91 -2.22
C LEU A 146 -14.39 32.27 -2.85
N GLY A 147 -13.77 32.45 -4.01
CA GLY A 147 -13.90 33.70 -4.71
C GLY A 147 -13.01 33.82 -5.93
N ILE A 148 -13.35 34.83 -6.72
CA ILE A 148 -12.67 35.21 -7.94
C ILE A 148 -11.15 34.92 -7.75
N TRP A 149 -10.47 34.27 -8.70
CA TRP A 149 -9.03 33.98 -8.53
C TRP A 149 -8.10 35.08 -9.09
N THR A 150 -7.97 35.29 -10.39
CA THR A 150 -7.04 36.34 -10.83
C THR A 150 -7.59 37.75 -11.15
N TYR A 151 -8.83 38.05 -10.75
CA TYR A 151 -9.35 39.39 -11.01
C TYR A 151 -9.78 40.14 -9.74
N ASP A 152 -9.48 41.44 -9.70
CA ASP A 152 -9.75 42.31 -8.58
C ASP A 152 -11.15 42.94 -8.59
N GLY A 153 -11.54 43.47 -7.44
CA GLY A 153 -12.83 44.11 -7.32
C GLY A 153 -12.99 45.28 -8.27
N THR A 154 -11.94 45.63 -9.00
CA THR A 154 -12.05 46.73 -9.94
C THR A 154 -12.35 46.19 -11.34
N LYS A 155 -11.88 44.97 -11.60
CA LYS A 155 -12.12 44.28 -12.88
C LYS A 155 -13.33 43.39 -12.66
N VAL A 156 -13.35 42.70 -11.53
CA VAL A 156 -14.54 41.89 -11.24
C VAL A 156 -14.79 41.55 -9.78
N SER A 157 -16.00 41.08 -9.52
CA SER A 157 -16.41 40.76 -8.16
C SER A 157 -17.40 39.61 -8.02
N ILE A 158 -16.95 38.64 -7.24
CA ILE A 158 -17.69 37.41 -6.94
C ILE A 158 -18.55 37.68 -5.70
N SER A 159 -19.87 37.47 -5.77
CA SER A 159 -20.73 37.73 -4.59
C SER A 159 -21.50 36.48 -4.20
N PRO A 160 -22.04 36.44 -2.97
CA PRO A 160 -22.78 35.23 -2.59
C PRO A 160 -24.21 35.16 -3.09
N GLU A 161 -24.88 34.06 -2.78
CA GLU A 161 -26.24 33.91 -3.24
C GLU A 161 -27.24 33.50 -2.15
N SER A 162 -26.86 32.63 -1.20
CA SER A 162 -27.79 32.27 -0.13
C SER A 162 -27.23 31.36 1.00
N ASP A 163 -28.01 31.20 2.06
CA ASP A 163 -27.70 30.33 3.17
C ASP A 163 -28.30 28.97 2.94
N ARG A 164 -27.56 28.05 3.36
CA ARG A 164 -27.88 26.61 3.20
C ARG A 164 -26.91 25.76 4.02
N PRO A 165 -27.42 24.67 4.64
CA PRO A 165 -26.60 23.75 5.45
C PRO A 165 -25.62 22.89 4.64
N ASP A 166 -24.61 22.37 5.33
CA ASP A 166 -23.64 21.49 4.70
C ASP A 166 -24.13 20.08 4.94
N LEU A 167 -24.97 19.92 5.97
CA LEU A 167 -25.51 18.60 6.29
C LEU A 167 -26.78 18.44 5.46
N SER A 168 -27.04 19.41 4.58
CA SER A 168 -28.16 19.38 3.68
C SER A 168 -27.94 18.18 2.73
N THR A 169 -26.68 17.95 2.38
CA THR A 169 -26.31 16.83 1.51
C THR A 169 -25.06 16.18 2.06
N PHE A 170 -24.95 16.20 3.38
CA PHE A 170 -23.80 15.59 4.06
C PHE A 170 -23.86 14.09 3.82
N MET A 171 -22.69 13.49 3.61
CA MET A 171 -22.59 12.04 3.39
C MET A 171 -22.91 11.24 4.63
N GLU A 172 -23.90 10.36 4.47
CA GLU A 172 -24.28 9.48 5.57
C GLU A 172 -23.28 8.35 5.75
N SER A 173 -22.33 8.26 4.78
CA SER A 173 -21.28 7.24 4.80
C SER A 173 -20.00 7.81 5.45
N GLY A 174 -20.10 9.05 5.91
CA GLY A 174 -18.97 9.70 6.56
C GLY A 174 -18.71 9.15 7.95
N GLU A 175 -17.52 9.06 8.45
CA GLU A 175 -17.09 8.59 9.76
C GLU A 175 -17.16 9.74 10.76
N TRP A 176 -17.86 10.78 10.27
CA TRP A 176 -18.04 12.02 11.04
C TRP A 176 -19.51 12.43 11.00
N VAL A 177 -19.85 13.42 11.83
CA VAL A 177 -21.22 13.90 11.90
C VAL A 177 -21.20 15.42 12.10
N MET A 178 -22.16 16.13 11.46
CA MET A 178 -22.30 17.57 11.34
C MET A 178 -22.98 18.17 12.56
N LYS A 179 -22.58 19.45 12.86
CA LYS A 179 -23.20 20.27 13.90
C LYS A 179 -24.02 21.40 13.27
N ASP A 180 -23.39 22.10 12.32
CA ASP A 180 -23.96 23.18 11.55
C ASP A 180 -22.94 23.74 10.57
N TYR A 181 -23.41 24.47 9.56
CA TYR A 181 -22.46 25.17 8.70
C TYR A 181 -23.08 26.43 8.13
N ARG A 182 -22.33 27.51 8.22
CA ARG A 182 -22.81 28.79 7.74
C ARG A 182 -21.82 29.46 6.81
N GLY A 183 -22.31 30.36 5.99
CA GLY A 183 -21.43 31.04 5.07
C GLY A 183 -21.82 32.48 4.88
N TRP A 184 -20.91 33.39 5.19
CA TRP A 184 -21.26 34.81 5.00
C TRP A 184 -20.22 35.46 4.08
N LYS A 185 -20.63 36.55 3.45
CA LYS A 185 -19.79 37.27 2.50
C LYS A 185 -18.74 38.20 3.08
N HIS A 186 -17.82 38.61 2.21
CA HIS A 186 -16.74 39.52 2.61
C HIS A 186 -15.96 39.96 1.38
N TRP A 187 -15.46 41.13 1.50
CA TRP A 187 -14.61 41.87 0.58
C TRP A 187 -13.22 42.08 1.17
N VAL A 188 -12.19 41.56 0.59
CA VAL A 188 -10.86 41.66 1.20
C VAL A 188 -9.95 42.74 0.64
N TYR A 189 -9.81 43.87 1.34
CA TYR A 189 -8.93 44.92 0.87
C TYR A 189 -7.64 44.72 1.73
N TYR A 190 -6.43 44.79 1.14
CA TYR A 190 -5.22 44.58 1.94
C TYR A 190 -4.43 45.84 2.29
N THR A 191 -3.99 45.93 3.54
CA THR A 191 -3.21 47.10 3.96
C THR A 191 -2.01 47.26 3.02
N CYS A 192 -1.75 46.21 2.23
CA CYS A 192 -0.66 46.21 1.25
C CYS A 192 -0.80 47.40 0.35
N CYS A 193 -1.84 47.26 -0.45
CA CYS A 193 -2.23 48.16 -1.49
C CYS A 193 -3.46 48.93 -1.07
N PRO A 194 -3.56 50.19 -1.50
CA PRO A 194 -4.71 51.08 -1.18
C PRO A 194 -5.94 50.70 -2.03
N ASP A 195 -5.78 49.68 -2.87
CA ASP A 195 -6.82 49.21 -3.78
C ASP A 195 -7.89 48.35 -3.12
N THR A 196 -9.02 48.18 -3.85
CA THR A 196 -10.17 47.40 -3.40
C THR A 196 -10.16 46.01 -4.10
N PRO A 197 -9.68 44.96 -3.38
CA PRO A 197 -9.55 43.56 -3.80
C PRO A 197 -10.77 42.64 -3.85
N TYR A 198 -10.60 41.50 -4.52
CA TYR A 198 -11.63 40.48 -4.72
C TYR A 198 -12.61 40.23 -3.57
N LEU A 199 -13.74 39.64 -3.92
CA LEU A 199 -14.78 39.29 -2.95
C LEU A 199 -14.69 37.78 -2.70
N ASP A 200 -15.28 37.32 -1.60
CA ASP A 200 -15.18 35.91 -1.24
C ASP A 200 -16.30 35.27 -0.42
N ILE A 201 -16.57 33.99 -0.67
CA ILE A 201 -17.59 33.22 0.06
C ILE A 201 -16.81 32.34 1.06
N THR A 202 -17.03 32.55 2.34
CA THR A 202 -16.35 31.75 3.37
C THR A 202 -17.26 30.69 3.99
N TYR A 203 -16.93 29.42 3.75
CA TYR A 203 -17.66 28.27 4.29
C TYR A 203 -17.11 27.96 5.68
N HIS A 204 -17.97 27.46 6.56
CA HIS A 204 -17.55 27.05 7.87
C HIS A 204 -18.24 25.73 8.09
N PHE A 205 -17.42 24.67 8.21
CA PHE A 205 -17.91 23.31 8.43
C PHE A 205 -17.73 22.98 9.90
N ILE A 206 -18.77 22.97 10.60
CA ILE A 206 -18.70 22.55 12.00
C ILE A 206 -19.23 21.12 12.18
N MET A 207 -18.29 20.12 12.19
CA MET A 207 -18.71 18.76 12.46
C MET A 207 -17.71 18.04 13.36
N GLN A 208 -18.38 17.15 14.20
CA GLN A 208 -17.70 16.28 15.19
C GLN A 208 -17.67 14.82 14.65
N ARG A 209 -16.54 14.12 14.91
CA ARG A 209 -16.25 12.77 14.32
C ARG A 209 -16.54 11.55 15.17
N ILE A 210 -15.79 10.43 14.83
CA ILE A 210 -15.64 9.14 15.50
C ILE A 210 -16.91 8.30 15.31
N PRO A 211 -16.90 7.32 14.36
CA PRO A 211 -17.97 6.29 14.28
C PRO A 211 -17.75 5.32 15.54
N LEU A 212 -18.90 5.02 16.21
CA LEU A 212 -18.95 4.22 17.43
C LEU A 212 -18.44 2.79 17.50
N TYR A 213 -18.17 2.13 16.37
CA TYR A 213 -17.69 0.73 16.43
C TYR A 213 -16.38 0.72 17.25
N PHE A 214 -15.48 1.62 16.88
CA PHE A 214 -14.20 1.77 17.54
C PHE A 214 -14.37 1.74 19.06
N VAL A 215 -15.28 2.57 19.53
CA VAL A 215 -15.65 2.76 20.91
C VAL A 215 -15.70 1.40 21.65
N VAL A 216 -16.56 0.51 21.19
CA VAL A 216 -16.72 -0.77 21.87
C VAL A 216 -15.51 -1.69 21.93
N ASN A 217 -14.91 -2.06 20.80
CA ASN A 217 -13.73 -2.92 20.83
C ASN A 217 -12.67 -2.49 21.84
N VAL A 218 -12.24 -1.24 21.77
CA VAL A 218 -11.19 -0.77 22.68
C VAL A 218 -11.50 -0.69 24.17
N ILE A 219 -12.62 -0.07 24.57
CA ILE A 219 -12.81 -0.02 26.02
C ILE A 219 -13.12 -1.37 26.64
N ILE A 220 -13.56 -2.36 25.86
CA ILE A 220 -13.86 -3.61 26.54
C ILE A 220 -12.63 -4.49 26.86
N PRO A 221 -11.54 -4.49 26.02
CA PRO A 221 -10.41 -5.33 26.43
C PRO A 221 -9.77 -4.61 27.62
N CYS A 222 -10.15 -3.35 27.82
CA CYS A 222 -9.60 -2.61 28.91
C CYS A 222 -10.27 -3.10 30.17
N LEU A 223 -11.60 -3.17 30.18
CA LEU A 223 -12.24 -3.70 31.37
C LEU A 223 -11.86 -5.18 31.40
N LEU A 224 -11.52 -5.73 30.24
CA LEU A 224 -11.02 -7.14 30.12
C LEU A 224 -9.80 -7.24 30.95
N PHE A 225 -8.81 -6.48 30.49
CA PHE A 225 -7.49 -6.42 31.10
C PHE A 225 -7.74 -6.00 32.54
N SER A 226 -8.74 -5.14 32.73
CA SER A 226 -9.09 -4.68 34.04
C SER A 226 -9.29 -5.94 34.90
N PHE A 227 -10.12 -6.87 34.42
CA PHE A 227 -10.35 -8.08 35.23
C PHE A 227 -9.13 -8.95 35.39
N LEU A 228 -8.30 -9.08 34.34
CA LEU A 228 -7.09 -9.92 34.50
C LEU A 228 -6.16 -9.22 35.49
N THR A 229 -6.07 -7.89 35.40
CA THR A 229 -5.21 -7.19 36.31
C THR A 229 -6.02 -7.23 37.63
N VAL A 230 -7.35 -7.22 37.50
CA VAL A 230 -8.28 -7.32 38.63
C VAL A 230 -7.95 -8.66 39.27
N LEU A 231 -7.69 -9.63 38.40
CA LEU A 231 -7.32 -10.96 38.84
C LEU A 231 -5.88 -10.82 39.27
N VAL A 232 -5.16 -9.95 38.59
CA VAL A 232 -3.75 -9.69 38.93
C VAL A 232 -3.72 -9.29 40.40
N PHE A 233 -4.84 -8.75 40.90
CA PHE A 233 -4.88 -8.34 42.29
C PHE A 233 -5.45 -9.52 43.09
N TYR A 234 -6.65 -9.98 42.71
CA TYR A 234 -7.30 -11.07 43.44
C TYR A 234 -6.67 -12.46 43.35
N LEU A 235 -5.98 -12.75 42.24
CA LEU A 235 -5.34 -14.04 42.04
C LEU A 235 -4.27 -14.33 43.10
N PRO A 236 -3.42 -13.34 43.39
CA PRO A 236 -2.32 -13.37 44.36
C PRO A 236 -2.77 -13.47 45.82
N THR A 237 -3.73 -12.60 46.18
CA THR A 237 -4.19 -12.61 47.57
C THR A 237 -5.05 -13.81 47.90
N ASP A 238 -5.68 -14.40 46.90
CA ASP A 238 -6.53 -15.54 47.12
C ASP A 238 -5.73 -16.81 46.70
N SER A 239 -4.61 -16.60 45.99
CA SER A 239 -3.71 -17.70 45.56
C SER A 239 -2.39 -17.23 44.98
N GLY A 240 -1.38 -17.31 45.82
CA GLY A 240 -0.05 -16.92 45.40
C GLY A 240 0.68 -18.07 44.74
N GLU A 241 -0.03 -19.18 44.46
CA GLU A 241 0.55 -20.38 43.86
C GLU A 241 0.85 -20.17 42.39
N LYS A 242 0.23 -19.21 41.75
CA LYS A 242 0.48 -19.05 40.33
C LYS A 242 0.93 -17.65 39.99
N MET A 243 1.84 -17.16 40.82
CA MET A 243 2.44 -15.84 40.68
C MET A 243 3.14 -15.80 39.32
N THR A 244 4.02 -16.76 39.09
CA THR A 244 4.74 -16.84 37.84
C THR A 244 3.70 -17.08 36.77
N LEU A 245 2.73 -17.93 37.04
CA LEU A 245 1.67 -18.20 36.06
C LEU A 245 1.16 -16.87 35.52
N SER A 246 0.99 -15.92 36.43
CA SER A 246 0.53 -14.62 36.01
C SER A 246 1.69 -13.89 35.31
N ILE A 247 2.93 -14.28 35.62
CA ILE A 247 4.12 -13.69 34.97
C ILE A 247 3.78 -13.77 33.50
N SER A 248 3.28 -14.94 33.15
CA SER A 248 2.87 -15.15 31.77
C SER A 248 1.93 -14.05 31.30
N VAL A 249 0.86 -13.90 32.07
CA VAL A 249 -0.15 -12.92 31.61
C VAL A 249 0.41 -11.55 31.46
N LEU A 250 1.22 -11.16 32.40
CA LEU A 250 1.77 -9.84 32.31
C LEU A 250 2.45 -9.72 30.97
N LEU A 251 3.10 -10.80 30.51
CA LEU A 251 3.74 -10.75 29.19
C LEU A 251 2.71 -10.74 28.06
N SER A 252 1.82 -11.72 28.10
CA SER A 252 0.76 -11.76 27.10
C SER A 252 -0.07 -10.46 27.07
N LEU A 253 -0.29 -9.81 28.21
CA LEU A 253 -1.17 -8.64 28.11
C LEU A 253 -0.56 -7.29 27.74
N THR A 254 0.62 -6.94 28.26
CA THR A 254 1.15 -5.67 27.82
C THR A 254 1.46 -5.82 26.35
N VAL A 255 1.82 -7.03 25.92
CA VAL A 255 2.11 -7.19 24.51
C VAL A 255 0.76 -7.01 23.80
N PHE A 256 -0.33 -7.53 24.38
CA PHE A 256 -1.64 -7.26 23.78
C PHE A 256 -1.84 -5.77 23.68
N LEU A 257 -1.45 -5.04 24.73
CA LEU A 257 -1.58 -3.59 24.74
C LEU A 257 -0.61 -2.95 23.75
N LEU A 258 0.51 -3.62 23.53
CA LEU A 258 1.52 -3.11 22.62
C LEU A 258 1.01 -3.21 21.20
N VAL A 259 0.48 -4.38 20.86
CA VAL A 259 -0.01 -4.60 19.51
C VAL A 259 -1.29 -3.79 19.26
N ILE A 260 -2.04 -3.45 20.30
CA ILE A 260 -3.26 -2.65 20.11
C ILE A 260 -2.78 -1.26 19.70
N VAL A 261 -1.57 -0.91 20.15
CA VAL A 261 -0.92 0.36 19.85
C VAL A 261 -0.56 0.57 18.40
N GLU A 262 -0.25 -0.51 17.69
CA GLU A 262 0.06 -0.44 16.26
C GLU A 262 -1.18 -0.10 15.45
N LEU A 263 -2.19 -0.78 15.95
CA LEU A 263 -3.51 -0.71 15.34
C LEU A 263 -4.21 0.63 15.47
N ILE A 264 -4.23 1.20 16.67
CA ILE A 264 -4.89 2.48 16.90
C ILE A 264 -4.09 3.76 16.60
N PRO A 265 -2.76 3.67 16.36
CA PRO A 265 -2.00 4.88 16.07
C PRO A 265 -2.08 5.03 14.58
N SER A 266 -2.20 3.90 13.90
CA SER A 266 -2.35 3.92 12.46
C SER A 266 -3.75 4.49 12.31
N THR A 267 -4.63 4.19 13.29
CA THR A 267 -5.98 4.76 13.30
C THR A 267 -5.68 6.24 13.46
N SER A 268 -4.82 6.51 14.45
CA SER A 268 -4.36 7.86 14.78
C SER A 268 -3.83 8.54 13.53
N SER A 269 -3.07 7.78 12.75
CA SER A 269 -2.47 8.26 11.52
C SER A 269 -3.46 8.19 10.36
N ALA A 270 -4.50 7.39 10.60
CA ALA A 270 -5.65 7.15 9.64
C ALA A 270 -6.66 8.24 9.75
N VAL A 271 -6.77 8.76 10.97
CA VAL A 271 -7.69 9.82 11.28
C VAL A 271 -7.08 10.72 12.33
N PRO A 272 -7.06 12.01 12.04
CA PRO A 272 -6.49 13.02 12.94
C PRO A 272 -7.37 13.38 14.11
N LEU A 273 -7.03 12.84 15.28
CA LEU A 273 -7.79 13.10 16.50
C LEU A 273 -6.95 14.01 17.39
N ILE A 274 -7.58 15.01 17.99
CA ILE A 274 -6.81 15.91 18.84
C ILE A 274 -6.00 15.14 19.88
N GLY A 275 -4.69 15.29 19.77
CA GLY A 275 -3.74 14.62 20.65
C GLY A 275 -4.14 14.52 22.10
N LYS A 276 -4.83 15.52 22.63
CA LYS A 276 -5.25 15.48 24.02
C LYS A 276 -6.13 14.26 24.28
N TYR A 277 -6.48 13.56 23.18
CA TYR A 277 -7.29 12.34 23.22
C TYR A 277 -6.30 11.24 23.65
N MET A 278 -5.11 11.33 23.09
CA MET A 278 -4.01 10.39 23.31
C MET A 278 -3.67 10.26 24.80
N LEU A 279 -3.62 11.38 25.52
CA LEU A 279 -3.28 11.28 26.93
C LEU A 279 -4.24 10.36 27.67
N PHE A 280 -5.49 10.25 27.20
CA PHE A 280 -6.45 9.34 27.87
C PHE A 280 -5.69 8.03 27.96
N THR A 281 -5.39 7.47 26.80
CA THR A 281 -4.66 6.20 26.73
C THR A 281 -3.35 6.32 27.50
N MET A 282 -2.65 7.45 27.30
CA MET A 282 -1.36 7.68 27.96
C MET A 282 -1.42 7.20 29.41
N ILE A 283 -1.83 8.02 30.35
CA ILE A 283 -1.87 7.59 31.76
C ILE A 283 -2.65 6.27 31.99
N PHE A 284 -3.82 6.13 31.36
CA PHE A 284 -4.63 4.90 31.50
C PHE A 284 -3.80 3.66 31.28
N VAL A 285 -3.34 3.51 30.05
CA VAL A 285 -2.49 2.41 29.59
C VAL A 285 -1.21 2.34 30.44
N ILE A 286 -0.65 3.51 30.69
CA ILE A 286 0.60 3.51 31.41
C ILE A 286 0.42 3.18 32.90
N SER A 287 -0.78 3.36 33.46
CA SER A 287 -0.96 2.95 34.85
C SER A 287 -1.00 1.42 34.87
N SER A 288 -1.49 0.83 33.78
CA SER A 288 -1.54 -0.61 33.67
C SER A 288 -0.10 -0.97 33.86
N ILE A 289 0.73 -0.03 33.39
CA ILE A 289 2.16 -0.10 33.41
C ILE A 289 2.75 0.17 34.82
N ILE A 290 2.52 1.36 35.37
CA ILE A 290 3.08 1.64 36.70
C ILE A 290 2.50 0.70 37.75
N VAL A 291 1.20 0.41 37.68
CA VAL A 291 0.55 -0.47 38.64
C VAL A 291 1.22 -1.85 38.56
N THR A 292 1.24 -2.48 37.37
CA THR A 292 1.91 -3.78 37.21
C THR A 292 3.23 -3.79 37.92
N VAL A 293 4.20 -3.16 37.28
CA VAL A 293 5.55 -3.04 37.77
C VAL A 293 5.52 -2.98 39.33
N VAL A 294 4.67 -2.15 39.92
CA VAL A 294 4.64 -2.16 41.41
C VAL A 294 3.88 -3.37 41.92
N VAL A 295 2.63 -3.50 41.48
CA VAL A 295 1.77 -4.64 41.85
C VAL A 295 2.57 -5.93 41.72
N ILE A 296 3.15 -6.16 40.55
CA ILE A 296 3.89 -7.41 40.39
C ILE A 296 5.29 -7.42 41.00
N ASN A 297 5.90 -6.26 41.21
CA ASN A 297 7.21 -6.25 41.86
C ASN A 297 6.84 -6.57 43.30
N THR A 298 5.71 -6.01 43.74
CA THR A 298 5.23 -6.24 45.11
C THR A 298 4.69 -7.64 45.18
N HIS A 299 4.01 -8.05 44.11
CA HIS A 299 3.45 -9.37 43.92
C HIS A 299 4.66 -10.20 44.38
N HIS A 300 5.79 -9.84 43.77
CA HIS A 300 7.12 -10.42 43.97
C HIS A 300 7.79 -10.12 45.33
N ARG A 301 7.56 -8.92 45.82
CA ARG A 301 8.09 -8.38 47.10
C ARG A 301 8.37 -9.21 48.37
N SER A 302 8.43 -10.54 48.35
CA SER A 302 8.70 -11.27 49.59
C SER A 302 9.95 -12.10 49.55
N PRO A 303 10.79 -11.99 50.61
CA PRO A 303 12.04 -12.72 50.74
C PRO A 303 12.22 -14.03 49.93
N SER A 304 11.43 -15.06 50.26
CA SER A 304 11.51 -16.36 49.56
C SER A 304 10.23 -16.86 48.93
N THR A 305 9.12 -16.30 49.39
CA THR A 305 7.77 -16.72 48.93
C THR A 305 7.29 -16.15 47.60
N HIS A 306 7.80 -14.97 47.24
CA HIS A 306 7.44 -14.24 45.99
C HIS A 306 6.69 -12.96 46.28
N SER A 307 15.63 -41.66 79.03
CA SER A 307 16.76 -40.79 79.36
C SER A 307 17.56 -40.42 78.12
N ALA A 308 18.64 -41.13 77.79
CA ALA A 308 19.38 -40.75 76.60
C ALA A 308 18.59 -41.07 75.34
N ILE A 309 17.86 -42.19 75.37
CA ILE A 309 17.05 -42.59 74.24
C ILE A 309 16.00 -41.48 74.03
N GLU A 310 15.52 -40.93 75.14
CA GLU A 310 14.51 -39.85 75.08
C GLU A 310 15.12 -38.62 74.45
N GLY A 311 16.37 -38.34 74.84
CA GLY A 311 17.05 -37.17 74.32
C GLY A 311 17.17 -37.27 72.81
N VAL A 312 17.43 -38.49 72.33
CA VAL A 312 17.57 -38.79 70.90
C VAL A 312 16.36 -38.17 70.25
N LYS A 313 15.23 -38.49 70.88
CA LYS A 313 13.93 -38.05 70.44
C LYS A 313 13.84 -36.53 70.52
N TYR A 314 14.59 -35.93 71.44
CA TYR A 314 14.50 -34.49 71.53
C TYR A 314 15.53 -33.78 70.65
N ILE A 315 16.63 -34.47 70.30
CA ILE A 315 17.63 -33.90 69.38
C ILE A 315 16.99 -34.02 68.00
N ALA A 316 16.17 -35.05 67.84
CA ALA A 316 15.49 -35.32 66.57
C ALA A 316 14.26 -34.44 66.46
N GLU A 317 13.54 -34.33 67.57
CA GLU A 317 12.33 -33.53 67.64
C GLU A 317 12.70 -32.05 67.53
N HIS A 318 13.87 -31.72 68.06
CA HIS A 318 14.39 -30.37 68.05
C HIS A 318 14.71 -29.98 66.60
N MET A 319 15.08 -30.98 65.78
CA MET A 319 15.42 -30.78 64.37
C MET A 319 14.18 -30.42 63.56
N LYS A 320 13.09 -31.10 63.86
CA LYS A 320 11.82 -30.90 63.18
C LYS A 320 11.20 -29.55 63.57
N SER A 321 11.44 -29.14 64.81
CA SER A 321 10.92 -27.89 65.30
C SER A 321 11.59 -26.65 64.76
N ASP A 322 12.91 -26.62 64.65
CA ASP A 322 13.40 -25.36 64.15
C ASP A 322 13.22 -25.23 62.64
N GLU A 323 13.12 -26.36 61.93
CA GLU A 323 12.71 -26.23 60.54
C GLU A 323 11.22 -25.89 60.44
N GLU A 324 10.57 -26.21 61.61
CA GLU A 324 9.14 -25.93 61.79
C GLU A 324 9.10 -24.41 61.66
N SER A 325 9.94 -23.77 62.47
CA SER A 325 10.16 -22.33 62.53
C SER A 325 10.32 -21.79 61.11
N SER A 326 11.33 -22.34 60.47
CA SER A 326 11.75 -21.94 59.13
C SER A 326 10.56 -21.86 58.18
N ASN A 327 9.74 -22.90 58.16
CA ASN A 327 8.57 -22.91 57.27
C ASN A 327 7.73 -21.67 57.45
N ALA A 328 7.45 -21.34 58.71
CA ALA A 328 6.63 -20.20 59.09
C ALA A 328 7.30 -18.90 58.66
N ALA A 329 8.62 -18.88 58.63
CA ALA A 329 9.36 -17.69 58.24
C ALA A 329 9.00 -17.27 56.83
N GLU A 330 9.25 -18.14 55.86
CA GLU A 330 8.94 -17.78 54.48
C GLU A 330 7.46 -17.44 54.31
N GLU A 331 6.59 -18.05 55.12
CA GLU A 331 5.17 -17.73 55.03
C GLU A 331 5.02 -16.36 55.71
N TRP A 332 5.89 -16.07 56.68
CA TRP A 332 5.85 -14.78 57.34
C TRP A 332 6.31 -13.77 56.30
N LYS A 333 6.65 -14.29 55.13
CA LYS A 333 7.12 -13.50 53.99
C LYS A 333 5.96 -13.09 53.08
N TYR A 334 5.23 -14.08 52.56
CA TYR A 334 4.05 -13.80 51.70
C TYR A 334 2.84 -13.80 52.58
N VAL A 335 2.47 -12.63 53.08
CA VAL A 335 1.31 -12.48 53.93
C VAL A 335 0.11 -12.28 53.00
N ALA A 336 -1.09 -12.47 53.53
CA ALA A 336 -2.32 -12.31 52.77
C ALA A 336 -3.09 -11.12 53.31
N MET A 337 -2.48 -10.38 54.24
CA MET A 337 -3.12 -9.24 54.87
C MET A 337 -3.04 -7.96 54.04
N VAL A 338 -1.89 -7.69 53.43
CA VAL A 338 -1.82 -6.46 52.62
C VAL A 338 -2.07 -6.69 51.15
N ILE A 339 -2.09 -7.95 50.70
CA ILE A 339 -2.33 -8.15 49.29
C ILE A 339 -3.79 -7.73 49.15
N ASP A 340 -4.50 -7.72 50.29
CA ASP A 340 -5.86 -7.29 50.33
C ASP A 340 -5.86 -5.77 50.27
N HIS A 341 -4.86 -5.16 50.91
CA HIS A 341 -4.71 -3.70 50.91
C HIS A 341 -4.53 -3.25 49.45
N ILE A 342 -3.58 -3.84 48.73
CA ILE A 342 -3.31 -3.46 47.34
C ILE A 342 -4.56 -3.67 46.49
N LEU A 343 -5.36 -4.66 46.90
CA LEU A 343 -6.59 -5.01 46.22
C LEU A 343 -7.54 -3.83 46.25
N LEU A 344 -7.83 -3.33 47.46
CA LEU A 344 -8.71 -2.16 47.61
C LEU A 344 -7.87 -0.90 47.40
N CYS A 345 -6.57 -0.98 47.67
CA CYS A 345 -5.65 0.17 47.52
C CYS A 345 -5.85 0.71 46.11
N VAL A 346 -5.60 -0.16 45.13
CA VAL A 346 -5.69 0.17 43.74
C VAL A 346 -7.07 0.05 43.09
N PHE A 347 -7.90 -0.88 43.55
CA PHE A 347 -9.22 -1.03 42.92
C PHE A 347 -9.99 0.31 43.06
N MET A 348 -9.73 1.02 44.16
CA MET A 348 -10.31 2.35 44.42
C MET A 348 -9.53 3.28 43.49
N LEU A 349 -8.25 2.93 43.31
CA LEU A 349 -7.36 3.65 42.40
C LEU A 349 -7.87 3.56 40.97
N ILE A 350 -8.26 2.32 40.67
CA ILE A 350 -8.77 1.99 39.34
C ILE A 350 -10.17 2.57 39.24
N CYS A 351 -10.90 2.54 40.34
CA CYS A 351 -12.23 3.10 40.32
C CYS A 351 -12.08 4.62 40.38
N ILE A 352 -10.89 5.09 40.77
CA ILE A 352 -10.60 6.51 40.79
C ILE A 352 -10.07 6.79 39.37
N ILE A 353 -8.83 6.34 39.06
CA ILE A 353 -8.32 6.53 37.70
C ILE A 353 -9.40 6.23 36.66
N GLY A 354 -10.02 5.05 36.82
CA GLY A 354 -11.09 4.66 35.94
C GLY A 354 -12.20 5.69 35.88
N THR A 355 -12.74 6.05 37.04
CA THR A 355 -13.79 7.03 37.11
C THR A 355 -13.22 8.41 36.75
N VAL A 356 -11.89 8.54 36.79
CA VAL A 356 -11.25 9.80 36.43
C VAL A 356 -11.06 9.82 34.92
N SER A 357 -10.86 8.63 34.39
CA SER A 357 -10.78 8.45 32.95
C SER A 357 -12.14 8.64 32.28
N VAL A 358 -13.12 8.26 33.14
CA VAL A 358 -14.49 8.37 32.74
C VAL A 358 -14.81 9.86 32.91
N PHE A 359 -14.17 10.51 33.88
CA PHE A 359 -14.32 11.94 34.16
C PHE A 359 -14.31 12.73 32.86
N ALA A 360 -13.11 13.05 32.38
CA ALA A 360 -13.01 13.85 31.15
C ALA A 360 -13.74 13.18 30.00
N GLY A 361 -13.89 11.86 30.08
CA GLY A 361 -14.62 11.17 29.05
C GLY A 361 -16.03 11.74 29.11
N ARG A 362 -16.67 11.55 30.26
CA ARG A 362 -18.01 12.02 30.55
C ARG A 362 -18.16 13.55 30.38
N LEU A 363 -17.22 14.28 30.95
CA LEU A 363 -17.25 15.74 30.90
C LEU A 363 -17.40 16.29 29.51
N ILE A 364 -16.40 16.14 28.65
CA ILE A 364 -16.62 16.75 27.35
C ILE A 364 -17.65 15.96 26.54
N GLU A 365 -18.21 14.92 27.15
CA GLU A 365 -19.26 14.22 26.47
C GLU A 365 -20.51 14.96 26.96
N LEU A 366 -20.31 15.81 27.98
CA LEU A 366 -21.39 16.65 28.51
C LEU A 366 -21.40 17.91 27.64
N SER A 367 -20.34 18.09 26.87
CA SER A 367 -20.19 19.25 25.98
C SER A 367 -20.52 18.84 24.55
N GLN A 368 -19.97 17.71 24.12
CA GLN A 368 -20.20 17.21 22.78
C GLN A 368 -21.63 16.83 22.54
N GLU A 369 -22.14 15.96 23.41
CA GLU A 369 -23.51 15.48 23.26
C GLU A 369 -24.49 16.65 23.14
N GLY A 370 -24.08 17.84 23.59
CA GLY A 370 -24.94 19.00 23.52
C GLY A 370 -24.93 19.75 22.18
N SER B 1 -21.93 10.36 -61.13
CA SER B 1 -21.97 11.77 -61.66
C SER B 1 -23.25 12.48 -61.29
N VAL B 2 -24.36 11.78 -61.48
CA VAL B 2 -25.69 12.34 -61.22
C VAL B 2 -25.68 13.28 -60.02
N MET B 3 -25.31 14.51 -60.33
CA MET B 3 -25.20 15.61 -59.38
C MET B 3 -24.42 15.20 -58.13
N GLU B 4 -23.57 14.19 -58.29
CA GLU B 4 -22.73 13.71 -57.20
C GLU B 4 -21.95 14.85 -56.58
N ASP B 5 -20.98 15.42 -57.30
CA ASP B 5 -20.21 16.55 -56.75
C ASP B 5 -21.20 17.52 -56.12
N THR B 6 -22.31 17.72 -56.82
CA THR B 6 -23.38 18.63 -56.39
C THR B 6 -23.92 18.22 -55.03
N LEU B 7 -24.55 17.06 -54.99
CA LEU B 7 -25.10 16.53 -53.72
C LEU B 7 -24.01 16.68 -52.68
N LEU B 8 -23.01 15.84 -52.87
CA LEU B 8 -21.85 15.79 -52.02
C LEU B 8 -21.56 17.17 -51.46
N SER B 9 -21.43 18.12 -52.36
CA SER B 9 -21.12 19.49 -52.01
C SER B 9 -22.19 20.14 -51.14
N VAL B 10 -23.33 20.40 -51.77
CA VAL B 10 -24.47 21.02 -51.09
C VAL B 10 -24.57 20.49 -49.64
N LEU B 11 -24.55 19.18 -49.48
CA LEU B 11 -24.61 18.55 -48.19
C LEU B 11 -23.63 19.17 -47.22
N PHE B 12 -22.35 19.11 -47.58
CA PHE B 12 -21.30 19.69 -46.73
C PHE B 12 -21.39 21.21 -46.71
N GLU B 13 -22.10 21.75 -47.70
CA GLU B 13 -22.32 23.20 -47.87
C GLU B 13 -23.35 23.66 -46.81
N ASN B 14 -24.45 22.91 -46.72
CA ASN B 14 -25.56 23.20 -45.81
C ASN B 14 -25.65 22.42 -44.48
N TYR B 15 -25.10 21.22 -44.46
CA TYR B 15 -25.11 20.36 -43.28
C TYR B 15 -24.56 21.02 -42.02
N ASN B 16 -25.22 20.84 -40.88
CA ASN B 16 -24.74 21.42 -39.68
C ASN B 16 -24.29 20.31 -38.69
N PRO B 17 -22.97 20.30 -38.34
CA PRO B 17 -22.28 19.38 -37.44
C PRO B 17 -22.82 19.39 -36.01
N LYS B 18 -22.87 20.59 -35.45
CA LYS B 18 -23.29 20.86 -34.09
C LYS B 18 -24.81 20.94 -33.90
N VAL B 19 -25.59 20.43 -34.85
CA VAL B 19 -27.04 20.49 -34.70
C VAL B 19 -27.70 19.15 -34.43
N ARG B 20 -28.89 19.24 -33.82
CA ARG B 20 -29.75 18.17 -33.36
C ARG B 20 -30.70 17.73 -34.46
N PRO B 21 -30.74 16.41 -34.81
CA PRO B 21 -31.63 15.86 -35.82
C PRO B 21 -33.14 16.09 -35.57
N SER B 22 -33.53 17.23 -34.97
CA SER B 22 -34.95 17.48 -34.73
C SER B 22 -35.36 18.88 -35.14
N GLN B 23 -36.66 19.08 -35.25
CA GLN B 23 -37.20 20.36 -35.64
C GLN B 23 -37.95 21.01 -34.51
N THR B 24 -37.33 22.03 -33.92
CA THR B 24 -37.84 22.81 -32.80
C THR B 24 -38.11 22.01 -31.51
N VAL B 25 -39.00 22.58 -30.67
CA VAL B 25 -39.39 22.04 -29.35
C VAL B 25 -40.56 21.07 -29.50
N GLY B 26 -40.31 19.76 -29.51
CA GLY B 26 -41.42 18.82 -29.65
C GLY B 26 -41.15 17.42 -29.12
N ASP B 27 -41.60 16.42 -29.87
CA ASP B 27 -41.41 15.02 -29.51
C ASP B 27 -39.91 14.69 -29.55
N LYS B 28 -39.13 15.56 -30.19
CA LYS B 28 -37.67 15.42 -30.29
C LYS B 28 -37.17 14.22 -31.14
N VAL B 29 -35.89 13.88 -30.97
CA VAL B 29 -35.29 12.75 -31.70
C VAL B 29 -35.35 11.58 -30.72
N THR B 30 -35.97 10.48 -31.13
CA THR B 30 -36.08 9.32 -30.26
C THR B 30 -34.84 8.45 -30.43
N VAL B 31 -33.84 8.68 -29.58
CA VAL B 31 -32.59 7.95 -29.59
C VAL B 31 -32.78 6.61 -28.90
N ARG B 32 -32.14 5.57 -29.42
CA ARG B 32 -32.22 4.22 -28.90
C ARG B 32 -30.92 4.02 -28.10
N VAL B 33 -31.04 3.57 -26.86
CA VAL B 33 -29.89 3.31 -25.97
C VAL B 33 -30.04 1.85 -25.56
N GLY B 34 -28.96 1.08 -25.68
CA GLY B 34 -29.01 -0.32 -25.30
C GLY B 34 -27.61 -0.84 -25.28
N LEU B 35 -27.16 -1.34 -24.14
CA LEU B 35 -25.80 -1.87 -23.99
C LEU B 35 -25.68 -3.33 -23.74
N THR B 36 -24.94 -4.01 -24.62
CA THR B 36 -24.69 -5.43 -24.46
C THR B 36 -23.40 -5.40 -23.62
N LEU B 37 -23.47 -5.86 -22.38
CA LEU B 37 -22.37 -5.92 -21.45
C LEU B 37 -21.26 -6.86 -21.96
N THR B 38 -20.01 -6.56 -21.64
CA THR B 38 -18.86 -7.39 -22.03
C THR B 38 -18.69 -8.37 -20.85
N SER B 39 -18.23 -7.77 -19.76
CA SER B 39 -18.02 -8.45 -18.50
C SER B 39 -17.68 -7.34 -17.48
N LEU B 40 -17.57 -7.71 -16.22
CA LEU B 40 -17.26 -6.79 -15.15
C LEU B 40 -15.91 -7.20 -14.56
N LEU B 41 -15.10 -6.23 -14.11
CA LEU B 41 -13.81 -6.59 -13.56
C LEU B 41 -13.58 -6.35 -12.09
N ILE B 42 -14.22 -5.35 -11.51
CA ILE B 42 -14.02 -5.16 -10.07
C ILE B 42 -15.24 -4.60 -9.33
N LEU B 43 -15.62 -5.34 -8.30
CA LEU B 43 -16.72 -4.96 -7.46
C LEU B 43 -16.08 -4.62 -6.14
N ASN B 44 -16.18 -3.36 -5.76
CA ASN B 44 -15.65 -2.91 -4.47
C ASN B 44 -16.98 -2.93 -3.76
N GLU B 45 -17.28 -4.06 -3.17
CA GLU B 45 -18.56 -4.22 -2.50
C GLU B 45 -18.63 -3.36 -1.24
N LYS B 46 -17.48 -2.90 -0.79
CA LYS B 46 -17.39 -2.12 0.44
C LYS B 46 -17.74 -0.66 0.20
N ASN B 47 -17.24 -0.01 -0.83
CA ASN B 47 -17.64 1.39 -0.95
C ASN B 47 -18.78 1.59 -1.93
N GLU B 48 -19.21 0.47 -2.53
CA GLU B 48 -20.26 0.46 -3.54
C GLU B 48 -19.79 1.09 -4.84
N GLU B 49 -18.64 0.58 -5.30
CA GLU B 49 -17.96 1.09 -6.49
C GLU B 49 -18.00 -0.04 -7.57
N MET B 50 -18.32 0.31 -8.82
CA MET B 50 -18.47 -0.66 -9.91
C MET B 50 -17.76 -0.35 -11.25
N THR B 51 -16.66 -1.05 -11.56
CA THR B 51 -15.93 -0.85 -12.81
C THR B 51 -16.28 -1.98 -13.79
N THR B 52 -17.15 -1.70 -14.76
CA THR B 52 -17.54 -2.74 -15.72
C THR B 52 -17.21 -2.28 -17.15
N SER B 53 -17.65 -3.09 -18.11
CA SER B 53 -17.45 -2.77 -19.51
C SER B 53 -18.57 -3.34 -20.35
N VAL B 54 -19.01 -2.52 -21.30
CA VAL B 54 -20.10 -2.89 -22.17
C VAL B 54 -20.02 -2.13 -23.48
N PHE B 55 -21.05 -2.27 -24.31
CA PHE B 55 -21.11 -1.59 -25.61
C PHE B 55 -22.11 -0.47 -25.49
N LEU B 56 -21.78 0.68 -26.03
CA LEU B 56 -22.70 1.78 -26.00
C LEU B 56 -23.36 1.79 -27.37
N ASN B 57 -24.44 1.02 -27.55
CA ASN B 57 -25.06 1.01 -28.86
C ASN B 57 -26.05 2.15 -28.85
N LEU B 58 -25.82 3.17 -29.67
CA LEU B 58 -26.77 4.26 -29.75
C LEU B 58 -27.29 4.21 -31.16
N ALA B 59 -28.48 4.78 -31.39
CA ALA B 59 -29.03 4.78 -32.72
C ALA B 59 -30.33 5.55 -32.79
N TRP B 60 -30.36 6.46 -33.75
CA TRP B 60 -31.52 7.31 -33.99
C TRP B 60 -31.42 7.60 -35.47
N THR B 61 -32.17 8.59 -35.96
CA THR B 61 -32.09 8.90 -37.37
C THR B 61 -31.76 10.34 -37.72
N ASP B 62 -30.87 10.46 -38.71
CA ASP B 62 -30.42 11.74 -39.22
C ASP B 62 -31.04 11.96 -40.58
N TYR B 63 -32.30 12.38 -40.62
CA TYR B 63 -32.95 12.62 -41.90
C TYR B 63 -32.24 13.78 -42.61
N ARG B 64 -31.12 14.21 -42.03
CA ARG B 64 -30.34 15.29 -42.58
C ARG B 64 -29.18 14.67 -43.38
N LEU B 65 -28.95 13.37 -43.19
CA LEU B 65 -27.85 12.68 -43.88
C LEU B 65 -28.36 11.66 -44.94
N GLN B 66 -29.66 11.66 -45.24
CA GLN B 66 -30.15 10.72 -46.26
C GLN B 66 -29.40 11.11 -47.54
N TRP B 67 -28.79 10.13 -48.19
CA TRP B 67 -28.00 10.39 -49.42
C TRP B 67 -28.81 10.19 -50.68
N ASP B 68 -28.12 10.06 -51.82
CA ASP B 68 -28.81 9.87 -53.09
C ASP B 68 -28.29 8.71 -53.99
N PRO B 69 -27.84 8.97 -55.22
CA PRO B 69 -27.38 7.83 -56.03
C PRO B 69 -26.15 7.07 -55.54
N ALA B 70 -25.04 7.80 -55.41
CA ALA B 70 -23.75 7.17 -55.05
C ALA B 70 -23.48 6.73 -53.60
N ALA B 71 -23.89 7.53 -52.62
CA ALA B 71 -23.64 7.19 -51.20
C ALA B 71 -24.87 6.62 -50.51
N TYR B 72 -26.02 6.72 -51.18
CA TYR B 72 -27.31 6.26 -50.66
C TYR B 72 -27.69 4.97 -51.36
N GLU B 73 -27.74 5.08 -52.68
CA GLU B 73 -28.09 3.98 -53.58
C GLU B 73 -26.80 3.33 -54.07
N GLY B 74 -25.69 4.02 -53.87
CA GLY B 74 -24.39 3.54 -54.32
C GLY B 74 -23.83 2.56 -53.31
N ILE B 75 -23.93 2.97 -52.05
CA ILE B 75 -23.46 2.15 -50.93
C ILE B 75 -24.30 2.43 -49.70
N LYS B 76 -25.50 1.85 -49.67
CA LYS B 76 -26.43 2.03 -48.58
C LYS B 76 -25.86 2.14 -47.16
N ASP B 77 -24.68 1.56 -46.93
CA ASP B 77 -24.03 1.61 -45.62
C ASP B 77 -22.60 2.12 -45.77
N LEU B 78 -22.23 3.08 -44.96
CA LEU B 78 -20.90 3.69 -44.96
C LEU B 78 -20.49 4.12 -43.56
N SER B 79 -19.24 4.03 -43.23
CA SER B 79 -18.77 4.36 -41.90
C SER B 79 -18.25 5.79 -41.84
N ILE B 80 -18.60 6.51 -40.78
CA ILE B 80 -18.18 7.88 -40.61
C ILE B 80 -18.01 8.26 -39.13
N PRO B 81 -16.86 8.83 -38.76
CA PRO B 81 -16.60 9.22 -37.37
C PRO B 81 -17.75 10.05 -36.78
N SER B 82 -18.04 9.83 -35.50
CA SER B 82 -19.10 10.61 -34.82
C SER B 82 -18.64 12.04 -34.81
N ASP B 83 -18.54 12.64 -33.63
CA ASP B 83 -18.08 14.00 -33.52
C ASP B 83 -19.07 14.98 -34.18
N ASP B 84 -20.04 14.44 -34.91
CA ASP B 84 -21.04 15.26 -35.60
C ASP B 84 -22.48 15.13 -35.13
N VAL B 85 -22.71 14.51 -33.96
CA VAL B 85 -24.07 14.38 -33.45
C VAL B 85 -24.09 14.61 -31.96
N TRP B 86 -25.23 15.05 -31.47
CA TRP B 86 -25.41 15.27 -30.05
C TRP B 86 -25.11 13.93 -29.40
N GLN B 87 -24.20 13.94 -28.46
CA GLN B 87 -23.80 12.72 -27.77
C GLN B 87 -24.18 12.74 -26.31
N PRO B 88 -24.96 11.76 -25.85
CA PRO B 88 -25.39 11.73 -24.47
C PRO B 88 -24.22 11.73 -23.49
N ASP B 89 -23.89 12.92 -23.09
CA ASP B 89 -22.81 13.10 -22.13
C ASP B 89 -23.21 12.47 -20.81
N ILE B 90 -23.54 11.18 -20.95
CA ILE B 90 -24.21 10.40 -19.92
C ILE B 90 -23.28 10.18 -18.73
N VAL B 91 -23.95 10.47 -17.54
CA VAL B 91 -23.45 10.29 -16.19
C VAL B 91 -24.42 9.39 -15.47
N LEU B 92 -23.97 8.77 -14.39
CA LEU B 92 -24.88 7.89 -13.65
C LEU B 92 -25.19 8.44 -12.27
N MET B 93 -26.47 8.81 -12.07
CA MET B 93 -26.92 9.40 -10.80
C MET B 93 -26.25 8.82 -9.55
N ASN B 94 -26.20 7.50 -9.43
CA ASN B 94 -25.44 6.90 -8.34
C ASN B 94 -23.99 6.67 -8.76
N ASN B 95 -23.88 5.88 -9.82
CA ASN B 95 -22.67 5.35 -10.43
C ASN B 95 -21.88 6.45 -11.10
N ASN B 96 -21.55 6.23 -12.43
CA ASN B 96 -20.73 7.15 -13.21
C ASN B 96 -19.76 7.83 -12.27
N ASP B 97 -18.98 7.02 -11.55
CA ASP B 97 -18.04 7.50 -10.58
C ASP B 97 -16.78 7.93 -11.31
N GLY B 98 -16.83 7.95 -12.64
CA GLY B 98 -15.70 8.39 -13.43
C GLY B 98 -15.96 8.33 -14.96
N SER B 99 -15.05 8.96 -15.72
CA SER B 99 -15.03 9.23 -17.15
C SER B 99 -15.32 7.97 -17.95
N PHE B 100 -15.40 8.25 -19.34
CA PHE B 100 -15.66 7.29 -20.40
C PHE B 100 -14.37 6.90 -21.10
N GLU B 101 -14.22 5.57 -21.35
CA GLU B 101 -13.11 4.96 -22.05
C GLU B 101 -13.60 4.10 -23.22
N ILE B 102 -13.42 4.59 -24.45
CA ILE B 102 -13.94 3.92 -25.64
C ILE B 102 -15.44 4.19 -25.77
N THR B 103 -15.83 5.37 -25.31
CA THR B 103 -17.26 5.75 -25.24
C THR B 103 -17.67 6.82 -26.26
N LEU B 104 -16.81 7.79 -26.46
CA LEU B 104 -17.09 8.94 -27.35
C LEU B 104 -15.91 9.19 -28.29
N HIS B 105 -16.19 9.85 -29.41
CA HIS B 105 -15.20 10.16 -30.48
C HIS B 105 -14.86 9.00 -31.38
N VAL B 106 -15.71 8.00 -31.45
CA VAL B 106 -15.44 6.86 -32.32
C VAL B 106 -16.40 6.82 -33.48
N ASN B 107 -15.93 6.24 -34.57
CA ASN B 107 -16.70 6.14 -35.76
C ASN B 107 -18.11 5.58 -35.48
N VAL B 108 -18.97 5.63 -36.49
CA VAL B 108 -20.33 5.14 -36.34
C VAL B 108 -20.85 4.55 -37.64
N LEU B 109 -21.95 3.83 -37.56
CA LEU B 109 -22.56 3.21 -38.74
C LEU B 109 -23.77 4.03 -39.13
N VAL B 110 -23.68 4.61 -40.31
CA VAL B 110 -24.69 5.50 -40.86
C VAL B 110 -25.45 4.79 -42.03
N GLN B 111 -26.77 4.62 -41.91
CA GLN B 111 -27.54 3.97 -42.96
C GLN B 111 -28.06 4.96 -44.01
N HIS B 112 -28.54 4.45 -45.14
CA HIS B 112 -29.02 5.28 -46.24
C HIS B 112 -30.07 6.36 -45.92
N THR B 113 -31.26 6.00 -45.44
CA THR B 113 -32.23 7.06 -45.16
C THR B 113 -32.00 7.78 -43.84
N GLY B 114 -30.78 7.70 -43.32
CA GLY B 114 -30.46 8.41 -42.09
C GLY B 114 -30.27 7.67 -40.78
N ALA B 115 -30.51 6.36 -40.76
CA ALA B 115 -30.34 5.61 -39.51
C ALA B 115 -28.90 5.70 -39.04
N VAL B 116 -28.71 5.78 -37.73
CA VAL B 116 -27.35 5.84 -37.21
C VAL B 116 -27.10 4.80 -36.14
N SER B 117 -26.03 4.05 -36.36
CA SER B 117 -25.58 2.94 -35.53
C SER B 117 -24.21 3.22 -34.96
N TRP B 118 -24.05 3.23 -33.64
CA TRP B 118 -22.73 3.47 -33.07
C TRP B 118 -22.64 2.44 -31.92
N HIS B 119 -21.70 1.49 -32.06
CA HIS B 119 -21.52 0.41 -31.14
C HIS B 119 -20.14 0.39 -30.46
N PRO B 120 -19.91 1.25 -29.44
CA PRO B 120 -18.58 1.19 -28.83
C PRO B 120 -18.53 0.55 -27.46
N SER B 121 -17.56 -0.34 -27.26
CA SER B 121 -17.41 -1.02 -25.96
C SER B 121 -16.65 -0.01 -25.10
N ALA B 122 -16.83 -0.06 -23.79
CA ALA B 122 -16.12 0.90 -22.95
C ALA B 122 -15.99 0.42 -21.52
N ILE B 123 -15.06 1.02 -20.81
CA ILE B 123 -14.89 0.64 -19.43
C ILE B 123 -15.47 1.90 -18.77
N TYR B 124 -16.23 1.72 -17.69
CA TYR B 124 -16.81 2.86 -16.97
C TYR B 124 -16.79 2.65 -15.47
N ARG B 125 -16.30 3.68 -14.83
CA ARG B 125 -16.20 3.76 -13.38
C ARG B 125 -17.53 4.14 -12.76
N SER B 126 -18.24 3.17 -12.19
CA SER B 126 -19.55 3.45 -11.61
C SER B 126 -19.60 3.20 -10.11
N SER B 127 -20.71 3.51 -9.53
CA SER B 127 -20.90 3.29 -8.09
C SER B 127 -22.34 2.99 -7.76
N CYS B 128 -22.63 1.74 -7.51
CA CYS B 128 -23.99 1.41 -7.16
C CYS B 128 -24.06 0.96 -5.67
N THR B 129 -25.26 1.08 -5.07
CA THR B 129 -25.47 0.81 -3.63
C THR B 129 -25.35 -0.58 -3.18
N ILE B 130 -24.35 -1.04 -3.51
CA ILE B 130 -24.24 -2.39 -3.08
C ILE B 130 -24.06 -2.31 -1.57
N LYS B 131 -23.93 -1.06 -1.09
CA LYS B 131 -23.79 -0.72 0.33
C LYS B 131 -23.07 -1.79 1.14
N VAL B 132 -23.19 -1.68 2.45
CA VAL B 132 -22.58 -2.63 3.35
C VAL B 132 -23.66 -3.72 3.53
N MET B 133 -24.41 -3.94 2.45
CA MET B 133 -25.48 -4.93 2.40
C MET B 133 -25.37 -5.78 1.13
N TYR B 134 -24.23 -6.10 0.80
CA TYR B 134 -23.84 -6.94 -0.41
C TYR B 134 -23.39 -8.36 0.03
N PHE B 135 -23.60 -8.70 1.30
CA PHE B 135 -23.17 -10.01 1.84
C PHE B 135 -24.32 -10.79 2.47
N PRO B 136 -25.44 -10.06 2.82
CA PRO B 136 -26.45 -10.93 3.44
C PRO B 136 -26.98 -11.82 2.34
N PHE B 137 -27.33 -13.04 2.69
CA PHE B 137 -27.84 -13.99 1.72
C PHE B 137 -29.13 -13.44 1.13
N ASP B 138 -29.70 -12.59 1.80
CA ASP B 138 -30.91 -12.01 1.27
C ASP B 138 -30.48 -10.85 0.36
N TRP B 139 -29.21 -10.52 0.47
CA TRP B 139 -28.60 -9.44 -0.30
C TRP B 139 -29.54 -8.29 -0.52
N GLN B 140 -29.24 -7.47 -1.52
CA GLN B 140 -30.09 -6.33 -1.80
C GLN B 140 -30.10 -6.04 -3.30
N ASN B 141 -30.73 -4.93 -3.66
CA ASN B 141 -30.81 -4.52 -5.05
C ASN B 141 -30.22 -3.11 -5.16
N CYS B 142 -29.91 -2.67 -6.38
CA CYS B 142 -29.38 -1.32 -6.57
C CYS B 142 -30.04 -0.57 -7.70
N THR B 143 -29.76 0.73 -7.72
CA THR B 143 -30.27 1.71 -8.70
C THR B 143 -29.11 2.19 -9.57
N MET B 144 -29.09 1.81 -10.85
CA MET B 144 -28.05 2.28 -11.75
C MET B 144 -28.71 3.25 -12.72
N VAL B 145 -28.44 4.61 -12.47
CA VAL B 145 -29.11 5.57 -13.34
C VAL B 145 -28.19 6.31 -14.31
N PHE B 146 -28.34 5.97 -15.59
CA PHE B 146 -27.56 6.55 -16.68
C PHE B 146 -28.30 7.75 -17.29
N LYS B 147 -27.54 8.74 -17.77
CA LYS B 147 -28.10 9.92 -18.45
C LYS B 147 -27.09 11.04 -18.58
N SER B 148 -27.37 11.99 -19.45
CA SER B 148 -26.39 12.98 -19.87
C SER B 148 -26.19 14.01 -18.76
N TYR B 149 -25.07 14.75 -18.85
CA TYR B 149 -24.68 15.64 -17.77
C TYR B 149 -24.56 17.09 -18.26
N THR B 150 -25.37 17.51 -19.19
CA THR B 150 -25.48 18.89 -19.65
C THR B 150 -26.78 19.10 -20.41
N TYR B 151 -27.32 17.99 -20.91
CA TYR B 151 -28.57 17.96 -21.66
C TYR B 151 -29.74 17.59 -20.75
N ASP B 152 -30.93 18.03 -21.08
CA ASP B 152 -32.12 17.75 -20.30
C ASP B 152 -33.10 17.17 -21.28
N THR B 153 -33.80 16.08 -20.95
CA THR B 153 -34.69 15.53 -21.95
C THR B 153 -35.76 16.52 -22.38
N SER B 154 -35.47 17.21 -23.48
CA SER B 154 -36.37 18.22 -24.07
C SER B 154 -36.16 18.11 -25.59
N GLU B 155 -34.92 17.85 -26.03
CA GLU B 155 -34.62 17.71 -27.45
C GLU B 155 -34.11 16.31 -27.76
N VAL B 156 -34.86 15.30 -27.29
CA VAL B 156 -34.63 13.87 -27.49
C VAL B 156 -35.35 13.05 -26.43
N ILE B 157 -35.72 11.84 -26.79
CA ILE B 157 -36.40 10.96 -25.85
C ILE B 157 -35.53 9.70 -25.74
N LEU B 158 -35.33 9.17 -24.54
CA LEU B 158 -34.54 7.94 -24.46
C LEU B 158 -35.43 6.74 -24.35
N GLN B 159 -34.98 5.67 -25.01
CA GLN B 159 -35.72 4.43 -25.01
C GLN B 159 -34.75 3.25 -25.07
N HIS B 160 -35.33 2.20 -24.24
CA HIS B 160 -34.65 0.95 -23.88
C HIS B 160 -35.05 -0.26 -24.74
N ALA B 161 -34.39 -1.38 -24.46
CA ALA B 161 -34.61 -2.66 -25.13
C ALA B 161 -35.30 -3.52 -24.05
N LEU B 162 -34.67 -4.61 -23.62
CA LEU B 162 -35.30 -5.44 -22.57
C LEU B 162 -35.00 -4.92 -21.17
N ASP B 163 -35.68 -5.51 -20.21
CA ASP B 163 -35.56 -5.12 -18.81
C ASP B 163 -35.37 -6.30 -17.85
N ALA B 164 -35.38 -7.53 -18.37
CA ALA B 164 -35.23 -8.73 -17.54
C ALA B 164 -33.76 -9.11 -17.28
N MET B 165 -32.74 -6.24 -20.81
CA MET B 165 -31.85 -7.39 -20.85
C MET B 165 -31.28 -7.62 -19.46
N ILE B 166 -30.77 -8.83 -19.23
CA ILE B 166 -30.21 -9.18 -17.92
C ILE B 166 -28.79 -8.65 -17.76
N ASN B 167 -28.31 -8.63 -16.52
CA ASN B 167 -26.95 -8.16 -16.27
C ASN B 167 -26.02 -9.37 -16.22
N GLN B 168 -26.61 -10.56 -16.13
CA GLN B 168 -25.81 -11.78 -16.13
C GLN B 168 -25.61 -12.09 -17.62
N ASP B 169 -26.08 -11.17 -18.46
CA ASP B 169 -25.96 -11.30 -19.90
C ASP B 169 -24.47 -11.25 -20.20
N ALA B 170 -23.74 -10.54 -19.34
CA ALA B 170 -22.31 -10.39 -19.47
C ALA B 170 -21.65 -10.32 -18.10
N PHE B 171 -22.25 -11.06 -17.16
CA PHE B 171 -21.78 -11.19 -15.78
C PHE B 171 -20.38 -11.74 -15.84
N THR B 172 -19.47 -11.22 -15.01
CA THR B 172 -18.10 -11.73 -15.00
C THR B 172 -18.02 -13.11 -14.35
N GLU B 173 -17.46 -14.05 -15.09
CA GLU B 173 -17.25 -15.42 -14.64
C GLU B 173 -16.19 -15.39 -13.55
N ASN B 174 -15.48 -14.27 -13.48
CA ASN B 174 -14.40 -14.04 -12.53
C ASN B 174 -14.93 -13.52 -11.21
N GLY B 175 -16.24 -13.32 -11.18
CA GLY B 175 -16.88 -12.79 -9.98
C GLY B 175 -17.09 -13.79 -8.87
N GLN B 176 -16.55 -13.46 -7.67
CA GLN B 176 -16.77 -14.26 -6.47
C GLN B 176 -18.23 -14.25 -6.06
N TRP B 177 -19.12 -13.68 -6.95
CA TRP B 177 -20.52 -13.53 -6.67
C TRP B 177 -21.35 -14.31 -7.66
N SER B 178 -22.61 -13.82 -7.87
CA SER B 178 -23.58 -14.39 -8.81
C SER B 178 -24.76 -13.38 -8.88
N ILE B 179 -25.64 -13.53 -9.87
CA ILE B 179 -26.75 -12.61 -10.08
C ILE B 179 -28.09 -13.31 -10.34
N GLU B 180 -29.20 -12.71 -9.91
CA GLU B 180 -30.52 -13.31 -10.16
C GLU B 180 -31.26 -12.56 -11.27
N HIS B 181 -31.25 -11.25 -11.27
CA HIS B 181 -31.87 -10.45 -12.29
C HIS B 181 -31.57 -8.96 -12.42
N LYS B 182 -31.75 -8.40 -13.57
CA LYS B 182 -31.48 -6.99 -13.85
C LYS B 182 -32.72 -6.27 -14.38
N PRO B 183 -33.39 -5.47 -13.52
CA PRO B 183 -34.58 -4.72 -13.94
C PRO B 183 -34.17 -3.42 -14.64
N SER B 184 -34.92 -2.99 -15.66
CA SER B 184 -34.60 -1.75 -16.33
C SER B 184 -35.82 -0.86 -16.48
N ARG B 185 -35.84 0.23 -15.72
CA ARG B 185 -36.95 1.15 -15.76
C ARG B 185 -36.55 2.61 -16.06
N LYS B 186 -37.19 3.15 -17.10
CA LYS B 186 -37.01 4.52 -17.61
C LYS B 186 -37.51 5.60 -16.64
N ASN B 187 -36.68 6.59 -16.29
CA ASN B 187 -37.12 7.61 -15.34
C ASN B 187 -36.91 9.09 -15.65
N TRP B 188 -37.77 9.91 -15.05
CA TRP B 188 -37.80 11.34 -15.15
C TRP B 188 -38.23 12.05 -13.91
N ARG B 189 -37.40 11.92 -12.84
CA ARG B 189 -37.67 12.62 -11.58
C ARG B 189 -38.12 14.04 -11.82
N SER B 190 -39.17 14.50 -11.15
CA SER B 190 -39.74 15.82 -11.40
C SER B 190 -39.09 16.87 -10.51
N ASP B 191 -37.99 16.56 -9.83
CA ASP B 191 -37.29 17.50 -9.00
C ASP B 191 -36.40 18.40 -9.84
N ASP B 192 -36.27 18.01 -11.08
CA ASP B 192 -35.56 18.71 -12.12
C ASP B 192 -36.38 18.79 -13.39
N PRO B 193 -36.41 19.91 -14.08
CA PRO B 193 -37.20 20.06 -15.31
C PRO B 193 -36.76 19.03 -16.33
N SER B 194 -35.47 18.78 -16.33
CA SER B 194 -34.87 17.86 -17.26
C SER B 194 -35.26 16.39 -17.08
N TYR B 195 -36.14 15.93 -18.00
CA TYR B 195 -36.32 14.48 -17.93
C TYR B 195 -34.98 13.77 -17.95
N GLU B 196 -34.70 12.83 -17.20
CA GLU B 196 -33.33 12.34 -17.20
C GLU B 196 -33.04 10.83 -17.21
N ASP B 197 -32.35 10.44 -16.14
CA ASP B 197 -31.86 9.09 -15.85
C ASP B 197 -32.83 7.91 -15.90
N VAL B 198 -32.21 6.65 -16.14
CA VAL B 198 -32.89 5.38 -16.14
C VAL B 198 -32.28 4.49 -15.03
N THR B 199 -33.14 4.02 -14.12
CA THR B 199 -32.76 3.18 -12.97
C THR B 199 -32.58 1.72 -13.36
N PHE B 200 -31.40 1.16 -13.12
CA PHE B 200 -31.26 -0.27 -13.45
C PHE B 200 -30.94 -1.02 -12.16
N TYR B 201 -31.77 -2.02 -11.90
CA TYR B 201 -31.70 -2.84 -10.70
C TYR B 201 -30.80 -4.08 -10.66
N LEU B 202 -29.95 -4.16 -9.64
CA LEU B 202 -29.07 -5.28 -9.44
C LEU B 202 -29.58 -6.02 -8.23
N ILE B 203 -30.16 -7.21 -8.46
CA ILE B 203 -30.66 -8.08 -7.40
C ILE B 203 -29.49 -9.05 -7.25
N ILE B 204 -28.34 -8.52 -6.86
CA ILE B 204 -27.10 -9.28 -6.70
C ILE B 204 -26.95 -10.31 -5.61
N GLN B 205 -26.26 -11.40 -5.94
CA GLN B 205 -25.98 -12.50 -4.95
C GLN B 205 -24.50 -12.85 -5.03
N ARG B 206 -23.77 -12.55 -3.97
CA ARG B 206 -22.34 -12.77 -3.87
C ARG B 206 -21.95 -13.79 -2.78
N LYS B 207 -21.77 -15.07 -3.16
CA LYS B 207 -21.42 -16.13 -2.21
C LYS B 207 -20.03 -16.73 -2.39
N PRO B 208 -18.98 -16.04 -1.95
CA PRO B 208 -17.65 -16.59 -2.09
C PRO B 208 -17.30 -17.42 -0.82
N LEU B 209 -17.44 -18.74 -0.90
CA LEU B 209 -17.15 -19.55 0.29
C LEU B 209 -15.74 -20.11 0.21
N PHE B 210 -14.84 -19.51 0.98
CA PHE B 210 -13.46 -19.92 0.97
C PHE B 210 -12.76 -19.93 2.36
N TYR B 211 -12.67 -18.80 3.07
CA TYR B 211 -11.96 -18.84 4.37
C TYR B 211 -12.79 -19.00 5.64
N ILE B 212 -14.10 -18.77 5.56
CA ILE B 212 -14.96 -18.93 6.70
C ILE B 212 -14.83 -20.42 7.14
N VAL B 213 -14.27 -21.21 6.22
CA VAL B 213 -14.07 -22.64 6.41
C VAL B 213 -12.99 -22.82 7.44
N TYR B 214 -11.82 -22.23 7.20
CA TYR B 214 -10.81 -22.43 8.22
C TYR B 214 -11.02 -21.49 9.40
N THR B 215 -12.04 -20.63 9.32
CA THR B 215 -12.48 -19.72 10.39
C THR B 215 -13.26 -20.60 11.40
N ILE B 216 -14.01 -21.55 10.85
CA ILE B 216 -14.84 -22.52 11.60
C ILE B 216 -13.84 -23.34 12.42
N VAL B 217 -12.77 -23.78 11.75
CA VAL B 217 -11.79 -24.60 12.47
C VAL B 217 -11.32 -23.89 13.73
N PRO B 218 -11.03 -22.58 13.65
CA PRO B 218 -10.61 -21.92 14.90
C PRO B 218 -11.69 -22.16 15.90
N CYS B 219 -12.83 -21.51 15.66
CA CYS B 219 -13.95 -21.63 16.57
C CYS B 219 -14.02 -23.04 17.17
N ILE B 220 -13.99 -24.09 16.33
CA ILE B 220 -14.06 -25.47 16.82
C ILE B 220 -12.75 -26.07 17.32
N LEU B 221 -11.66 -25.79 16.61
CA LEU B 221 -10.32 -26.30 16.97
C LEU B 221 -9.86 -25.54 18.21
N ILE B 222 -10.16 -24.25 18.25
CA ILE B 222 -9.82 -23.46 19.41
C ILE B 222 -10.63 -24.05 20.52
N SER B 223 -11.82 -24.48 20.11
CA SER B 223 -12.67 -25.18 21.07
C SER B 223 -12.01 -26.47 21.55
N ILE B 224 -11.25 -27.06 20.59
CA ILE B 224 -10.54 -28.27 20.94
C ILE B 224 -9.71 -27.99 22.17
N LEU B 225 -8.88 -26.96 22.10
CA LEU B 225 -8.01 -26.60 23.20
C LEU B 225 -8.94 -26.02 24.32
N ALA B 226 -10.05 -25.39 23.92
CA ALA B 226 -11.01 -24.84 24.85
C ALA B 226 -11.62 -25.99 25.65
N ILE B 227 -12.48 -26.78 25.01
CA ILE B 227 -13.09 -27.97 25.68
C ILE B 227 -11.99 -28.69 26.40
N LEU B 228 -10.81 -28.61 25.83
CA LEU B 228 -9.59 -29.23 26.35
C LEU B 228 -9.19 -28.59 27.67
N VAL B 229 -9.22 -27.26 27.71
CA VAL B 229 -8.84 -26.51 28.93
C VAL B 229 -9.93 -26.67 29.98
N PHE B 230 -11.11 -27.07 29.52
CA PHE B 230 -12.28 -27.25 30.38
C PHE B 230 -12.34 -28.74 30.72
N TYR B 231 -11.65 -29.50 29.88
CA TYR B 231 -11.57 -30.96 29.99
C TYR B 231 -10.29 -31.34 30.71
N LEU B 232 -9.26 -30.53 30.51
CA LEU B 232 -7.93 -30.74 31.10
C LEU B 232 -7.97 -30.67 32.65
N PRO B 233 -8.92 -29.89 33.24
CA PRO B 233 -8.97 -29.83 34.71
C PRO B 233 -9.26 -31.21 35.36
N PRO B 234 -10.30 -31.92 34.89
CA PRO B 234 -10.43 -33.20 35.61
C PRO B 234 -9.67 -34.28 34.84
N ASP B 235 -8.88 -33.82 33.87
CA ASP B 235 -8.04 -34.66 33.01
C ASP B 235 -6.64 -34.65 33.59
N ALA B 236 -6.19 -33.46 33.95
CA ALA B 236 -4.89 -33.28 34.55
C ALA B 236 -4.97 -32.02 35.42
N GLY B 237 -5.68 -32.14 36.55
CA GLY B 237 -5.86 -31.03 37.48
C GLY B 237 -4.66 -30.11 37.53
N GLU B 238 -3.46 -30.71 37.52
CA GLU B 238 -2.22 -29.93 37.50
C GLU B 238 -2.24 -28.92 36.35
N LYS B 239 -3.32 -29.03 35.58
CA LYS B 239 -3.56 -28.16 34.44
C LYS B 239 -3.47 -26.76 35.03
N MET B 240 -3.70 -26.71 36.35
CA MET B 240 -3.68 -25.51 37.14
C MET B 240 -3.01 -24.30 36.48
N SER B 241 -1.71 -24.42 36.25
CA SER B 241 -0.91 -23.37 35.63
C SER B 241 -0.96 -23.45 34.12
N LEU B 242 -0.60 -24.63 33.61
CA LEU B 242 -0.59 -24.87 32.17
C LEU B 242 -1.85 -24.31 31.58
N SER B 243 -2.90 -24.32 32.39
CA SER B 243 -4.20 -23.82 31.94
C SER B 243 -4.11 -22.37 31.48
N ILE B 244 -3.58 -21.53 32.37
CA ILE B 244 -3.39 -20.12 32.09
C ILE B 244 -2.54 -19.96 30.83
N SER B 245 -1.56 -20.82 30.61
CA SER B 245 -0.74 -20.73 29.41
C SER B 245 -1.60 -20.83 28.15
N ALA B 246 -2.59 -21.71 28.28
CA ALA B 246 -3.55 -22.03 27.23
C ALA B 246 -4.32 -20.79 26.83
N LEU B 247 -4.85 -20.10 27.82
CA LEU B 247 -5.61 -18.88 27.48
C LEU B 247 -4.70 -17.75 27.00
N LEU B 248 -3.54 -17.55 27.61
CA LEU B 248 -2.67 -16.55 26.95
C LEU B 248 -2.62 -16.81 25.45
N ALA B 249 -2.18 -18.07 25.22
CA ALA B 249 -2.18 -18.63 23.88
C ALA B 249 -3.54 -18.50 23.22
N LEU B 250 -4.60 -18.96 23.88
CA LEU B 250 -5.91 -18.86 23.25
C LEU B 250 -6.33 -17.42 22.96
N THR B 251 -6.04 -16.50 23.87
CA THR B 251 -6.42 -15.11 23.65
C THR B 251 -5.60 -14.42 22.57
N VAL B 252 -4.28 -14.65 22.54
CA VAL B 252 -3.47 -14.01 21.51
C VAL B 252 -3.98 -14.46 20.14
N PHE B 253 -4.19 -15.77 19.99
CA PHE B 253 -4.71 -16.35 18.75
C PHE B 253 -5.97 -15.62 18.32
N LEU B 254 -6.95 -15.50 19.20
CA LEU B 254 -8.19 -14.86 18.83
C LEU B 254 -8.03 -13.37 18.58
N LEU B 255 -7.04 -12.77 19.20
CA LEU B 255 -6.84 -11.35 19.01
C LEU B 255 -6.17 -11.14 17.65
N LEU B 256 -5.31 -12.07 17.23
CA LEU B 256 -4.67 -11.95 15.90
C LEU B 256 -5.80 -12.09 14.90
N LEU B 257 -6.74 -12.99 15.21
CA LEU B 257 -7.90 -13.21 14.35
C LEU B 257 -8.65 -11.90 14.27
N ALA B 258 -8.63 -11.18 15.40
CA ALA B 258 -9.26 -9.88 15.48
C ALA B 258 -8.54 -8.96 14.50
N ASP B 259 -7.26 -9.23 14.30
CA ASP B 259 -6.37 -8.48 13.43
C ASP B 259 -6.70 -8.65 11.93
N LYS B 260 -6.98 -9.89 11.51
CA LYS B 260 -7.22 -10.15 10.11
C LYS B 260 -8.66 -9.79 9.73
N VAL B 261 -9.62 -9.94 10.62
CA VAL B 261 -11.02 -9.63 10.34
C VAL B 261 -11.34 -8.16 9.97
N PRO B 262 -10.75 -7.19 10.70
CA PRO B 262 -11.06 -5.80 10.37
C PRO B 262 -10.39 -5.36 9.08
N GLU B 263 -9.21 -5.90 8.83
CA GLU B 263 -8.49 -5.52 7.62
C GLU B 263 -9.03 -6.27 6.41
N THR B 264 -9.79 -7.35 6.62
CA THR B 264 -10.35 -8.08 5.49
C THR B 264 -11.70 -7.52 5.11
N SER B 265 -12.48 -7.00 6.07
CA SER B 265 -13.77 -6.44 5.71
C SER B 265 -13.38 -5.10 5.09
N LEU B 266 -12.20 -4.62 5.43
CA LEU B 266 -11.65 -3.36 4.94
C LEU B 266 -11.92 -3.17 3.45
N SER B 267 -12.29 -4.19 2.72
CA SER B 267 -12.53 -4.01 1.28
C SER B 267 -13.82 -4.63 0.79
N VAL B 268 -14.49 -5.36 1.67
CA VAL B 268 -15.73 -6.00 1.24
C VAL B 268 -16.76 -6.18 2.39
N PRO B 269 -16.92 -5.17 3.28
CA PRO B 269 -17.86 -5.24 4.40
C PRO B 269 -19.34 -5.09 4.04
N ILE B 270 -20.16 -5.68 4.84
CA ILE B 270 -21.62 -5.64 4.80
C ILE B 270 -22.19 -5.88 6.20
N ILE B 271 -23.38 -6.39 6.35
CA ILE B 271 -23.88 -6.63 7.72
C ILE B 271 -22.96 -7.51 8.54
N ILE B 272 -23.04 -7.30 9.85
CA ILE B 272 -22.25 -7.99 10.87
C ILE B 272 -22.61 -9.47 11.07
N SER B 273 -23.85 -9.84 10.76
CA SER B 273 -24.34 -11.21 10.89
C SER B 273 -23.30 -12.18 11.46
N TYR B 274 -22.49 -12.69 10.55
CA TYR B 274 -21.42 -13.62 10.86
C TYR B 274 -20.62 -13.11 12.05
N LEU B 275 -20.07 -11.92 11.89
CA LEU B 275 -19.25 -11.27 12.93
C LEU B 275 -20.13 -10.96 14.16
N MET B 276 -21.35 -10.49 13.93
CA MET B 276 -22.24 -10.12 15.04
C MET B 276 -22.23 -11.21 16.09
N PHE B 277 -22.55 -12.44 15.69
CA PHE B 277 -22.67 -13.52 16.65
C PHE B 277 -21.30 -14.18 16.87
N ILE B 278 -20.40 -14.32 15.89
CA ILE B 278 -19.09 -14.94 16.16
C ILE B 278 -18.40 -13.98 17.14
N MET B 279 -18.87 -12.72 17.15
CA MET B 279 -18.39 -11.64 18.02
C MET B 279 -18.84 -12.02 19.43
N ILE B 280 -20.03 -12.62 19.47
CA ILE B 280 -20.67 -13.07 20.71
C ILE B 280 -20.01 -14.37 21.08
N LEU B 281 -19.82 -15.20 20.05
CA LEU B 281 -19.20 -16.51 20.18
C LEU B 281 -17.78 -16.24 20.66
N VAL B 282 -17.25 -15.11 20.22
CA VAL B 282 -15.91 -14.68 20.57
C VAL B 282 -15.95 -14.40 22.06
N ALA B 283 -16.74 -13.39 22.43
CA ALA B 283 -16.95 -12.97 23.78
C ALA B 283 -17.24 -14.20 24.66
N PHE B 284 -17.93 -15.15 24.06
CA PHE B 284 -18.30 -16.34 24.77
C PHE B 284 -17.06 -17.16 25.17
N SER B 285 -16.31 -17.67 24.19
CA SER B 285 -15.06 -18.43 24.48
C SER B 285 -14.12 -17.54 25.31
N VAL B 286 -14.15 -16.24 25.00
CA VAL B 286 -13.29 -15.27 25.70
C VAL B 286 -13.50 -15.30 27.21
N ILE B 287 -14.71 -14.95 27.63
CA ILE B 287 -15.20 -14.89 29.02
C ILE B 287 -15.35 -16.28 29.64
N LEU B 288 -15.68 -17.25 28.80
CA LEU B 288 -15.90 -18.57 29.37
C LEU B 288 -14.59 -19.07 29.84
N SER B 289 -13.57 -18.82 29.02
CA SER B 289 -12.21 -19.23 29.34
C SER B 289 -11.65 -18.41 30.49
N VAL B 290 -12.12 -17.17 30.62
CA VAL B 290 -11.65 -16.30 31.69
C VAL B 290 -12.39 -16.57 33.01
N VAL B 291 -13.67 -16.92 32.95
CA VAL B 291 -14.37 -17.20 34.20
C VAL B 291 -13.98 -18.60 34.65
N VAL B 292 -13.67 -19.49 33.69
CA VAL B 292 -13.23 -20.84 34.04
C VAL B 292 -11.88 -20.56 34.69
N LEU B 293 -11.24 -19.48 34.24
CA LEU B 293 -9.96 -19.09 34.77
C LEU B 293 -10.27 -18.65 36.19
N ASN B 294 -11.44 -18.03 36.38
CA ASN B 294 -11.78 -17.63 37.74
C ASN B 294 -12.31 -18.89 38.43
N LEU B 295 -12.71 -19.87 37.62
CA LEU B 295 -13.18 -21.18 38.15
C LEU B 295 -11.90 -21.77 38.72
N HIS B 296 -10.82 -21.58 37.97
CA HIS B 296 -9.51 -22.07 38.33
C HIS B 296 -9.02 -21.37 39.58
N HIS B 297 -9.18 -20.05 39.62
CA HIS B 297 -8.73 -19.32 40.79
C HIS B 297 -9.34 -19.58 42.12
N ARG B 298 -10.66 -19.61 42.13
CA ARG B 298 -11.39 -19.74 43.38
C ARG B 298 -10.96 -20.65 44.55
N SER B 299 -9.80 -21.32 44.49
CA SER B 299 -9.38 -22.11 45.66
C SER B 299 -8.31 -21.28 46.39
N PRO B 300 -8.51 -20.93 47.66
CA PRO B 300 -7.49 -20.12 48.32
C PRO B 300 -6.14 -20.81 48.47
N ASN B 301 -6.14 -22.14 48.49
CA ASN B 301 -4.88 -22.86 48.62
C ASN B 301 -4.38 -23.37 47.24
N THR B 302 -5.27 -24.09 46.55
CA THR B 302 -4.97 -24.64 45.24
C THR B 302 -4.71 -23.52 44.21
N HIS B 303 -5.64 -22.56 44.13
CA HIS B 303 -5.60 -21.36 43.28
C HIS B 303 -6.79 -21.20 42.37
N GLU B 304 6.94 -46.46 77.09
CA GLU B 304 6.69 -45.19 77.75
C GLU B 304 7.24 -44.00 76.95
N ALA B 305 8.42 -43.50 77.33
CA ALA B 305 8.99 -42.31 76.61
C ALA B 305 9.34 -42.66 75.17
N VAL B 306 9.95 -43.84 74.99
CA VAL B 306 10.33 -44.41 73.72
C VAL B 306 9.12 -44.19 72.82
N GLU B 307 8.02 -44.76 73.27
CA GLU B 307 6.77 -44.67 72.56
C GLU B 307 6.25 -43.25 72.39
N ALA B 308 6.72 -42.36 73.24
CA ALA B 308 6.31 -40.96 73.18
C ALA B 308 6.79 -40.37 71.85
N ILE B 309 8.08 -40.56 71.53
CA ILE B 309 8.64 -40.05 70.28
C ILE B 309 7.74 -40.54 69.15
N LYS B 310 7.42 -41.81 69.25
CA LYS B 310 6.56 -42.52 68.33
C LYS B 310 5.27 -41.75 68.25
N TYR B 311 4.68 -41.57 69.41
CA TYR B 311 3.43 -40.83 69.56
C TYR B 311 3.59 -39.46 68.92
N ILE B 312 4.72 -38.81 69.21
CA ILE B 312 5.01 -37.49 68.65
C ILE B 312 5.17 -37.64 67.14
N ALA B 313 5.52 -38.86 66.74
CA ALA B 313 5.68 -39.19 65.33
C ALA B 313 4.33 -39.46 64.73
N GLU B 314 3.53 -40.23 65.48
CA GLU B 314 2.16 -40.62 65.11
C GLU B 314 1.35 -39.35 64.79
N GLN B 315 1.51 -38.34 65.64
CA GLN B 315 0.78 -37.08 65.48
C GLN B 315 1.34 -36.19 64.38
N LEU B 316 2.66 -36.13 64.25
CA LEU B 316 3.27 -35.29 63.20
C LEU B 316 2.60 -35.53 61.86
N GLU B 317 2.89 -36.69 61.28
CA GLU B 317 2.37 -37.08 59.99
C GLU B 317 0.85 -36.93 59.88
N SER B 318 0.11 -37.75 60.62
CA SER B 318 -1.35 -37.70 60.57
C SER B 318 -1.86 -36.27 60.68
N ALA B 319 -1.39 -35.53 61.69
CA ALA B 319 -1.86 -34.16 61.89
C ALA B 319 -1.84 -33.29 60.64
N SER B 320 -0.73 -33.24 59.92
CA SER B 320 -0.73 -32.39 58.75
C SER B 320 -1.32 -33.04 57.49
N GLU B 321 -1.38 -34.37 57.41
CA GLU B 321 -1.98 -34.90 56.20
C GLU B 321 -3.46 -34.45 56.21
N PHE B 322 -4.12 -34.40 57.37
CA PHE B 322 -5.50 -33.90 57.40
C PHE B 322 -5.44 -32.49 56.91
N ASP B 323 -4.39 -31.77 57.32
CA ASP B 323 -4.28 -30.40 56.89
C ASP B 323 -4.24 -30.37 55.38
N ASP B 324 -3.43 -31.25 54.79
CA ASP B 324 -3.35 -31.29 53.33
C ASP B 324 -4.52 -32.10 52.83
N LEU B 325 -5.22 -32.75 53.75
CA LEU B 325 -6.40 -33.52 53.43
C LEU B 325 -7.50 -32.48 53.35
N LYS B 326 -7.31 -31.39 54.09
CA LYS B 326 -8.27 -30.29 54.11
C LYS B 326 -8.23 -29.67 52.72
N LYS B 327 -7.03 -29.56 52.17
CA LYS B 327 -6.87 -28.98 50.85
C LYS B 327 -7.71 -29.82 49.88
N ASP B 328 -7.81 -31.13 50.13
CA ASP B 328 -8.63 -31.99 49.26
C ASP B 328 -10.07 -31.55 49.34
N TRP B 329 -10.56 -31.47 50.58
CA TRP B 329 -11.91 -31.06 50.85
C TRP B 329 -12.18 -29.72 50.10
N GLN B 330 -11.15 -28.89 50.05
CA GLN B 330 -11.22 -27.57 49.42
C GLN B 330 -11.20 -27.57 47.88
N TYR B 331 -10.36 -28.41 47.27
CA TYR B 331 -10.25 -28.51 45.80
C TYR B 331 -10.63 -29.91 45.28
N VAL B 332 -11.92 -30.24 45.45
CA VAL B 332 -12.54 -31.54 45.14
C VAL B 332 -12.86 -31.99 43.70
N ALA B 333 -13.26 -31.04 42.86
CA ALA B 333 -13.65 -31.31 41.45
C ALA B 333 -15.17 -31.30 41.20
N MET B 334 -15.94 -30.75 42.14
CA MET B 334 -17.40 -30.66 41.98
C MET B 334 -17.73 -29.68 40.87
N VAL B 335 -17.12 -28.51 40.98
CA VAL B 335 -17.32 -27.41 40.05
C VAL B 335 -16.96 -27.75 38.63
N ALA B 336 -15.72 -28.23 38.48
CA ALA B 336 -15.16 -28.63 37.19
C ALA B 336 -16.16 -29.52 36.45
N ASP B 337 -16.64 -30.56 37.12
CA ASP B 337 -17.59 -31.49 36.52
C ASP B 337 -18.84 -30.75 36.09
N ARG B 338 -19.43 -30.05 37.05
CA ARG B 338 -20.66 -29.29 36.90
C ARG B 338 -20.56 -28.19 35.84
N LEU B 339 -19.49 -27.42 35.87
CA LEU B 339 -19.41 -26.37 34.88
C LEU B 339 -18.74 -26.90 33.61
N PHE B 340 -18.01 -28.02 33.69
CA PHE B 340 -17.44 -28.58 32.45
C PHE B 340 -18.70 -29.13 31.72
N LEU B 341 -19.80 -29.34 32.44
CA LEU B 341 -20.97 -29.74 31.74
C LEU B 341 -21.86 -28.47 31.59
N TYR B 342 -21.55 -27.42 32.35
CA TYR B 342 -22.24 -26.15 32.17
C TYR B 342 -21.49 -25.69 30.93
N ILE B 343 -20.31 -26.27 30.77
CA ILE B 343 -19.44 -26.04 29.65
C ILE B 343 -20.15 -26.80 28.53
N PHE B 344 -20.74 -27.94 28.91
CA PHE B 344 -21.53 -28.80 28.03
C PHE B 344 -22.70 -27.99 27.51
N ILE B 345 -23.42 -27.37 28.42
CA ILE B 345 -24.60 -26.57 28.03
C ILE B 345 -24.17 -25.34 27.23
N THR B 346 -23.41 -24.46 27.88
CA THR B 346 -22.91 -23.24 27.27
C THR B 346 -22.41 -23.47 25.84
N MET B 347 -21.27 -24.12 25.74
CA MET B 347 -20.67 -24.31 24.44
C MET B 347 -21.47 -25.10 23.43
N CYS B 348 -22.27 -26.08 23.86
CA CYS B 348 -23.02 -26.81 22.88
C CYS B 348 -24.35 -26.03 22.60
N SER B 349 -24.74 -25.19 23.55
CA SER B 349 -25.94 -24.40 23.35
C SER B 349 -25.55 -23.22 22.47
N ILE B 350 -24.72 -22.30 22.95
CA ILE B 350 -24.30 -21.16 22.14
C ILE B 350 -23.72 -21.65 20.81
N GLY B 351 -23.21 -22.89 20.83
CA GLY B 351 -22.64 -23.47 19.63
C GLY B 351 -23.71 -23.80 18.60
N THR B 352 -24.71 -24.56 19.00
CA THR B 352 -25.80 -24.94 18.08
C THR B 352 -26.68 -23.74 17.75
N PHE B 353 -26.41 -22.59 18.40
CA PHE B 353 -27.17 -21.37 18.15
C PHE B 353 -26.65 -20.63 16.94
N SER B 354 -25.40 -20.20 16.99
CA SER B 354 -24.86 -19.49 15.80
C SER B 354 -24.81 -20.51 14.68
N ILE B 355 -24.61 -21.78 15.06
CA ILE B 355 -24.63 -22.92 14.13
C ILE B 355 -25.96 -22.75 13.41
N PHE B 356 -26.97 -22.51 14.24
CA PHE B 356 -28.33 -22.33 13.78
C PHE B 356 -28.49 -21.04 13.02
N LEU B 357 -28.17 -19.92 13.67
CA LEU B 357 -28.27 -18.63 13.00
C LEU B 357 -27.60 -18.77 11.65
N ASP B 358 -26.35 -19.21 11.67
CA ASP B 358 -25.61 -19.42 10.42
C ASP B 358 -26.46 -20.32 9.52
N ALA B 359 -27.01 -21.39 10.10
CA ALA B 359 -27.87 -22.34 9.40
C ALA B 359 -29.03 -21.53 8.79
N SER B 360 -29.75 -20.81 9.66
CA SER B 360 -30.88 -19.97 9.25
C SER B 360 -30.44 -18.89 8.27
N HIS B 361 -29.27 -18.31 8.49
CA HIS B 361 -28.79 -17.25 7.59
C HIS B 361 -28.60 -17.64 6.11
N ASN B 362 -28.15 -18.87 5.83
CA ASN B 362 -27.91 -19.25 4.42
C ASN B 362 -29.12 -19.82 3.70
N VAL B 363 -30.03 -20.39 4.46
CA VAL B 363 -31.20 -20.98 3.87
C VAL B 363 -32.36 -19.96 3.98
N PRO B 364 -32.74 -19.55 5.20
CA PRO B 364 -33.81 -18.57 5.38
C PRO B 364 -33.74 -17.26 4.53
N PRO B 365 -32.64 -16.48 4.65
CA PRO B 365 -32.58 -15.24 3.84
C PRO B 365 -32.00 -15.43 2.43
N ASP B 366 -32.38 -16.52 1.77
CA ASP B 366 -31.88 -16.85 0.46
C ASP B 366 -32.83 -16.57 -0.72
N ASN B 367 -34.12 -16.79 -0.50
CA ASN B 367 -35.08 -16.60 -1.59
C ASN B 367 -35.41 -15.18 -2.03
N PRO B 368 -34.98 -14.15 -1.28
CA PRO B 368 -35.37 -12.84 -1.83
C PRO B 368 -34.60 -12.44 -3.12
N PHE B 369 -34.23 -13.46 -3.91
CA PHE B 369 -33.53 -13.25 -5.19
C PHE B 369 -34.56 -12.58 -6.09
N ALA B 370 -34.90 -11.35 -5.71
CA ALA B 370 -35.92 -10.54 -6.37
C ALA B 370 -36.14 -9.43 -5.36
N VAL C 1 11.04 17.79 -59.15
CA VAL C 1 10.13 18.72 -59.86
C VAL C 1 9.25 17.92 -60.84
N ASN C 2 9.73 16.74 -61.22
CA ASN C 2 9.03 15.81 -62.11
C ASN C 2 7.55 15.77 -61.72
N GLU C 3 6.81 16.83 -61.97
CA GLU C 3 5.40 16.87 -61.60
C GLU C 3 5.30 16.69 -60.07
N GLU C 4 6.38 16.85 -59.31
CA GLU C 4 6.23 16.57 -57.88
C GLU C 4 5.29 17.56 -57.22
N GLU C 5 5.54 18.86 -57.24
CA GLU C 5 4.68 19.81 -56.60
C GLU C 5 3.25 19.41 -56.99
N ARG C 6 3.00 19.43 -58.30
CA ARG C 6 1.70 19.10 -58.85
C ARG C 6 1.16 17.76 -58.35
N LEU C 7 1.98 16.70 -58.39
CA LEU C 7 1.48 15.40 -57.95
C LEU C 7 1.13 15.30 -56.48
N ILE C 8 1.98 15.74 -55.56
CA ILE C 8 1.54 15.61 -54.18
C ILE C 8 0.38 16.59 -53.99
N ASN C 9 0.18 17.45 -54.99
CA ASN C 9 -0.93 18.36 -54.90
C ASN C 9 -2.04 17.46 -55.43
N ASP C 10 -1.67 16.54 -56.32
CA ASP C 10 -2.65 15.61 -56.86
C ASP C 10 -3.15 14.73 -55.73
N LEU C 11 -2.23 14.25 -54.89
CA LEU C 11 -2.60 13.40 -53.76
C LEU C 11 -3.10 14.27 -52.61
N LEU C 12 -2.41 15.39 -52.37
CA LEU C 12 -2.81 16.30 -51.29
C LEU C 12 -3.24 15.52 -50.08
N ILE C 13 -2.77 14.28 -49.98
CA ILE C 13 -3.13 13.36 -48.92
C ILE C 13 -4.52 13.75 -48.32
N VAL C 14 -4.51 14.64 -47.31
CA VAL C 14 -5.71 15.14 -46.63
C VAL C 14 -6.78 15.82 -47.50
N ASN C 15 -6.35 16.63 -48.46
CA ASN C 15 -7.25 17.40 -49.33
C ASN C 15 -7.75 16.63 -50.55
N LYS C 16 -6.86 15.98 -51.27
CA LYS C 16 -7.30 15.23 -52.43
C LYS C 16 -7.72 13.81 -52.07
N TYR C 17 -6.91 13.14 -51.24
CA TYR C 17 -7.21 11.78 -50.75
C TYR C 17 -8.31 11.91 -49.73
N ASN C 18 -9.21 10.93 -49.71
CA ASN C 18 -10.27 10.95 -48.73
C ASN C 18 -9.78 10.18 -47.50
N LYS C 19 -9.29 10.89 -46.49
CA LYS C 19 -8.84 10.14 -45.34
C LYS C 19 -10.04 9.78 -44.53
N HIS C 20 -11.10 10.58 -44.61
CA HIS C 20 -12.30 10.17 -43.89
C HIS C 20 -13.02 9.14 -44.77
N VAL C 21 -12.48 8.88 -45.96
CA VAL C 21 -13.05 7.91 -46.87
C VAL C 21 -12.07 6.78 -47.09
N ARG C 22 -12.49 5.59 -46.74
CA ARG C 22 -11.62 4.46 -46.88
C ARG C 22 -11.69 3.87 -48.29
N PRO C 23 -10.56 3.93 -48.99
CA PRO C 23 -10.48 3.41 -50.37
C PRO C 23 -10.71 1.92 -50.52
N VAL C 24 -11.97 1.50 -50.45
CA VAL C 24 -12.26 0.09 -50.60
C VAL C 24 -12.85 -0.11 -51.99
N LYS C 25 -12.35 0.69 -52.93
CA LYS C 25 -12.81 0.67 -54.33
C LYS C 25 -14.32 0.71 -54.34
N HIS C 26 -14.87 1.41 -53.35
CA HIS C 26 -16.32 1.58 -53.19
C HIS C 26 -16.97 0.30 -52.62
N ASN C 27 -18.29 0.27 -52.52
CA ASN C 27 -19.00 -0.91 -51.95
C ASN C 27 -18.76 -2.22 -52.68
N ASN C 28 -18.03 -3.13 -52.03
CA ASN C 28 -17.73 -4.42 -52.62
C ASN C 28 -17.50 -5.44 -51.54
N GLU C 29 -16.48 -6.28 -51.73
CA GLU C 29 -16.16 -7.30 -50.76
C GLU C 29 -15.38 -6.71 -49.60
N VAL C 30 -14.22 -6.01 -49.88
CA VAL C 30 -13.43 -5.41 -48.81
C VAL C 30 -12.05 -5.01 -49.31
N VAL C 31 -11.35 -4.19 -48.46
CA VAL C 31 -9.94 -3.75 -48.66
C VAL C 31 -9.15 -4.90 -48.01
N ASN C 32 -8.23 -5.53 -48.73
CA ASN C 32 -7.46 -6.63 -48.16
C ASN C 32 -6.48 -6.17 -47.06
N ILE C 33 -6.97 -6.11 -45.82
CA ILE C 33 -6.14 -5.70 -44.70
C ILE C 33 -5.62 -6.91 -43.92
N ALA C 34 -4.36 -6.84 -43.47
CA ALA C 34 -3.72 -7.96 -42.75
C ALA C 34 -3.05 -7.46 -41.46
N LEU C 35 -3.27 -8.18 -40.36
CA LEU C 35 -2.65 -7.78 -39.09
C LEU C 35 -1.60 -8.80 -38.65
N SER C 36 -0.54 -8.30 -38.05
CA SER C 36 0.55 -9.12 -37.59
C SER C 36 0.79 -8.85 -36.12
N LEU C 37 0.73 -9.90 -35.30
CA LEU C 37 0.92 -9.78 -33.87
C LEU C 37 2.23 -10.33 -33.33
N THR C 38 3.01 -9.45 -32.69
CA THR C 38 4.26 -9.88 -32.12
C THR C 38 4.38 -9.23 -30.74
N LEU C 39 4.36 -10.07 -29.71
CA LEU C 39 4.46 -9.55 -28.35
C LEU C 39 5.89 -9.12 -28.15
N SER C 40 6.07 -7.91 -27.63
CA SER C 40 7.42 -7.42 -27.39
C SER C 40 7.75 -7.61 -25.93
N ASN C 41 6.73 -7.77 -25.09
CA ASN C 41 6.97 -7.98 -23.66
C ASN C 41 5.69 -8.14 -22.85
N LEU C 42 5.80 -8.89 -21.76
CA LEU C 42 4.69 -9.14 -20.86
C LEU C 42 5.17 -8.62 -19.52
N ILE C 43 4.63 -7.50 -19.04
CA ILE C 43 5.13 -6.99 -17.78
C ILE C 43 4.41 -7.43 -16.51
N SER C 44 3.10 -7.66 -16.56
CA SER C 44 2.44 -8.11 -15.32
C SER C 44 1.29 -9.11 -15.57
N LEU C 45 1.25 -10.09 -14.67
CA LEU C 45 0.31 -11.21 -14.68
C LEU C 45 -0.53 -11.17 -13.40
N LYS C 46 -1.84 -11.37 -13.51
CA LYS C 46 -2.69 -11.41 -12.35
C LYS C 46 -3.56 -12.62 -12.68
N GLU C 47 -3.18 -13.75 -12.08
CA GLU C 47 -3.86 -15.02 -12.30
C GLU C 47 -5.25 -15.00 -11.72
N THR C 48 -5.35 -14.46 -10.51
CA THR C 48 -6.63 -14.33 -9.77
C THR C 48 -7.65 -13.59 -10.61
N ASP C 49 -7.37 -12.37 -11.04
CA ASP C 49 -8.48 -11.77 -11.81
C ASP C 49 -8.47 -11.83 -13.33
N GLU C 50 -7.64 -12.68 -13.93
CA GLU C 50 -7.59 -12.88 -15.37
C GLU C 50 -7.31 -11.58 -16.10
N THR C 51 -6.28 -10.85 -15.69
CA THR C 51 -5.86 -9.60 -16.29
C THR C 51 -4.38 -9.56 -16.60
N LEU C 52 -4.01 -9.11 -17.81
CA LEU C 52 -2.60 -9.07 -18.21
C LEU C 52 -2.22 -7.77 -18.94
N THR C 53 -1.07 -7.20 -18.55
CA THR C 53 -0.54 -5.96 -19.17
C THR C 53 0.61 -6.45 -20.06
N THR C 54 0.47 -6.31 -21.37
CA THR C 54 1.49 -6.81 -22.27
C THR C 54 1.74 -5.85 -23.47
N ASN C 55 2.97 -5.85 -24.01
CA ASN C 55 3.32 -4.99 -25.13
C ASN C 55 3.26 -5.74 -26.48
N VAL C 56 2.70 -5.12 -27.51
CA VAL C 56 2.67 -5.79 -28.81
C VAL C 56 3.05 -4.87 -29.95
N TRP C 57 3.70 -5.44 -30.96
CA TRP C 57 4.08 -4.70 -32.15
C TRP C 57 2.87 -4.90 -33.05
N MET C 58 2.08 -3.83 -33.22
CA MET C 58 0.84 -3.87 -34.03
C MET C 58 1.05 -3.83 -35.54
N ASP C 59 1.87 -4.74 -36.08
CA ASP C 59 2.14 -4.79 -37.52
C ASP C 59 0.86 -4.86 -38.39
N HIS C 60 0.63 -3.79 -39.15
CA HIS C 60 -0.55 -3.64 -40.00
C HIS C 60 -0.27 -3.36 -41.48
N ALA C 61 -1.07 -3.97 -42.36
CA ALA C 61 -0.90 -3.80 -43.80
C ALA C 61 -2.21 -3.72 -44.59
N TRP C 62 -2.26 -2.82 -45.57
CA TRP C 62 -3.44 -2.62 -46.44
C TRP C 62 -3.01 -1.75 -47.62
N TYR C 63 -3.58 -2.00 -48.79
CA TYR C 63 -3.19 -1.20 -49.97
C TYR C 63 -4.10 0.01 -50.13
N ASP C 64 -3.46 1.18 -50.16
CA ASP C 64 -4.08 2.50 -50.31
C ASP C 64 -4.02 2.84 -51.78
N HIS C 65 -5.04 2.42 -52.52
CA HIS C 65 -5.09 2.65 -53.95
C HIS C 65 -4.93 4.10 -54.40
N ARG C 66 -5.33 5.04 -53.54
CA ARG C 66 -5.15 6.45 -53.87
C ARG C 66 -3.73 6.90 -53.53
N LEU C 67 -3.02 6.06 -52.78
CA LEU C 67 -1.62 6.30 -52.36
C LEU C 67 -0.62 6.06 -53.47
N THR C 68 -1.01 5.29 -54.48
CA THR C 68 -0.04 5.04 -55.54
C THR C 68 0.44 6.36 -56.08
N TRP C 69 1.75 6.46 -56.19
CA TRP C 69 2.38 7.69 -56.68
C TRP C 69 2.90 7.50 -58.07
N ASN C 70 3.52 8.55 -58.60
CA ASN C 70 4.14 8.52 -59.92
C ASN C 70 5.60 8.79 -59.71
N ALA C 71 6.30 9.13 -60.79
CA ALA C 71 7.74 9.39 -60.70
C ALA C 71 8.20 10.27 -59.54
N SER C 72 7.69 11.49 -59.45
CA SER C 72 8.14 12.39 -58.39
C SER C 72 7.52 12.12 -57.02
N GLU C 73 7.17 10.87 -56.78
CA GLU C 73 6.56 10.45 -55.50
C GLU C 73 6.92 8.99 -55.33
N TYR C 74 6.44 8.19 -56.26
CA TYR C 74 6.65 6.72 -56.37
C TYR C 74 8.09 6.35 -56.56
N SER C 75 8.54 6.66 -57.78
CA SER C 75 9.92 6.34 -58.16
C SER C 75 10.91 7.35 -57.61
N ASP C 76 10.46 8.57 -57.32
CA ASP C 76 11.39 9.55 -56.77
C ASP C 76 11.99 8.83 -55.57
N ILE C 77 11.17 8.16 -54.85
CA ILE C 77 11.54 7.35 -53.68
C ILE C 77 10.50 6.26 -53.42
N SER C 78 10.81 5.03 -53.85
CA SER C 78 9.87 3.92 -53.76
C SER C 78 9.40 3.61 -52.33
N ILE C 79 9.63 4.54 -51.41
CA ILE C 79 9.28 4.41 -49.98
C ILE C 79 9.41 5.76 -49.28
N LEU C 80 8.36 6.22 -48.60
CA LEU C 80 8.39 7.50 -47.89
C LEU C 80 7.43 7.47 -46.70
N ARG C 81 7.56 8.44 -45.80
CA ARG C 81 6.69 8.51 -44.62
C ARG C 81 5.53 9.50 -44.72
N LEU C 82 4.51 9.24 -43.91
CA LEU C 82 3.29 10.06 -43.88
C LEU C 82 2.56 9.71 -42.56
N ARG C 83 2.33 10.71 -41.71
CA ARG C 83 1.66 10.55 -40.42
C ARG C 83 0.33 9.76 -40.50
N PRO C 84 -0.28 9.45 -39.34
CA PRO C 84 -1.56 8.71 -39.22
C PRO C 84 -2.75 9.49 -39.80
N GLU C 85 -2.75 10.79 -39.59
CA GLU C 85 -3.87 11.60 -40.05
C GLU C 85 -3.82 11.76 -41.56
N LEU C 86 -2.73 11.29 -42.17
CA LEU C 86 -2.55 11.36 -43.60
C LEU C 86 -2.41 9.94 -44.21
N ILE C 87 -2.69 8.94 -43.38
CA ILE C 87 -2.63 7.52 -43.73
C ILE C 87 -3.87 6.84 -43.20
N TRP C 88 -4.54 6.03 -44.01
CA TRP C 88 -5.69 5.29 -43.47
C TRP C 88 -5.14 4.32 -42.45
N ILE C 89 -5.73 4.28 -41.28
CA ILE C 89 -5.24 3.38 -40.23
C ILE C 89 -6.38 2.48 -39.75
N PRO C 90 -6.22 1.13 -39.74
CA PRO C 90 -7.29 0.25 -39.30
C PRO C 90 -7.60 0.53 -37.86
N ASP C 91 -8.86 0.40 -37.50
CA ASP C 91 -9.30 0.65 -36.11
C ASP C 91 -9.19 -0.62 -35.28
N ILE C 92 -7.99 -1.16 -35.24
CA ILE C 92 -7.73 -2.40 -34.51
C ILE C 92 -8.02 -2.19 -33.03
N VAL C 93 -8.94 -3.09 -32.67
CA VAL C 93 -9.51 -3.29 -31.34
C VAL C 93 -9.07 -4.65 -30.81
N LEU C 94 -8.70 -4.67 -29.55
CA LEU C 94 -8.25 -5.89 -28.96
C LEU C 94 -9.60 -6.45 -28.46
N GLN C 95 -10.22 -7.24 -29.34
CA GLN C 95 -11.54 -7.88 -29.17
C GLN C 95 -11.96 -8.32 -27.77
N ASN C 96 -11.14 -9.12 -27.11
CA ASN C 96 -11.54 -9.50 -25.75
C ASN C 96 -10.53 -9.03 -24.73
N ASN C 97 -9.45 -8.37 -25.20
CA ASN C 97 -8.44 -7.90 -24.28
C ASN C 97 -8.26 -6.41 -24.38
N ASN C 98 -9.14 -5.61 -24.99
CA ASN C 98 -8.91 -4.18 -25.05
C ASN C 98 -9.73 -3.42 -24.01
N ASP C 99 -10.11 -4.12 -22.95
CA ASP C 99 -10.85 -3.44 -21.87
C ASP C 99 -9.79 -2.65 -21.10
N GLY C 100 -9.14 -1.81 -21.89
CA GLY C 100 -8.04 -0.91 -21.48
C GLY C 100 -7.43 -0.36 -22.76
N GLN C 101 -7.88 0.82 -23.14
CA GLN C 101 -7.48 1.37 -24.44
C GLN C 101 -5.97 1.25 -24.64
N TYR C 102 -5.68 1.06 -25.92
CA TYR C 102 -4.35 0.84 -26.46
C TYR C 102 -3.47 2.07 -26.33
N ASN C 103 -2.16 1.93 -25.97
CA ASN C 103 -1.31 3.10 -25.88
C ASN C 103 -0.07 2.95 -26.75
N VAL C 104 0.16 4.12 -27.40
CA VAL C 104 1.23 4.44 -28.38
C VAL C 104 1.34 3.35 -29.43
N ALA C 105 0.16 2.94 -29.77
CA ALA C 105 -0.15 2.01 -30.84
C ALA C 105 -1.30 2.71 -31.53
N TYR C 106 -1.33 3.98 -31.17
CA TYR C 106 -2.34 4.92 -31.62
C TYR C 106 -1.77 6.01 -32.51
N PHE C 107 -2.56 6.42 -33.52
CA PHE C 107 -2.21 7.48 -34.46
C PHE C 107 -0.70 7.76 -34.55
N CYS C 108 0.08 6.75 -34.91
CA CYS C 108 1.53 6.88 -35.01
C CYS C 108 2.06 6.88 -36.45
N ASN C 109 3.30 7.33 -36.62
CA ASN C 109 3.96 7.36 -37.94
C ASN C 109 3.80 6.04 -38.65
N VAL C 110 3.40 6.11 -39.91
CA VAL C 110 3.21 4.91 -40.71
C VAL C 110 4.18 4.88 -41.90
N LEU C 111 4.31 3.72 -42.54
CA LEU C 111 5.20 3.58 -43.68
C LEU C 111 4.41 3.47 -45.00
N VAL C 112 4.75 4.39 -45.91
CA VAL C 112 4.19 4.59 -47.22
C VAL C 112 4.86 3.80 -48.32
N ARG C 113 4.31 2.67 -48.84
CA ARG C 113 4.98 2.00 -49.93
C ARG C 113 4.71 2.87 -51.19
N PRO C 114 5.24 2.48 -52.37
CA PRO C 114 5.06 3.23 -53.61
C PRO C 114 3.77 3.00 -54.36
N ASN C 115 3.28 1.77 -54.35
CA ASN C 115 2.06 1.53 -55.08
C ASN C 115 0.92 1.37 -54.07
N GLY C 116 0.62 2.43 -53.35
CA GLY C 116 -0.47 2.42 -52.39
C GLY C 116 -0.35 1.56 -51.14
N TYR C 117 0.29 0.38 -51.23
CA TYR C 117 0.42 -0.50 -50.05
C TYR C 117 1.00 0.33 -48.90
N VAL C 118 0.36 0.26 -47.74
CA VAL C 118 0.92 1.01 -46.62
C VAL C 118 1.20 0.07 -45.45
N THR C 119 2.07 0.54 -44.55
CA THR C 119 2.53 -0.24 -43.41
C THR C 119 2.57 0.54 -42.09
N TRP C 120 1.66 0.24 -41.16
CA TRP C 120 1.69 0.94 -39.89
C TRP C 120 1.83 -0.11 -38.77
N LEU C 121 2.87 0.05 -37.94
CA LEU C 121 3.14 -0.94 -36.90
C LEU C 121 3.76 -0.47 -35.58
N PRO C 122 3.06 0.42 -34.84
CA PRO C 122 3.77 0.76 -33.60
C PRO C 122 3.40 -0.14 -32.40
N PRO C 123 4.11 0.08 -31.27
CA PRO C 123 4.12 -0.54 -29.92
C PRO C 123 2.84 -0.45 -29.15
N ALA C 124 2.37 -1.52 -28.52
CA ALA C 124 1.12 -1.44 -27.79
C ALA C 124 1.20 -1.89 -26.31
N ILE C 125 1.17 -0.93 -25.37
CA ILE C 125 1.16 -1.23 -23.92
C ILE C 125 -0.32 -1.50 -23.69
N PHE C 126 -0.69 -2.75 -23.46
CA PHE C 126 -2.09 -2.99 -23.23
C PHE C 126 -2.44 -3.85 -22.02
N ARG C 127 -3.72 -3.83 -21.65
CA ARG C 127 -4.24 -4.59 -20.50
C ARG C 127 -5.31 -5.52 -21.05
N SER C 128 -5.32 -6.76 -20.59
CA SER C 128 -6.29 -7.73 -21.08
C SER C 128 -6.95 -8.60 -20.00
N SER C 129 -8.11 -9.17 -20.33
CA SER C 129 -8.78 -10.05 -19.39
C SER C 129 -8.86 -11.43 -20.03
N CYS C 130 -7.61 -12.06 -20.09
CA CYS C 130 -7.46 -13.40 -20.68
C CYS C 130 -8.03 -14.56 -19.84
N PRO C 131 -8.71 -15.62 -20.55
CA PRO C 131 -9.36 -16.84 -20.04
C PRO C 131 -8.71 -17.57 -18.89
N ILE C 132 -8.38 -16.84 -17.83
CA ILE C 132 -7.79 -17.45 -16.65
C ILE C 132 -8.79 -18.45 -16.07
N ASN C 133 -9.90 -17.93 -15.58
CA ASN C 133 -10.91 -18.80 -14.97
C ASN C 133 -10.22 -19.51 -13.82
N VAL C 134 -10.96 -20.25 -13.01
CA VAL C 134 -10.32 -20.94 -11.89
C VAL C 134 -9.70 -22.24 -12.41
N LEU C 135 -9.57 -22.34 -13.73
CA LEU C 135 -8.97 -23.50 -14.40
C LEU C 135 -7.63 -23.15 -15.05
N TYR C 136 -7.15 -21.96 -14.77
CA TYR C 136 -5.88 -21.44 -15.31
C TYR C 136 -4.86 -21.74 -14.22
N PHE C 137 -5.20 -22.73 -13.39
CA PHE C 137 -4.29 -23.14 -12.35
C PHE C 137 -3.92 -24.62 -12.37
N PRO C 138 -4.86 -25.50 -12.78
CA PRO C 138 -4.42 -26.89 -12.90
C PRO C 138 -3.16 -26.87 -13.75
N PHE C 139 -2.44 -27.97 -13.85
CA PHE C 139 -1.13 -27.97 -14.51
C PHE C 139 -1.27 -27.51 -15.96
N ASP C 140 -2.31 -27.60 -16.64
CA ASP C 140 -2.31 -27.28 -18.06
C ASP C 140 -2.24 -25.76 -18.10
N TRP C 141 -2.81 -25.13 -17.07
CA TRP C 141 -2.82 -23.69 -16.96
C TRP C 141 -3.47 -23.05 -18.16
N GLN C 142 -4.54 -23.65 -18.61
CA GLN C 142 -5.43 -23.19 -19.67
C GLN C 142 -4.63 -22.70 -20.88
N ASN C 143 -5.48 -21.96 -21.66
CA ASN C 143 -5.14 -21.35 -22.94
C ASN C 143 -5.73 -19.97 -23.04
N CYS C 144 -4.90 -18.95 -22.99
CA CYS C 144 -5.33 -17.55 -23.06
C CYS C 144 -5.65 -17.14 -24.50
N SER C 145 -6.93 -16.89 -24.77
CA SER C 145 -7.43 -16.52 -26.09
C SER C 145 -7.59 -15.02 -26.37
N LEU C 146 -7.06 -14.56 -27.51
CA LEU C 146 -7.18 -13.14 -27.84
C LEU C 146 -7.42 -12.92 -29.34
N LYS C 147 -8.29 -11.96 -29.64
CA LYS C 147 -8.64 -11.65 -31.05
C LYS C 147 -8.35 -10.17 -31.37
N PHE C 148 -7.67 -9.93 -32.49
CA PHE C 148 -7.35 -8.56 -32.88
C PHE C 148 -7.96 -8.25 -34.27
N THR C 149 -8.37 -7.00 -34.47
CA THR C 149 -8.93 -6.57 -35.76
C THR C 149 -9.51 -5.17 -35.80
N ALA C 150 -9.76 -4.72 -37.02
CA ALA C 150 -10.32 -3.41 -37.28
C ALA C 150 -11.80 -3.37 -36.94
N LEU C 151 -12.03 -2.93 -35.72
CA LEU C 151 -13.32 -2.75 -35.04
C LEU C 151 -14.50 -2.19 -35.87
N ASN C 152 -14.28 -1.02 -36.44
CA ASN C 152 -15.29 -0.27 -37.22
C ASN C 152 -15.82 -0.89 -38.52
N TYR C 153 -14.92 -1.32 -39.39
CA TYR C 153 -15.30 -1.88 -40.68
C TYR C 153 -15.82 -3.32 -40.68
N ASN C 154 -16.69 -3.65 -41.63
CA ASN C 154 -17.23 -5.02 -41.68
C ASN C 154 -16.59 -5.88 -42.78
N ALA C 155 -17.33 -6.89 -43.27
CA ALA C 155 -16.83 -7.82 -44.28
C ALA C 155 -16.90 -7.27 -45.69
N ASN C 156 -17.40 -6.06 -45.81
CA ASN C 156 -17.48 -5.42 -47.10
C ASN C 156 -16.85 -4.05 -47.03
N GLU C 157 -16.10 -3.85 -45.94
CA GLU C 157 -15.35 -2.63 -45.77
C GLU C 157 -13.97 -2.99 -45.17
N ILE C 158 -13.82 -4.23 -44.67
CA ILE C 158 -12.54 -4.74 -44.15
C ILE C 158 -12.42 -6.26 -44.07
N SER C 159 -11.22 -6.76 -44.40
CA SER C 159 -10.88 -8.17 -44.37
C SER C 159 -9.50 -8.36 -43.79
N MET C 160 -9.41 -8.84 -42.56
CA MET C 160 -8.07 -9.02 -42.00
C MET C 160 -7.66 -10.49 -41.89
N ASP C 161 -6.58 -10.81 -42.59
CA ASP C 161 -6.04 -12.18 -42.57
C ASP C 161 -4.81 -12.19 -41.70
N LEU C 162 -4.35 -13.39 -41.37
CA LEU C 162 -3.21 -13.59 -40.52
C LEU C 162 -2.00 -13.99 -41.37
N ILE C 163 3.40 -16.55 -35.15
CA ILE C 163 4.16 -15.84 -34.13
C ILE C 163 3.90 -16.48 -32.76
N ILE C 164 4.96 -16.86 -32.05
CA ILE C 164 4.84 -17.45 -30.75
C ILE C 164 4.69 -16.38 -29.66
N ASP C 165 4.02 -16.73 -28.56
CA ASP C 165 3.79 -15.82 -27.43
C ASP C 165 5.09 -15.71 -26.63
N PRO C 166 5.82 -16.84 -26.50
CA PRO C 166 7.09 -16.86 -25.76
C PRO C 166 8.22 -16.18 -26.55
N GLU C 167 7.89 -15.56 -27.69
CA GLU C 167 8.90 -14.90 -28.51
C GLU C 167 9.39 -13.68 -27.76
N ALA C 168 8.51 -13.12 -26.92
CA ALA C 168 8.87 -11.98 -26.08
C ALA C 168 8.18 -12.13 -24.75
N PHE C 169 8.01 -13.41 -24.37
CA PHE C 169 7.47 -13.68 -23.04
C PHE C 169 8.33 -13.09 -21.93
N THR C 170 7.78 -12.54 -20.94
CA THR C 170 8.65 -11.94 -19.93
C THR C 170 9.28 -12.99 -19.05
N GLU C 171 10.58 -12.87 -18.87
CA GLU C 171 11.30 -13.84 -18.06
C GLU C 171 11.15 -13.58 -16.57
N ASN C 172 10.51 -12.47 -16.22
CA ASN C 172 10.32 -12.17 -14.81
C ASN C 172 8.88 -12.52 -14.41
N GLY C 173 8.26 -13.37 -15.20
CA GLY C 173 6.91 -13.79 -14.88
C GLY C 173 6.97 -15.03 -14.01
N GLU C 174 5.92 -15.23 -13.22
CA GLU C 174 5.87 -16.33 -12.26
C GLU C 174 5.30 -17.59 -12.90
N TRP C 175 5.25 -17.50 -14.22
CA TRP C 175 4.72 -18.57 -15.06
C TRP C 175 5.69 -18.86 -16.19
N GLU C 176 5.10 -19.90 -16.94
CA GLU C 176 5.86 -20.49 -18.03
C GLU C 176 4.99 -20.55 -19.29
N ILE C 177 5.55 -20.09 -20.39
CA ILE C 177 4.84 -20.11 -21.67
C ILE C 177 5.18 -21.37 -22.47
N ILE C 178 4.19 -22.25 -22.69
CA ILE C 178 4.38 -23.55 -23.33
C ILE C 178 4.09 -23.44 -24.83
N HIS C 179 3.09 -22.70 -25.28
CA HIS C 179 2.79 -22.57 -26.70
C HIS C 179 1.98 -21.34 -27.06
N LYS C 180 1.97 -21.00 -28.39
CA LYS C 180 1.26 -19.81 -28.85
C LYS C 180 0.93 -19.91 -30.33
N PRO C 181 -0.26 -20.46 -30.68
CA PRO C 181 -0.73 -20.59 -32.07
C PRO C 181 -1.44 -19.34 -32.61
N ALA C 182 -1.39 -19.13 -33.92
CA ALA C 182 -1.98 -17.97 -34.57
C ALA C 182 -2.79 -18.30 -35.83
N LYS C 183 -4.10 -17.99 -35.86
CA LYS C 183 -4.92 -18.24 -37.04
C LYS C 183 -6.07 -17.22 -37.16
N LYS C 184 -6.12 -16.49 -38.27
CA LYS C 184 -7.17 -15.49 -38.50
C LYS C 184 -8.49 -16.15 -38.83
N ASN C 185 -9.51 -15.31 -39.03
CA ASN C 185 -10.84 -15.78 -39.37
C ASN C 185 -11.73 -14.58 -39.63
N ILE C 186 -13.01 -14.86 -39.86
CA ILE C 186 -13.99 -13.82 -40.11
C ILE C 186 -15.26 -14.42 -39.54
N TYR C 187 -16.15 -13.60 -39.01
CA TYR C 187 -17.38 -14.18 -38.54
C TYR C 187 -18.57 -13.33 -38.26
N GLY C 188 -19.69 -13.82 -38.75
CA GLY C 188 -20.93 -13.11 -38.55
C GLY C 188 -21.54 -13.67 -37.29
N ASP C 189 -22.73 -13.23 -36.94
CA ASP C 189 -23.35 -13.81 -35.75
C ASP C 189 -24.86 -13.87 -35.93
N LYS C 190 -25.55 -14.32 -34.90
CA LYS C 190 -27.00 -14.50 -34.96
C LYS C 190 -27.81 -13.23 -35.15
N PHE C 191 -27.56 -12.23 -34.33
CA PHE C 191 -28.35 -11.02 -34.47
C PHE C 191 -27.95 -10.23 -35.73
N PRO C 192 -26.70 -10.39 -36.21
CA PRO C 192 -26.25 -9.68 -37.43
C PRO C 192 -26.75 -10.47 -38.64
N ASN C 193 -27.26 -9.78 -39.67
CA ASN C 193 -27.77 -10.43 -40.86
C ASN C 193 -26.74 -10.40 -41.97
N GLY C 194 -25.46 -10.17 -41.63
CA GLY C 194 -24.41 -10.12 -42.63
C GLY C 194 -23.07 -10.40 -41.99
N THR C 195 -22.11 -10.87 -42.79
CA THR C 195 -20.79 -11.16 -42.25
C THR C 195 -19.96 -9.88 -42.21
N ASN C 196 -18.90 -9.91 -41.42
CA ASN C 196 -18.05 -8.74 -41.29
C ASN C 196 -16.71 -8.95 -40.56
N TYR C 197 -16.01 -7.89 -40.23
CA TYR C 197 -14.71 -7.79 -39.58
C TYR C 197 -14.09 -9.17 -39.39
N GLN C 198 -12.90 -9.32 -40.03
CA GLN C 198 -12.02 -10.49 -39.99
C GLN C 198 -11.08 -10.19 -38.82
N ASP C 199 -10.50 -11.20 -38.19
CA ASP C 199 -9.65 -10.97 -37.02
C ASP C 199 -8.49 -11.95 -36.75
N VAL C 200 -7.50 -11.46 -36.00
CA VAL C 200 -6.34 -12.23 -35.58
C VAL C 200 -6.59 -12.93 -34.23
N THR C 201 -6.87 -14.22 -34.27
CA THR C 201 -7.14 -15.03 -33.08
C THR C 201 -5.83 -15.64 -32.61
N PHE C 202 -5.35 -15.25 -31.42
CA PHE C 202 -4.09 -15.83 -30.96
C PHE C 202 -4.24 -16.46 -29.56
N TYR C 203 -4.19 -17.79 -29.53
CA TYR C 203 -4.32 -18.49 -28.25
C TYR C 203 -2.94 -18.68 -27.61
N LEU C 204 -2.88 -18.39 -26.31
CA LEU C 204 -1.64 -18.53 -25.55
C LEU C 204 -1.93 -19.56 -24.50
N ILE C 205 -1.34 -20.71 -24.66
CA ILE C 205 -1.44 -21.75 -23.65
C ILE C 205 -0.21 -21.78 -22.75
N ILE C 206 -0.38 -21.41 -21.51
CA ILE C 206 0.76 -21.32 -20.60
C ILE C 206 0.64 -22.19 -19.34
N ARG C 207 1.58 -22.01 -18.44
CA ARG C 207 1.64 -22.77 -17.20
C ARG C 207 2.44 -21.93 -16.19
N ARG C 208 2.21 -22.13 -14.89
CA ARG C 208 2.95 -21.42 -13.86
C ARG C 208 2.83 -22.11 -12.52
N LYS C 209 3.74 -21.74 -11.62
CA LYS C 209 3.80 -22.21 -10.23
C LYS C 209 5.25 -22.22 -9.84
N PRO C 210 5.52 -21.74 -8.63
CA PRO C 210 6.89 -21.67 -8.11
C PRO C 210 7.44 -22.99 -7.65
N LEU C 211 8.77 -23.03 -7.60
CA LEU C 211 9.45 -24.21 -7.12
C LEU C 211 10.17 -23.66 -5.93
N PHE C 212 9.58 -22.69 -5.36
CA PHE C 212 10.20 -21.96 -4.27
C PHE C 212 9.31 -21.94 -3.04
N TYR C 213 7.92 -21.77 -3.34
CA TYR C 213 7.02 -21.77 -2.18
C TYR C 213 7.18 -23.15 -1.54
N VAL C 214 7.23 -24.19 -2.37
CA VAL C 214 7.47 -25.61 -1.98
C VAL C 214 8.65 -25.74 -1.04
N ILE C 215 9.68 -24.95 -1.32
CA ILE C 215 10.92 -25.02 -0.54
C ILE C 215 10.74 -24.64 0.93
N ASN C 216 10.53 -23.35 1.20
CA ASN C 216 10.37 -22.86 2.57
C ASN C 216 9.01 -23.26 3.21
N PHE C 217 8.06 -23.79 2.43
CA PHE C 217 6.77 -24.16 3.02
C PHE C 217 6.61 -25.63 3.45
N ILE C 218 7.22 -26.57 2.73
CA ILE C 218 7.14 -27.98 3.12
C ILE C 218 8.25 -28.18 4.13
N THR C 219 9.30 -27.36 3.97
CA THR C 219 10.48 -27.39 4.84
C THR C 219 10.06 -27.41 6.31
N PRO C 220 9.21 -26.45 6.71
CA PRO C 220 8.74 -26.36 8.10
C PRO C 220 7.85 -27.53 8.46
N CYS C 221 7.22 -28.12 7.45
CA CYS C 221 6.34 -29.21 7.75
C CYS C 221 7.08 -30.44 8.24
N VAL C 222 8.17 -30.82 7.57
CA VAL C 222 8.89 -31.98 8.05
C VAL C 222 9.64 -31.56 9.32
N LEU C 223 9.99 -30.28 9.42
CA LEU C 223 10.66 -29.81 10.62
C LEU C 223 9.60 -29.78 11.72
N ILE C 224 8.51 -29.05 11.50
CA ILE C 224 7.41 -28.98 12.46
C ILE C 224 6.92 -30.41 12.76
N SER C 225 6.63 -31.19 11.72
CA SER C 225 6.16 -32.56 11.91
C SER C 225 7.10 -33.33 12.81
N PHE C 226 8.41 -33.16 12.66
CA PHE C 226 9.26 -33.93 13.55
C PHE C 226 9.01 -33.49 15.00
N LEU C 227 8.65 -32.22 15.21
CA LEU C 227 8.35 -31.74 16.59
C LEU C 227 7.14 -32.55 17.10
N ALA C 228 6.07 -32.59 16.29
CA ALA C 228 4.88 -33.34 16.68
C ALA C 228 5.21 -34.82 16.60
N ALA C 229 6.14 -35.15 15.71
CA ALA C 229 6.54 -36.51 15.55
C ALA C 229 7.35 -36.86 16.81
N LEU C 230 8.29 -35.99 17.17
CA LEU C 230 9.12 -36.16 18.34
C LEU C 230 8.18 -35.99 19.53
N ALA C 231 7.14 -35.17 19.33
CA ALA C 231 6.14 -34.93 20.36
C ALA C 231 5.81 -36.26 20.99
N PHE C 232 5.50 -37.24 20.15
CA PHE C 232 5.16 -38.57 20.65
C PHE C 232 6.34 -39.46 21.05
N TYR C 233 7.51 -39.11 20.57
CA TYR C 233 8.74 -39.79 20.99
C TYR C 233 9.24 -39.23 22.31
N LEU C 234 8.90 -37.94 22.48
CA LEU C 234 9.28 -37.16 23.66
C LEU C 234 8.48 -37.45 24.94
N PRO C 235 7.24 -37.96 24.79
CA PRO C 235 6.32 -38.32 25.88
C PRO C 235 6.95 -39.50 26.64
N ALA C 236 7.88 -40.15 25.96
CA ALA C 236 8.55 -41.31 26.50
C ALA C 236 9.85 -40.90 27.11
N GLU C 237 10.74 -40.34 26.30
CA GLU C 237 12.04 -39.90 26.77
C GLU C 237 11.91 -39.04 28.02
N SER C 238 10.76 -38.41 28.18
CA SER C 238 10.54 -37.55 29.34
C SER C 238 9.17 -36.86 29.25
N GLY C 239 8.11 -37.57 29.59
CA GLY C 239 6.79 -36.96 29.53
C GLY C 239 6.58 -35.99 30.67
N GLU C 240 7.50 -36.01 31.63
CA GLU C 240 7.40 -35.13 32.78
C GLU C 240 7.51 -33.65 32.44
N LYS C 241 7.88 -33.35 31.20
CA LYS C 241 7.99 -31.95 30.80
C LYS C 241 6.53 -31.53 30.47
N MET C 242 5.59 -31.84 31.38
CA MET C 242 4.17 -31.53 31.17
C MET C 242 3.91 -30.10 30.68
N SER C 243 4.01 -29.13 31.58
CA SER C 243 3.81 -27.68 31.31
C SER C 243 4.62 -27.18 30.12
N THR C 244 5.89 -27.58 30.09
CA THR C 244 6.81 -27.17 29.03
C THR C 244 6.40 -27.80 27.71
N ALA C 245 5.80 -28.97 27.78
CA ALA C 245 5.35 -29.68 26.61
C ALA C 245 4.12 -28.90 26.08
N ILE C 246 3.36 -28.41 27.04
CA ILE C 246 2.15 -27.60 26.87
C ILE C 246 2.56 -26.27 26.22
N CYS C 247 3.63 -25.69 26.73
CA CYS C 247 4.15 -24.47 26.13
C CYS C 247 4.35 -24.64 24.63
N VAL C 248 4.99 -25.74 24.27
CA VAL C 248 5.25 -26.00 22.87
C VAL C 248 3.95 -26.07 22.08
N LEU C 249 2.85 -26.54 22.66
CA LEU C 249 1.62 -26.55 21.88
C LEU C 249 1.24 -25.10 21.59
N LEU C 250 1.17 -24.25 22.61
CA LEU C 250 0.87 -22.85 22.33
C LEU C 250 1.70 -22.31 21.16
N ALA C 251 3.12 -22.64 21.40
CA ALA C 251 4.10 -22.21 20.48
C ALA C 251 3.93 -22.89 19.09
N GLN C 252 3.81 -24.22 19.00
CA GLN C 252 3.63 -24.82 17.67
C GLN C 252 2.25 -24.42 17.13
N ALA C 253 1.36 -23.98 18.02
CA ALA C 253 0.03 -23.57 17.58
C ALA C 253 0.06 -22.20 16.94
N VAL C 254 0.57 -21.18 17.65
CA VAL C 254 0.65 -19.82 17.08
C VAL C 254 1.41 -19.83 15.76
N PHE C 255 2.37 -20.73 15.65
CA PHE C 255 3.19 -20.90 14.44
C PHE C 255 2.34 -21.34 13.24
N LEU C 256 1.50 -22.32 13.53
CA LEU C 256 0.56 -22.95 12.62
C LEU C 256 -0.48 -21.97 12.08
N LEU C 257 -1.12 -21.26 13.00
CA LEU C 257 -2.17 -20.33 12.63
C LEU C 257 -1.70 -19.26 11.64
N LEU C 258 -0.77 -18.38 12.00
CA LEU C 258 -0.38 -17.35 11.05
C LEU C 258 0.35 -17.93 9.83
N THR C 259 0.90 -19.14 9.94
CA THR C 259 1.47 -19.71 8.72
C THR C 259 0.40 -19.86 7.65
N SER C 260 -0.78 -20.33 8.19
CA SER C 260 -1.95 -20.36 7.33
C SER C 260 -2.38 -18.95 6.96
N GLN C 261 -2.08 -17.98 7.68
CA GLN C 261 -2.51 -16.63 7.43
C GLN C 261 -1.78 -16.02 6.23
N ARG C 262 -0.48 -16.29 6.19
CA ARG C 262 0.30 -15.93 5.02
C ARG C 262 -0.21 -16.64 3.77
N LEU C 263 -0.90 -17.70 3.94
CA LEU C 263 -1.33 -18.54 2.84
C LEU C 263 -2.42 -17.92 1.98
N PRO C 264 -3.47 -17.34 2.61
CA PRO C 264 -4.54 -16.73 1.81
C PRO C 264 -4.12 -15.40 1.21
N GLU C 265 -3.30 -14.66 1.95
CA GLU C 265 -2.72 -13.40 1.55
C GLU C 265 -2.18 -13.51 0.13
N THR C 266 -1.30 -14.48 -0.05
CA THR C 266 -0.71 -14.75 -1.37
C THR C 266 -1.71 -15.46 -2.27
N ALA C 267 -2.63 -16.00 -1.48
CA ALA C 267 -3.74 -16.69 -2.12
C ALA C 267 -4.55 -15.67 -2.90
N LEU C 268 -5.22 -14.75 -2.19
CA LEU C 268 -6.03 -13.75 -2.89
C LEU C 268 -5.29 -13.17 -4.10
N ALA C 269 -3.99 -12.91 -3.92
CA ALA C 269 -3.18 -12.39 -5.02
C ALA C 269 -3.05 -13.43 -6.12
N VAL C 270 -3.48 -14.66 -5.82
CA VAL C 270 -3.43 -15.81 -6.75
C VAL C 270 -4.66 -16.70 -6.59
N PRO C 271 -5.42 -16.94 -7.68
CA PRO C 271 -6.60 -17.79 -7.51
C PRO C 271 -6.11 -19.23 -7.34
N LEU C 272 -6.05 -19.69 -6.10
CA LEU C 272 -5.59 -21.04 -5.87
C LEU C 272 -6.74 -22.04 -5.91
N ILE C 273 -6.44 -23.22 -6.44
CA ILE C 273 -7.45 -24.27 -6.54
C ILE C 273 -7.75 -24.87 -5.16
N GLY C 274 -8.85 -25.58 -5.12
CA GLY C 274 -9.35 -26.24 -3.91
C GLY C 274 -8.61 -27.56 -3.65
N LYS C 275 -8.11 -28.14 -4.72
CA LYS C 275 -7.41 -29.43 -4.66
C LYS C 275 -6.12 -29.34 -3.84
N TYR C 276 -5.34 -28.29 -4.08
CA TYR C 276 -4.03 -28.14 -3.46
C TYR C 276 -4.15 -27.50 -2.08
N LEU C 277 -5.00 -26.52 -1.94
CA LEU C 277 -5.10 -25.74 -0.70
C LEU C 277 -5.53 -26.57 0.48
N MET C 278 -6.11 -27.76 0.13
CA MET C 278 -6.62 -28.58 1.22
C MET C 278 -5.44 -29.43 1.74
N PHE C 279 -4.66 -30.06 0.86
CA PHE C 279 -3.52 -30.85 1.30
C PHE C 279 -2.64 -30.05 2.25
N ILE C 280 -2.49 -28.75 2.03
CA ILE C 280 -1.70 -27.93 2.88
C ILE C 280 -2.36 -27.87 4.24
N MET C 281 -3.48 -27.17 4.29
CA MET C 281 -4.24 -26.98 5.54
C MET C 281 -4.84 -28.24 6.14
N SER C 282 -5.01 -29.28 5.33
CA SER C 282 -5.53 -30.55 5.80
C SER C 282 -4.49 -31.21 6.71
N LEU C 283 -3.25 -31.23 6.22
CA LEU C 283 -2.14 -31.84 6.95
C LEU C 283 -1.62 -31.03 8.12
N VAL C 284 -1.68 -29.70 8.04
CA VAL C 284 -1.17 -28.95 9.17
C VAL C 284 -2.22 -29.20 10.25
N THR C 285 -3.47 -29.41 9.81
CA THR C 285 -4.56 -29.70 10.73
C THR C 285 -4.32 -31.10 11.30
N GLY C 286 -3.74 -31.96 10.46
CA GLY C 286 -3.41 -33.31 10.89
C GLY C 286 -2.56 -33.22 12.14
N VAL C 287 -1.67 -32.25 12.16
CA VAL C 287 -0.83 -32.05 13.33
C VAL C 287 -1.67 -31.27 14.35
N VAL C 288 -2.43 -30.28 13.87
CA VAL C 288 -3.26 -29.47 14.77
C VAL C 288 -4.09 -30.44 15.62
N VAL C 289 -4.76 -31.39 14.94
CA VAL C 289 -5.57 -32.43 15.56
C VAL C 289 -4.67 -33.17 16.55
N ASN C 290 -3.55 -33.67 16.05
CA ASN C 290 -2.70 -34.41 16.95
C ASN C 290 -2.06 -33.50 18.01
N CYS C 291 -2.15 -32.17 17.87
CA CYS C 291 -1.62 -31.31 18.90
C CYS C 291 -2.71 -31.39 19.99
N GLY C 292 -3.96 -31.31 19.55
CA GLY C 292 -5.07 -31.43 20.48
C GLY C 292 -4.96 -32.84 21.03
N ILE C 293 -4.57 -33.77 20.16
CA ILE C 293 -4.39 -35.18 20.57
C ILE C 293 -3.26 -35.13 21.57
N VAL C 294 -2.23 -34.39 21.17
CA VAL C 294 -1.01 -34.19 21.96
C VAL C 294 -1.54 -33.87 23.34
N LEU C 295 -2.42 -32.88 23.40
CA LEU C 295 -3.03 -32.46 24.64
C LEU C 295 -3.41 -33.66 25.49
N ASN C 296 -4.54 -34.14 25.31
CA ASN C 296 -5.08 -35.32 25.98
C ASN C 296 -4.05 -36.44 25.99
N PHE C 297 -3.50 -36.86 24.80
CA PHE C 297 -2.68 -38.06 24.81
C PHE C 297 -1.45 -37.92 25.69
N HIS C 298 -1.06 -36.53 25.73
CA HIS C 298 0.04 -36.09 26.54
C HIS C 298 -0.37 -35.86 28.02
N PHE C 299 -1.69 -35.58 28.36
CA PHE C 299 -2.07 -35.42 29.75
C PHE C 299 -3.28 -36.29 30.09
N ARG C 300 -3.57 -37.25 29.22
CA ARG C 300 -4.80 -38.09 29.22
C ARG C 300 -5.01 -39.12 30.39
N THR C 301 -4.01 -39.54 31.19
CA THR C 301 -4.24 -40.54 32.22
C THR C 301 -4.68 -39.87 33.52
N PRO C 302 -5.52 -40.59 34.35
CA PRO C 302 -6.18 -40.01 35.51
C PRO C 302 -5.19 -39.52 36.58
N SER C 303 -4.10 -40.29 36.65
CA SER C 303 -3.12 -39.99 37.67
C SER C 303 -1.76 -39.66 37.04
N THR C 304 -1.37 -40.36 35.98
CA THR C 304 -0.08 -40.11 35.29
C THR C 304 -0.12 -38.70 34.69
N HIS C 305 -1.24 -38.39 34.04
CA HIS C 305 -1.45 -37.08 33.43
C HIS C 305 -0.20 -36.37 32.87
N SER C 306 5.59 -54.93 73.50
CA SER C 306 4.88 -55.06 72.23
C SER C 306 4.41 -53.69 71.75
N GLY C 307 4.72 -52.65 72.52
CA GLY C 307 4.32 -51.31 72.15
C GLY C 307 5.19 -50.75 71.01
N ILE C 308 6.49 -50.92 71.12
CA ILE C 308 7.42 -50.45 70.10
C ILE C 308 7.07 -51.08 68.75
N ASP C 309 6.67 -52.35 68.76
CA ASP C 309 6.30 -53.05 67.52
C ASP C 309 5.07 -52.37 66.97
N SER C 310 4.16 -52.03 67.88
CA SER C 310 2.90 -51.35 67.54
C SER C 310 3.19 -50.08 66.74
N THR C 311 4.12 -49.27 67.23
CA THR C 311 4.49 -48.02 66.58
C THR C 311 5.10 -48.17 65.23
N ASN C 312 6.04 -49.08 65.10
CA ASN C 312 6.65 -49.15 63.79
C ASN C 312 5.76 -49.84 62.81
N TYR C 313 4.80 -50.61 63.32
CA TYR C 313 3.89 -51.29 62.45
C TYR C 313 3.04 -50.13 61.87
N ILE C 314 2.82 -49.10 62.67
CA ILE C 314 2.07 -47.94 62.26
C ILE C 314 2.72 -47.43 60.98
N VAL C 315 4.04 -47.37 61.02
CA VAL C 315 4.82 -46.86 59.91
C VAL C 315 4.78 -47.86 58.74
N LYS C 316 4.95 -49.15 59.02
CA LYS C 316 4.91 -50.13 57.94
C LYS C 316 3.50 -50.00 57.33
N GLN C 317 2.52 -49.56 58.13
CA GLN C 317 1.18 -49.38 57.65
C GLN C 317 1.20 -48.17 56.73
N ILE C 318 1.65 -47.04 57.25
CA ILE C 318 1.72 -45.84 56.43
C ILE C 318 2.59 -46.18 55.20
N LYS C 319 3.58 -47.08 55.43
CA LYS C 319 4.51 -47.57 54.39
C LYS C 319 3.76 -48.04 53.15
N GLU C 320 3.26 -49.25 53.29
CA GLU C 320 2.50 -49.98 52.28
C GLU C 320 1.38 -49.14 51.70
N LYS C 321 0.60 -48.55 52.59
CA LYS C 321 -0.55 -47.70 52.24
C LYS C 321 -0.35 -46.72 51.10
N ASN C 322 0.61 -45.82 51.25
CA ASN C 322 0.83 -44.85 50.19
C ASN C 322 1.66 -45.48 49.05
N ALA C 323 2.07 -46.73 49.27
CA ALA C 323 2.80 -47.44 48.24
C ALA C 323 1.69 -47.82 47.26
N TYR C 324 0.47 -47.91 47.79
CA TYR C 324 -0.68 -48.21 46.95
C TYR C 324 -0.99 -46.96 46.13
N ASP C 325 -0.85 -45.79 46.73
CA ASP C 325 -1.06 -44.50 46.05
C ASP C 325 -0.06 -44.44 44.91
N GLU C 326 1.22 -44.45 45.31
CA GLU C 326 2.39 -44.44 44.42
C GLU C 326 2.14 -45.26 43.16
N GLU C 327 1.66 -46.48 43.37
CA GLU C 327 1.38 -47.44 42.30
C GLU C 327 0.07 -47.21 41.57
N VAL C 328 -0.90 -46.60 42.23
CA VAL C 328 -2.19 -46.31 41.60
C VAL C 328 -1.85 -45.49 40.38
N GLY C 329 -0.71 -44.80 40.47
CA GLY C 329 -0.23 -43.92 39.42
C GLY C 329 0.44 -44.63 38.26
N ASN C 330 1.31 -45.58 38.55
CA ASN C 330 1.98 -46.30 37.45
C ASN C 330 0.96 -47.19 36.76
N TRP C 331 -0.17 -47.43 37.44
CA TRP C 331 -1.26 -48.22 36.88
C TRP C 331 -1.72 -47.47 35.64
N ASN C 332 -1.73 -46.13 35.76
CA ASN C 332 -2.16 -45.16 34.79
C ASN C 332 -1.07 -44.93 33.75
N LEU C 333 0.18 -44.86 34.19
CA LEU C 333 1.34 -44.62 33.31
C LEU C 333 1.08 -45.13 31.90
N VAL C 334 0.74 -46.41 31.81
CA VAL C 334 0.46 -46.99 30.47
C VAL C 334 1.78 -46.90 29.66
N GLY C 335 2.76 -47.79 29.92
CA GLY C 335 4.03 -47.71 29.21
C GLY C 335 4.25 -48.76 28.15
N GLN C 336 3.54 -49.87 28.24
CA GLN C 336 3.68 -50.92 27.25
C GLN C 336 2.86 -50.56 26.03
N THR C 337 2.27 -49.37 26.12
CA THR C 337 1.43 -48.77 25.10
C THR C 337 2.29 -47.75 24.36
N ILE C 338 3.36 -47.35 25.03
CA ILE C 338 4.29 -46.33 24.52
C ILE C 338 4.68 -46.49 23.06
N ASP C 339 5.48 -47.52 22.77
CA ASP C 339 5.92 -47.78 21.41
C ASP C 339 4.77 -47.84 20.45
N ARG C 340 3.71 -48.58 20.80
CA ARG C 340 2.58 -48.63 19.86
C ARG C 340 2.10 -47.23 19.53
N LEU C 341 2.06 -46.33 20.52
CA LEU C 341 1.61 -44.99 20.24
C LEU C 341 2.53 -44.40 19.17
N SER C 342 3.79 -44.25 19.50
CA SER C 342 4.67 -43.68 18.55
C SER C 342 4.86 -44.61 17.34
N MET C 343 4.46 -45.87 17.44
CA MET C 343 4.55 -46.76 16.28
C MET C 343 3.32 -46.46 15.41
N PHE C 344 2.17 -46.27 16.05
CA PHE C 344 0.95 -45.98 15.30
C PHE C 344 0.83 -44.48 15.00
N ILE C 345 1.95 -43.78 15.15
CA ILE C 345 2.05 -42.36 14.80
C ILE C 345 2.88 -42.42 13.55
N ILE C 346 3.87 -43.31 13.62
CA ILE C 346 4.77 -43.52 12.50
C ILE C 346 3.97 -44.08 11.33
N THR C 347 3.22 -45.13 11.61
CA THR C 347 2.44 -45.77 10.60
C THR C 347 1.56 -44.72 9.89
N PRO C 348 0.69 -43.97 10.61
CA PRO C 348 -0.16 -42.96 9.99
C PRO C 348 0.62 -41.85 9.26
N VAL C 349 1.64 -41.27 9.89
CA VAL C 349 2.47 -40.23 9.21
C VAL C 349 2.89 -40.79 7.89
N MET C 350 3.19 -42.08 7.94
CA MET C 350 3.61 -42.80 6.74
C MET C 350 2.43 -42.91 5.83
N VAL C 351 1.29 -43.23 6.42
CA VAL C 351 0.07 -43.38 5.62
C VAL C 351 -0.28 -42.06 4.97
N LEU C 352 -0.58 -41.05 5.79
CA LEU C 352 -0.95 -39.74 5.27
C LEU C 352 0.18 -39.05 4.51
N GLY C 353 1.34 -38.94 5.15
CA GLY C 353 2.48 -38.30 4.50
C GLY C 353 2.67 -38.91 3.12
N THR C 354 2.50 -40.23 3.05
CA THR C 354 2.61 -40.93 1.79
C THR C 354 1.37 -40.62 0.99
N ILE C 355 0.20 -40.67 1.64
CA ILE C 355 -1.05 -40.39 0.94
C ILE C 355 -0.96 -39.14 0.09
N PHE C 356 -0.33 -38.10 0.62
CA PHE C 356 -0.16 -36.83 -0.08
C PHE C 356 0.76 -37.04 -1.30
N ILE C 357 2.05 -37.23 -1.07
CA ILE C 357 2.93 -37.40 -2.22
C ILE C 357 2.50 -38.64 -3.01
N PHE C 358 1.57 -39.42 -2.45
CA PHE C 358 1.02 -40.58 -3.13
C PHE C 358 0.03 -39.92 -4.09
N VAL C 359 -0.79 -39.02 -3.56
CA VAL C 359 -1.75 -38.30 -4.37
C VAL C 359 -0.97 -37.36 -5.28
N MET C 360 0.10 -36.76 -4.74
CA MET C 360 0.95 -35.86 -5.54
C MET C 360 1.18 -36.57 -6.85
N GLY C 361 1.64 -37.81 -6.71
CA GLY C 361 1.91 -38.66 -7.84
C GLY C 361 0.71 -39.12 -8.61
N ASN C 362 -0.33 -39.60 -7.94
CA ASN C 362 -1.46 -40.10 -8.72
C ASN C 362 -2.07 -39.02 -9.64
N PHE C 363 -1.63 -37.77 -9.49
CA PHE C 363 -2.09 -36.67 -10.35
C PHE C 363 -0.87 -36.18 -11.14
N ASN C 364 0.31 -36.60 -10.67
CA ASN C 364 1.59 -36.26 -11.28
C ASN C 364 1.86 -37.18 -12.45
N ARG C 365 1.24 -38.35 -12.39
CA ARG C 365 1.41 -39.36 -13.42
C ARG C 365 0.53 -39.08 -14.65
N PRO C 366 -0.77 -38.80 -14.44
CA PRO C 366 -1.75 -38.50 -15.52
C PRO C 366 -1.54 -37.22 -16.36
N PRO C 367 -0.80 -36.22 -15.83
CA PRO C 367 -0.57 -34.98 -16.59
C PRO C 367 0.62 -35.26 -17.49
N ALA C 368 1.52 -36.09 -16.95
CA ALA C 368 2.72 -36.53 -17.60
C ALA C 368 2.28 -37.64 -18.56
N LYS C 369 0.98 -37.92 -18.52
CA LYS C 369 0.35 -38.94 -19.36
C LYS C 369 0.02 -38.38 -20.73
N SER D 1 14.11 46.00 -42.29
CA SER D 1 14.81 46.69 -43.41
C SER D 1 15.53 45.69 -44.31
N GLU D 2 16.81 45.45 -44.00
CA GLU D 2 17.64 44.50 -44.73
C GLU D 2 16.82 43.31 -45.23
N HIS D 3 16.12 43.50 -46.36
CA HIS D 3 15.20 42.51 -46.92
C HIS D 3 14.35 41.86 -45.83
N GLU D 4 14.15 42.65 -44.77
CA GLU D 4 13.37 42.31 -43.58
C GLU D 4 12.24 41.31 -43.76
N THR D 5 11.16 41.75 -44.40
CA THR D 5 10.01 40.88 -44.63
C THR D 5 10.33 39.85 -45.70
N ARG D 6 11.09 40.27 -46.70
CA ARG D 6 11.43 39.33 -47.77
C ARG D 6 12.25 38.16 -47.19
N LEU D 7 13.08 38.43 -46.19
CA LEU D 7 13.88 37.33 -45.65
C LEU D 7 13.05 36.39 -44.76
N VAL D 8 12.30 36.84 -43.76
CA VAL D 8 11.57 35.83 -42.98
C VAL D 8 10.41 35.14 -43.69
N ALA D 9 9.75 35.82 -44.62
CA ALA D 9 8.64 35.24 -45.37
C ALA D 9 9.13 34.10 -46.28
N ASN D 10 10.17 34.38 -47.06
CA ASN D 10 10.68 33.36 -47.96
C ASN D 10 11.05 32.12 -47.15
N LEU D 11 11.68 32.31 -46.00
CA LEU D 11 12.08 31.21 -45.16
C LEU D 11 10.91 30.29 -44.78
N LEU D 12 9.76 30.86 -44.40
CA LEU D 12 8.60 30.05 -44.04
C LEU D 12 7.96 29.30 -45.22
N GLU D 13 7.83 29.97 -46.35
CA GLU D 13 7.23 29.30 -47.51
C GLU D 13 8.00 28.04 -47.93
N ASN D 14 9.21 28.17 -48.50
CA ASN D 14 9.93 26.99 -48.93
C ASN D 14 10.83 26.36 -47.86
N TYR D 15 10.21 26.01 -46.74
CA TYR D 15 10.89 25.34 -45.64
C TYR D 15 9.88 24.35 -45.11
N ASN D 16 10.36 23.18 -44.72
CA ASN D 16 9.50 22.14 -44.22
C ASN D 16 10.15 21.44 -43.03
N LYS D 17 9.34 21.05 -42.06
CA LYS D 17 9.87 20.39 -40.90
C LYS D 17 9.60 18.89 -40.86
N VAL D 18 8.47 18.44 -41.41
CA VAL D 18 8.14 17.00 -41.47
C VAL D 18 9.32 16.24 -42.08
N ILE D 19 9.92 16.85 -43.09
CA ILE D 19 11.04 16.29 -43.84
C ILE D 19 12.34 16.24 -43.04
N ARG D 20 13.23 15.32 -43.43
CA ARG D 20 14.52 15.15 -42.80
C ARG D 20 15.58 15.57 -43.81
N PRO D 21 16.68 16.20 -43.36
CA PRO D 21 17.71 16.61 -44.31
C PRO D 21 18.44 15.45 -44.95
N VAL D 22 17.73 14.70 -45.77
CA VAL D 22 18.32 13.58 -46.45
C VAL D 22 19.21 14.09 -47.56
N GLU D 23 20.41 13.56 -47.61
CA GLU D 23 21.39 13.96 -48.62
C GLU D 23 21.85 12.74 -49.43
N HIS D 24 21.23 12.58 -50.59
CA HIS D 24 21.52 11.50 -51.53
C HIS D 24 21.38 10.10 -50.85
N HIS D 25 21.56 9.03 -51.62
CA HIS D 25 21.43 7.63 -51.18
C HIS D 25 22.66 7.21 -50.37
N THR D 26 22.90 7.73 -49.17
CA THR D 26 24.11 7.34 -48.45
C THR D 26 24.03 7.17 -46.92
N HIS D 27 25.01 7.74 -46.24
CA HIS D 27 25.16 7.65 -44.79
C HIS D 27 23.98 8.00 -43.88
N PHE D 28 22.80 8.23 -44.43
CA PHE D 28 21.69 8.51 -43.55
C PHE D 28 21.85 9.92 -43.02
N VAL D 29 21.01 10.29 -42.08
CA VAL D 29 21.11 11.59 -41.45
C VAL D 29 22.06 11.44 -40.25
N ASP D 30 23.23 12.06 -40.37
CA ASP D 30 24.30 12.11 -39.40
C ASP D 30 23.87 12.57 -37.98
N ILE D 31 23.25 11.71 -37.17
CA ILE D 31 22.80 12.03 -35.82
C ILE D 31 23.89 11.79 -34.77
N THR D 32 24.18 12.82 -33.98
CA THR D 32 25.19 12.77 -32.94
C THR D 32 24.42 12.81 -31.58
N VAL D 33 24.48 11.73 -30.81
CA VAL D 33 23.76 11.66 -29.54
C VAL D 33 24.67 11.38 -28.35
N GLY D 34 24.22 11.77 -27.16
CA GLY D 34 25.01 11.53 -25.98
C GLY D 34 24.24 11.78 -24.69
N LEU D 35 24.72 11.13 -23.66
CA LEU D 35 24.16 11.24 -22.30
C LEU D 35 24.91 12.29 -21.50
N GLN D 36 24.18 13.21 -20.87
CA GLN D 36 24.78 14.21 -20.00
C GLN D 36 23.88 13.99 -18.79
N LEU D 37 24.30 13.09 -17.92
CA LEU D 37 23.50 12.75 -16.74
C LEU D 37 24.01 13.48 -15.49
N ILE D 38 23.17 14.33 -14.90
CA ILE D 38 23.57 15.06 -13.70
C ILE D 38 22.74 14.81 -12.42
N GLN D 39 21.68 14.01 -12.51
CA GLN D 39 20.88 13.71 -11.32
C GLN D 39 20.07 12.44 -11.52
N LEU D 40 19.93 11.69 -10.44
CA LEU D 40 19.19 10.45 -10.43
C LEU D 40 18.29 10.62 -9.22
N ILE D 41 17.11 11.20 -9.43
CA ILE D 41 16.22 11.42 -8.30
C ILE D 41 15.63 10.17 -7.70
N ASN D 42 15.13 9.25 -8.53
CA ASN D 42 14.56 8.04 -7.94
C ASN D 42 14.77 6.76 -8.72
N VAL D 43 15.09 5.70 -7.99
CA VAL D 43 15.28 4.38 -8.61
C VAL D 43 15.03 3.32 -7.56
N ASP D 44 14.57 2.19 -8.06
CA ASP D 44 14.20 1.05 -7.26
C ASP D 44 14.88 -0.19 -7.79
N GLU D 45 15.81 -0.71 -6.99
CA GLU D 45 16.58 -1.90 -7.30
C GLU D 45 15.67 -3.11 -7.50
N VAL D 46 14.59 -3.12 -6.75
CA VAL D 46 13.63 -4.21 -6.76
C VAL D 46 12.89 -4.28 -8.10
N ASN D 47 12.36 -3.15 -8.55
CA ASN D 47 11.61 -3.16 -9.81
C ASN D 47 12.50 -2.73 -10.96
N GLN D 48 13.76 -2.46 -10.64
CA GLN D 48 14.78 -2.03 -11.61
C GLN D 48 14.35 -0.81 -12.39
N ILE D 49 13.71 0.11 -11.69
CA ILE D 49 13.24 1.36 -12.29
C ILE D 49 14.18 2.52 -11.99
N VAL D 50 14.37 3.38 -12.98
CA VAL D 50 15.25 4.52 -12.85
C VAL D 50 14.67 5.82 -13.46
N GLU D 51 14.33 6.81 -12.63
CA GLU D 51 13.83 8.08 -13.17
C GLU D 51 14.98 9.10 -12.99
N THR D 52 15.76 9.29 -14.04
CA THR D 52 16.88 10.23 -13.96
C THR D 52 16.79 11.37 -14.96
N ASN D 53 17.82 12.21 -15.00
CA ASN D 53 17.84 13.26 -16.01
C ASN D 53 19.10 13.27 -16.78
N VAL D 54 18.93 13.38 -18.09
CA VAL D 54 20.09 13.42 -18.99
C VAL D 54 19.70 14.37 -20.11
N ARG D 55 20.55 15.35 -20.32
CA ARG D 55 20.28 16.35 -21.33
C ARG D 55 20.64 15.58 -22.59
N LEU D 56 19.71 15.48 -23.53
CA LEU D 56 19.95 14.75 -24.77
C LEU D 56 20.73 15.57 -25.73
N ARG D 57 22.06 15.48 -25.64
CA ARG D 57 22.89 16.22 -26.54
C ARG D 57 22.77 15.64 -27.94
N GLN D 58 22.02 16.30 -28.81
CA GLN D 58 21.94 15.87 -30.20
C GLN D 58 22.78 16.75 -31.10
N GLN D 59 23.31 16.23 -32.15
CA GLN D 59 24.18 17.04 -33.02
C GLN D 59 24.11 16.43 -34.44
N TRP D 60 23.69 17.23 -35.41
CA TRP D 60 23.63 16.74 -36.78
C TRP D 60 23.56 17.97 -37.69
N ILE D 61 23.45 17.79 -38.99
CA ILE D 61 23.42 18.96 -39.86
C ILE D 61 22.38 18.97 -40.95
N ASP D 62 21.98 20.18 -41.30
CA ASP D 62 20.98 20.39 -42.34
C ASP D 62 21.45 21.59 -43.14
N VAL D 63 21.93 21.33 -44.35
CA VAL D 63 22.42 22.44 -45.16
C VAL D 63 21.38 23.51 -45.37
N ARG D 64 20.13 23.11 -45.59
CA ARG D 64 19.04 24.09 -45.79
C ARG D 64 19.04 25.24 -44.78
N LEU D 65 19.76 25.07 -43.66
CA LEU D 65 19.84 26.11 -42.62
C LEU D 65 20.98 27.09 -42.86
N ARG D 66 21.81 26.83 -43.88
CA ARG D 66 22.93 27.71 -44.23
C ARG D 66 22.36 29.04 -44.67
N TRP D 67 23.10 30.13 -44.48
CA TRP D 67 22.58 31.45 -44.86
C TRP D 67 23.66 32.41 -45.37
N ASN D 68 23.22 33.63 -45.72
CA ASN D 68 24.18 34.65 -46.16
C ASN D 68 24.07 35.88 -45.22
N PRO D 69 24.57 37.05 -45.64
CA PRO D 69 24.53 38.29 -44.86
C PRO D 69 23.16 38.69 -44.27
N ALA D 70 22.10 37.95 -44.62
CA ALA D 70 20.74 38.27 -44.17
C ALA D 70 20.16 37.35 -43.12
N ASP D 71 21.02 36.58 -42.48
CA ASP D 71 20.64 35.67 -41.39
C ASP D 71 21.90 35.32 -40.65
N TYR D 72 22.97 35.00 -41.40
CA TYR D 72 24.26 34.72 -40.75
C TYR D 72 24.77 36.11 -40.42
N GLY D 73 24.77 36.97 -41.44
CA GLY D 73 25.21 38.34 -41.31
C GLY D 73 24.52 39.07 -40.18
N GLY D 74 23.29 38.69 -39.91
CA GLY D 74 22.52 39.33 -38.85
C GLY D 74 23.18 39.14 -37.50
N ILE D 75 23.40 37.88 -37.15
CA ILE D 75 24.02 37.54 -35.88
C ILE D 75 24.59 36.12 -35.86
N LYS D 76 25.78 35.95 -36.42
CA LYS D 76 26.48 34.67 -36.45
C LYS D 76 25.58 33.48 -36.16
N LYS D 77 25.66 33.04 -34.91
CA LYS D 77 24.91 31.90 -34.42
C LYS D 77 23.54 32.38 -33.91
N ILE D 78 22.50 31.78 -34.47
CA ILE D 78 21.14 32.10 -34.10
C ILE D 78 20.49 30.81 -33.64
N ARG D 79 19.63 30.93 -32.63
CA ARG D 79 18.98 29.76 -32.09
C ARG D 79 17.53 29.77 -32.53
N LEU D 80 17.15 28.75 -33.29
CA LEU D 80 15.78 28.63 -33.80
C LEU D 80 14.91 27.75 -32.93
N PRO D 81 13.59 28.00 -32.96
CA PRO D 81 12.69 27.19 -32.14
C PRO D 81 12.76 25.76 -32.68
N SER D 82 12.79 24.79 -31.79
CA SER D 82 12.88 23.41 -32.21
C SER D 82 11.88 22.89 -33.22
N ASP D 83 10.68 23.47 -33.20
CA ASP D 83 9.58 23.04 -34.11
C ASP D 83 10.09 22.68 -35.53
N ASP D 84 10.87 23.57 -36.14
CA ASP D 84 11.41 23.40 -37.48
C ASP D 84 12.18 22.11 -37.68
N VAL D 85 12.46 21.42 -36.57
CA VAL D 85 13.26 20.17 -36.56
C VAL D 85 12.49 18.87 -36.61
N TRP D 86 13.08 17.92 -37.33
CA TRP D 86 12.54 16.57 -37.45
C TRP D 86 13.02 15.86 -36.15
N LEU D 87 12.17 15.68 -35.16
CA LEU D 87 12.64 15.05 -33.93
C LEU D 87 12.52 13.53 -33.92
N PRO D 88 13.64 12.80 -33.73
CA PRO D 88 13.65 11.35 -33.69
C PRO D 88 12.90 10.79 -32.49
N ASP D 89 12.22 9.69 -32.73
CA ASP D 89 11.56 9.01 -31.64
C ASP D 89 12.53 8.15 -30.88
N LEU D 90 13.43 8.81 -30.16
CA LEU D 90 14.45 8.03 -29.48
C LEU D 90 13.83 7.24 -28.34
N VAL D 91 14.46 6.13 -27.98
CA VAL D 91 13.94 5.33 -26.88
C VAL D 91 14.84 4.19 -26.42
N LEU D 92 14.79 3.99 -25.11
CA LEU D 92 15.50 2.98 -24.34
C LEU D 92 15.03 1.61 -24.72
N TYR D 93 15.82 0.86 -25.51
CA TYR D 93 15.36 -0.47 -25.95
C TYR D 93 14.75 -1.32 -24.83
N ASN D 94 15.55 -1.93 -23.94
CA ASN D 94 14.99 -2.75 -22.87
C ASN D 94 14.57 -1.90 -21.69
N ASN D 95 14.63 -0.58 -21.87
CA ASN D 95 14.24 0.38 -20.84
C ASN D 95 13.03 1.14 -21.37
N ALA D 96 13.10 2.47 -21.30
CA ALA D 96 12.03 3.33 -21.81
C ALA D 96 10.74 3.35 -21.00
N ASP D 97 10.74 2.85 -19.77
CA ASP D 97 9.56 2.76 -18.95
C ASP D 97 8.82 4.08 -18.90
N GLY D 98 9.39 5.21 -19.32
CA GLY D 98 8.69 6.49 -19.25
C GLY D 98 8.97 7.50 -20.34
N ASP D 99 8.03 8.41 -20.57
CA ASP D 99 8.17 9.49 -21.58
C ASP D 99 9.37 10.32 -21.15
N PHE D 100 10.08 10.89 -22.12
CA PHE D 100 11.17 11.78 -21.78
C PHE D 100 10.38 13.03 -21.41
N ALA D 101 10.79 13.75 -20.38
CA ALA D 101 10.04 14.94 -20.02
C ALA D 101 10.88 16.19 -20.05
N ILE D 102 10.31 17.22 -20.67
CA ILE D 102 10.93 18.53 -20.84
C ILE D 102 11.58 18.73 -22.20
N VAL D 103 11.41 17.78 -23.13
CA VAL D 103 12.06 17.92 -24.45
C VAL D 103 11.25 18.77 -25.41
N HIS D 104 9.91 18.73 -25.30
CA HIS D 104 9.03 19.47 -26.20
C HIS D 104 9.24 20.97 -26.04
N MET D 105 8.64 21.73 -26.96
CA MET D 105 8.59 23.18 -26.85
C MET D 105 9.95 23.75 -26.47
N THR D 106 11.10 23.40 -27.08
CA THR D 106 12.39 23.95 -26.67
C THR D 106 13.19 24.71 -27.73
N LYS D 107 14.41 25.11 -27.37
CA LYS D 107 15.31 25.86 -28.23
C LYS D 107 16.23 25.01 -29.11
N LEU D 108 16.51 25.49 -30.33
CA LEU D 108 17.38 24.76 -31.24
C LEU D 108 18.55 25.64 -31.69
N LEU D 109 19.74 25.04 -31.77
CA LEU D 109 20.96 25.78 -32.12
C LEU D 109 21.22 25.77 -33.63
N LEU D 110 21.23 26.95 -34.24
CA LEU D 110 21.54 27.00 -35.67
C LEU D 110 22.82 27.79 -35.87
N ASP D 111 23.58 27.42 -36.90
CA ASP D 111 24.81 28.12 -37.16
C ASP D 111 24.85 28.76 -38.55
N TYR D 112 25.83 29.64 -38.77
CA TYR D 112 25.91 30.32 -40.06
C TYR D 112 25.99 29.26 -41.12
N THR D 113 26.77 28.23 -40.78
CA THR D 113 27.02 27.03 -41.61
C THR D 113 25.72 26.26 -41.71
N GLY D 114 25.41 25.62 -40.59
CA GLY D 114 24.22 24.82 -40.45
C GLY D 114 24.32 23.99 -39.17
N LYS D 115 25.53 23.86 -38.61
CA LYS D 115 25.66 23.06 -37.40
C LYS D 115 24.51 23.32 -36.44
N ILE D 116 24.07 22.25 -35.81
CA ILE D 116 22.99 22.36 -34.85
C ILE D 116 23.04 21.33 -33.76
N MET D 117 22.67 21.80 -32.58
CA MET D 117 22.66 21.00 -31.37
C MET D 117 21.46 21.48 -30.55
N TRP D 118 21.02 20.62 -29.64
CA TRP D 118 19.93 20.92 -28.74
C TRP D 118 20.03 19.88 -27.65
N THR D 119 20.55 20.31 -26.50
CA THR D 119 20.70 19.43 -25.35
C THR D 119 19.50 19.66 -24.44
N PRO D 120 18.52 18.73 -24.48
CA PRO D 120 17.33 18.86 -23.64
C PRO D 120 17.48 18.19 -22.28
N PRO D 121 17.15 18.93 -21.22
CA PRO D 121 17.23 18.45 -19.84
C PRO D 121 16.17 17.41 -19.60
N ALA D 122 16.21 16.34 -20.40
CA ALA D 122 15.22 15.29 -20.34
C ALA D 122 15.29 14.43 -19.06
N ILE D 123 14.13 14.26 -18.44
CA ILE D 123 13.98 13.47 -17.22
C ILE D 123 12.98 12.38 -17.60
N PHE D 124 13.29 11.12 -17.30
CA PHE D 124 12.32 10.06 -17.62
C PHE D 124 12.52 8.80 -16.78
N LYS D 125 11.51 7.95 -16.79
CA LYS D 125 11.55 6.69 -16.05
C LYS D 125 12.08 5.59 -16.96
N SER D 126 13.01 4.79 -16.44
CA SER D 126 13.66 3.68 -17.19
C SER D 126 13.47 2.35 -16.55
N TYR D 127 13.85 1.38 -17.31
CA TYR D 127 13.61 -0.01 -16.98
C TYR D 127 14.75 -0.91 -17.45
N CYS D 128 15.78 -1.15 -16.62
CA CYS D 128 16.85 -2.04 -17.04
C CYS D 128 17.12 -3.09 -16.00
N GLU D 129 17.66 -4.22 -16.45
CA GLU D 129 17.98 -5.32 -15.56
C GLU D 129 18.70 -4.83 -14.31
N ILE D 130 18.42 -5.52 -13.21
CA ILE D 130 19.21 -5.37 -12.01
C ILE D 130 19.18 -6.77 -11.50
N ILE D 131 18.06 -7.44 -11.80
CA ILE D 131 17.83 -8.81 -11.40
C ILE D 131 18.22 -9.00 -9.96
N VAL D 132 18.25 -10.26 -9.55
CA VAL D 132 18.63 -10.59 -8.20
C VAL D 132 20.15 -10.43 -8.07
N THR D 133 20.85 -10.23 -9.19
CA THR D 133 22.32 -10.06 -9.16
C THR D 133 22.73 -8.59 -9.26
N HIS D 134 21.79 -7.68 -8.99
CA HIS D 134 22.02 -6.24 -9.02
C HIS D 134 22.86 -5.75 -7.86
N PHE D 135 22.39 -6.02 -6.66
CA PHE D 135 23.10 -5.47 -5.52
C PHE D 135 24.22 -6.26 -4.89
N PRO D 136 24.65 -7.50 -5.35
CA PRO D 136 25.86 -8.05 -4.73
C PRO D 136 27.06 -7.13 -4.63
N PHE D 137 28.12 -7.73 -4.14
CA PHE D 137 29.37 -7.11 -3.88
C PHE D 137 30.17 -7.11 -5.19
N ASP D 138 29.79 -8.05 -6.05
CA ASP D 138 30.41 -8.23 -7.36
C ASP D 138 29.61 -7.62 -8.50
N GLN D 139 28.60 -6.80 -8.17
CA GLN D 139 27.86 -6.10 -9.20
C GLN D 139 27.31 -6.86 -10.41
N GLN D 140 26.59 -6.16 -11.19
CA GLN D 140 26.04 -6.48 -12.50
C GLN D 140 26.07 -5.27 -13.42
N ASN D 141 26.25 -5.31 -14.62
CA ASN D 141 26.25 -4.14 -15.51
C ASN D 141 24.93 -3.95 -16.25
N CYS D 142 24.07 -3.07 -15.75
CA CYS D 142 22.80 -2.83 -16.43
C CYS D 142 23.04 -2.39 -17.85
N THR D 143 22.54 -3.21 -18.75
CA THR D 143 22.61 -3.00 -20.20
C THR D 143 21.53 -2.03 -20.60
N MET D 144 22.02 -0.84 -20.98
CA MET D 144 21.04 0.13 -21.43
C MET D 144 21.31 0.60 -22.87
N LYS D 145 20.48 0.12 -23.80
CA LYS D 145 20.63 0.51 -25.21
C LYS D 145 19.67 1.59 -25.60
N LEU D 146 20.16 2.52 -26.39
CA LEU D 146 19.31 3.60 -26.81
C LEU D 146 19.56 3.87 -28.29
N GLY D 147 18.50 4.23 -29.00
CA GLY D 147 18.59 4.52 -30.42
C GLY D 147 17.23 4.78 -31.02
N ILE D 148 17.23 5.28 -32.26
CA ILE D 148 16.01 5.63 -32.97
C ILE D 148 14.93 4.56 -32.78
N TRP D 149 13.67 4.99 -32.64
CA TRP D 149 12.54 4.07 -32.46
C TRP D 149 12.03 3.44 -33.74
N THR D 150 11.19 4.18 -34.46
CA THR D 150 10.54 3.64 -35.67
C THR D 150 11.19 3.91 -37.01
N TYR D 151 12.42 4.41 -36.98
CA TYR D 151 13.14 4.70 -38.24
C TYR D 151 14.32 3.73 -38.45
N ASP D 152 14.45 3.19 -39.64
CA ASP D 152 15.54 2.27 -39.95
C ASP D 152 16.75 3.02 -40.51
N GLY D 153 17.89 2.33 -40.60
CA GLY D 153 19.10 2.94 -41.11
C GLY D 153 18.94 3.68 -42.43
N THR D 154 18.14 3.15 -43.34
CA THR D 154 17.97 3.81 -44.63
C THR D 154 17.53 5.27 -44.56
N LYS D 155 17.25 5.77 -43.35
CA LYS D 155 16.85 7.14 -43.21
C LYS D 155 17.52 8.01 -42.14
N VAL D 156 17.91 7.41 -41.01
CA VAL D 156 18.55 8.18 -39.94
C VAL D 156 19.64 7.32 -39.25
N SER D 157 20.75 7.93 -38.86
CA SER D 157 21.85 7.23 -38.20
C SER D 157 22.40 7.99 -36.99
N ILE D 158 22.66 7.30 -35.88
CA ILE D 158 23.19 7.99 -34.69
C ILE D 158 24.54 7.32 -34.35
N SER D 159 25.38 8.02 -33.59
CA SER D 159 26.68 7.45 -33.19
C SER D 159 27.12 8.12 -31.88
N PRO D 160 27.90 7.39 -31.06
CA PRO D 160 28.39 7.90 -29.78
C PRO D 160 29.19 9.15 -30.05
N GLU D 161 29.64 9.79 -29.02
CA GLU D 161 30.43 11.00 -29.22
C GLU D 161 31.62 11.02 -28.32
N SER D 162 31.37 10.63 -27.12
CA SER D 162 32.43 10.62 -26.15
C SER D 162 32.11 9.70 -25.01
N ASP D 163 33.17 9.29 -24.42
CA ASP D 163 33.09 8.50 -23.24
C ASP D 163 33.00 9.47 -22.07
N ARG D 164 32.22 9.10 -21.17
CA ARG D 164 31.96 9.92 -19.98
C ARG D 164 31.52 8.93 -18.92
N PRO D 165 31.96 9.14 -17.67
CA PRO D 165 31.49 8.14 -16.71
C PRO D 165 30.05 8.29 -16.26
N ASP D 166 29.61 7.31 -15.48
CA ASP D 166 28.28 7.23 -14.94
C ASP D 166 28.37 7.86 -13.57
N LEU D 167 29.58 7.80 -13.03
CA LEU D 167 29.86 8.38 -11.70
C LEU D 167 30.22 9.82 -11.80
N SER D 168 30.28 10.32 -13.02
CA SER D 168 30.61 11.72 -13.24
C SER D 168 29.62 12.57 -12.45
N THR D 169 28.43 12.06 -12.34
CA THR D 169 27.38 12.73 -11.57
C THR D 169 26.49 11.72 -10.86
N PHE D 170 27.13 10.64 -10.42
CA PHE D 170 26.35 9.63 -9.73
C PHE D 170 25.91 10.12 -8.36
N MET D 171 24.73 9.65 -7.96
CA MET D 171 24.07 9.92 -6.67
C MET D 171 24.91 9.53 -5.47
N GLU D 172 25.37 10.50 -4.68
CA GLU D 172 26.12 10.16 -3.49
C GLU D 172 25.21 9.70 -2.37
N SER D 173 23.90 9.85 -2.60
CA SER D 173 22.90 9.43 -1.62
C SER D 173 22.33 8.08 -2.04
N GLY D 174 23.01 7.43 -2.98
CA GLY D 174 22.56 6.12 -3.44
C GLY D 174 22.90 5.00 -2.48
N GLU D 175 22.08 4.02 -2.39
CA GLU D 175 22.18 2.80 -1.59
C GLU D 175 23.09 1.81 -2.30
N TRP D 176 23.80 2.36 -3.26
CA TRP D 176 24.74 1.61 -4.09
C TRP D 176 26.09 2.44 -4.25
N VAL D 177 27.09 1.93 -5.07
CA VAL D 177 28.31 2.62 -5.49
C VAL D 177 28.78 2.13 -6.86
N MET D 178 29.35 3.01 -7.65
CA MET D 178 29.74 2.68 -9.02
C MET D 178 31.19 2.23 -9.10
N LYS D 179 31.51 1.47 -10.16
CA LYS D 179 32.87 1.04 -10.38
C LYS D 179 33.37 1.54 -11.74
N ASP D 180 32.49 1.49 -12.74
CA ASP D 180 32.82 1.87 -14.11
C ASP D 180 31.57 1.99 -14.98
N TYR D 181 31.64 2.80 -16.05
CA TYR D 181 30.54 2.98 -17.00
C TYR D 181 31.09 3.23 -18.43
N ARG D 182 30.79 2.31 -19.33
CA ARG D 182 31.26 2.31 -20.71
C ARG D 182 30.13 2.44 -21.73
N GLY D 183 30.36 3.12 -22.84
CA GLY D 183 29.32 3.21 -23.84
C GLY D 183 29.85 3.10 -25.25
N TRP D 184 29.59 2.00 -25.94
CA TRP D 184 30.07 1.95 -27.32
C TRP D 184 28.90 1.82 -28.30
N LYS D 185 29.15 2.20 -29.55
CA LYS D 185 28.08 2.17 -30.56
C LYS D 185 28.03 0.92 -31.38
N HIS D 186 26.96 0.81 -32.17
CA HIS D 186 26.77 -0.28 -33.11
C HIS D 186 25.48 -0.12 -33.85
N TRP D 187 25.44 -0.84 -34.92
CA TRP D 187 24.32 -0.93 -35.84
C TRP D 187 23.75 -2.34 -35.90
N VAL D 188 22.50 -2.53 -35.68
CA VAL D 188 22.04 -3.90 -35.60
C VAL D 188 21.24 -4.38 -36.83
N TYR D 189 21.85 -5.22 -37.67
CA TYR D 189 21.14 -5.77 -38.81
C TYR D 189 20.68 -7.15 -38.35
N TYR D 190 19.48 -7.56 -38.73
CA TYR D 190 19.02 -8.86 -38.26
C TYR D 190 18.85 -9.95 -39.32
N THR D 191 19.27 -11.14 -38.93
CA THR D 191 19.18 -12.31 -39.77
C THR D 191 17.81 -12.42 -40.40
N CYS D 192 16.83 -11.80 -39.76
CA CYS D 192 15.45 -11.84 -40.28
C CYS D 192 15.38 -11.33 -41.69
N CYS D 193 15.69 -10.05 -41.74
CA CYS D 193 15.62 -9.23 -42.92
C CYS D 193 17.02 -8.92 -43.46
N PRO D 194 17.16 -8.90 -44.80
CA PRO D 194 18.43 -8.63 -45.50
C PRO D 194 18.82 -7.14 -45.39
N ASP D 195 17.92 -6.35 -44.81
CA ASP D 195 18.05 -4.91 -44.63
C ASP D 195 19.05 -4.48 -43.54
N THR D 196 19.44 -3.22 -43.63
CA THR D 196 20.38 -2.51 -42.75
C THR D 196 19.56 -1.68 -41.71
N PRO D 197 19.31 -2.23 -40.49
CA PRO D 197 18.56 -1.62 -39.36
C PRO D 197 19.21 -0.54 -38.49
N TYR D 198 18.36 0.12 -37.70
CA TYR D 198 18.70 1.17 -36.75
C TYR D 198 20.07 1.08 -36.07
N LEU D 199 20.52 2.21 -35.60
CA LEU D 199 21.76 2.30 -34.80
C LEU D 199 21.46 2.50 -33.32
N ASP D 200 22.37 2.26 -32.46
CA ASP D 200 22.07 2.46 -31.04
C ASP D 200 23.27 2.62 -30.11
N ILE D 201 23.03 3.32 -29.02
CA ILE D 201 24.06 3.56 -28.01
C ILE D 201 23.76 2.63 -26.83
N THR D 202 24.72 1.79 -26.49
CA THR D 202 24.53 0.86 -25.41
C THR D 202 25.38 1.24 -24.19
N TYR D 203 24.68 1.54 -23.09
CA TYR D 203 25.34 1.92 -21.89
C TYR D 203 25.45 0.70 -21.01
N HIS D 204 26.45 0.67 -20.14
CA HIS D 204 26.52 -0.44 -19.23
C HIS D 204 26.98 0.22 -17.95
N PHE D 205 26.15 -0.03 -16.96
CA PHE D 205 26.34 0.52 -15.66
C PHE D 205 26.95 -0.57 -14.76
N ILE D 206 28.19 -0.37 -14.34
CA ILE D 206 28.79 -1.36 -13.46
C ILE D 206 28.95 -0.73 -12.09
N MET D 207 28.15 -1.21 -11.16
CA MET D 207 28.18 -0.69 -9.79
C MET D 207 27.63 -1.67 -8.75
N GLN D 208 28.36 -1.81 -7.64
CA GLN D 208 27.97 -2.68 -6.54
C GLN D 208 27.00 -1.98 -5.61
N ARG D 209 25.97 -2.86 -4.94
CA ARG D 209 24.97 -2.20 -4.14
C ARG D 209 25.07 -2.58 -2.64
N ILE D 210 23.93 -2.46 -1.98
CA ILE D 210 23.59 -2.89 -0.64
C ILE D 210 24.18 -2.02 0.45
N PRO D 211 23.34 -1.12 1.03
CA PRO D 211 23.82 -0.51 2.26
C PRO D 211 24.13 -1.53 3.36
N LEU D 212 24.45 -1.18 4.49
CA LEU D 212 24.77 -2.20 5.49
C LEU D 212 23.68 -2.31 6.56
N TYR D 213 22.54 -1.62 6.45
CA TYR D 213 21.50 -1.64 7.46
C TYR D 213 21.00 -3.07 7.68
N PHE D 214 20.45 -3.68 6.65
CA PHE D 214 19.91 -5.06 6.65
C PHE D 214 20.96 -6.04 7.22
N VAL D 215 22.22 -5.73 6.92
CA VAL D 215 23.37 -6.55 7.33
C VAL D 215 23.54 -6.58 8.84
N VAL D 216 23.55 -5.40 9.44
CA VAL D 216 23.71 -5.25 10.86
C VAL D 216 22.60 -5.99 11.62
N ASN D 217 21.37 -5.90 11.15
CA ASN D 217 20.31 -6.59 11.86
C ASN D 217 20.14 -8.07 11.51
N VAL D 218 20.80 -8.57 10.47
CA VAL D 218 20.68 -10.02 10.17
C VAL D 218 21.57 -10.76 11.16
N ILE D 219 22.78 -10.25 11.33
CA ILE D 219 23.81 -10.84 12.16
C ILE D 219 23.69 -10.58 13.67
N ILE D 220 23.00 -9.51 14.07
CA ILE D 220 22.88 -9.23 15.51
C ILE D 220 22.00 -10.29 16.15
N PRO D 221 20.81 -10.54 15.58
CA PRO D 221 19.94 -11.56 16.16
C PRO D 221 20.57 -12.93 16.00
N CYS D 222 21.48 -13.05 15.04
CA CYS D 222 22.14 -14.32 14.82
C CYS D 222 23.08 -14.57 15.99
N LEU D 223 24.00 -13.66 16.25
CA LEU D 223 24.93 -13.81 17.38
C LEU D 223 24.12 -13.85 18.68
N LEU D 224 23.10 -13.00 18.76
CA LEU D 224 22.26 -12.94 19.95
C LEU D 224 21.49 -14.25 20.09
N PHE D 225 20.97 -14.77 18.97
CA PHE D 225 20.24 -16.02 18.99
C PHE D 225 21.20 -17.19 19.19
N SER D 226 22.48 -16.90 18.92
CA SER D 226 23.51 -17.93 19.08
C SER D 226 23.95 -17.82 20.53
N PHE D 227 23.59 -16.72 21.18
CA PHE D 227 23.92 -16.55 22.60
C PHE D 227 22.93 -17.41 23.34
N LEU D 228 21.66 -17.32 22.97
CA LEU D 228 20.65 -18.14 23.64
C LEU D 228 20.84 -19.61 23.30
N THR D 229 21.39 -19.88 22.12
CA THR D 229 21.69 -21.26 21.73
C THR D 229 22.91 -21.64 22.54
N VAL D 230 23.84 -20.70 22.64
CA VAL D 230 25.04 -20.97 23.40
C VAL D 230 24.52 -21.23 24.81
N LEU D 231 23.56 -20.43 25.25
CA LEU D 231 22.95 -20.65 26.56
C LEU D 231 22.35 -22.03 26.44
N VAL D 232 21.65 -22.26 25.33
CA VAL D 232 21.04 -23.57 25.03
C VAL D 232 21.96 -24.70 25.45
N PHE D 233 23.22 -24.58 25.03
CA PHE D 233 24.17 -25.64 25.33
C PHE D 233 24.74 -25.53 26.77
N TYR D 234 25.22 -24.35 27.16
CA TYR D 234 25.79 -24.14 28.50
C TYR D 234 24.84 -24.36 29.69
N LEU D 235 23.56 -24.00 29.53
CA LEU D 235 22.61 -24.13 30.63
C LEU D 235 22.57 -25.52 31.28
N PRO D 236 22.37 -26.60 30.52
CA PRO D 236 22.36 -27.93 31.15
C PRO D 236 23.55 -28.22 32.09
N THR D 237 24.64 -27.47 31.93
CA THR D 237 25.88 -27.63 32.74
C THR D 237 25.76 -26.74 33.99
N ASP D 238 25.38 -25.49 33.76
CA ASP D 238 25.29 -24.46 34.80
C ASP D 238 23.89 -24.34 35.38
N SER D 239 22.90 -24.90 34.69
CA SER D 239 21.52 -24.82 35.12
C SER D 239 20.64 -25.77 34.30
N GLY D 240 21.00 -27.05 34.26
CA GLY D 240 20.17 -27.96 33.49
C GLY D 240 18.80 -28.01 34.13
N GLU D 241 18.79 -27.63 35.41
CA GLU D 241 17.56 -27.56 36.18
C GLU D 241 16.54 -26.65 35.51
N LYS D 242 16.90 -26.19 34.29
CA LYS D 242 16.05 -25.31 33.51
C LYS D 242 16.04 -25.73 32.02
N MET D 243 16.01 -27.04 31.81
CA MET D 243 15.96 -27.67 30.50
C MET D 243 14.65 -27.25 29.81
N THR D 244 13.59 -27.24 30.63
CA THR D 244 12.26 -26.84 30.18
C THR D 244 12.34 -25.40 29.81
N LEU D 245 13.05 -24.67 30.67
CA LEU D 245 13.27 -23.26 30.47
C LEU D 245 13.83 -23.18 29.08
N SER D 246 14.77 -24.06 28.78
CA SER D 246 15.41 -24.13 27.47
C SER D 246 14.31 -24.30 26.42
N ILE D 247 13.37 -25.20 26.70
CA ILE D 247 12.25 -25.42 25.81
C ILE D 247 11.56 -24.10 25.54
N SER D 248 11.22 -23.39 26.60
CA SER D 248 10.56 -22.10 26.39
C SER D 248 11.34 -21.23 25.42
N VAL D 249 12.66 -21.20 25.56
CA VAL D 249 13.40 -20.29 24.72
C VAL D 249 13.51 -20.79 23.29
N LEU D 250 13.23 -22.07 23.09
CA LEU D 250 13.27 -22.56 21.74
C LEU D 250 11.91 -22.14 21.11
N LEU D 251 10.76 -22.31 21.79
CA LEU D 251 9.52 -21.77 21.25
C LEU D 251 9.79 -20.26 20.95
N SER D 252 10.53 -19.62 21.91
CA SER D 252 10.93 -18.16 21.84
C SER D 252 11.71 -17.94 20.55
N LEU D 253 12.95 -18.41 20.58
CA LEU D 253 13.94 -18.46 19.51
C LEU D 253 13.31 -18.73 18.14
N THR D 254 12.72 -19.90 18.08
CA THR D 254 12.09 -20.40 16.86
C THR D 254 11.11 -19.41 16.30
N VAL D 255 10.15 -19.01 17.11
CA VAL D 255 9.16 -18.05 16.65
C VAL D 255 9.90 -16.79 16.20
N PHE D 256 10.91 -16.37 16.97
CA PHE D 256 11.62 -15.13 16.65
C PHE D 256 12.24 -15.15 15.27
N LEU D 257 12.97 -16.22 14.97
CA LEU D 257 13.64 -16.29 13.67
C LEU D 257 12.69 -16.76 12.58
N LEU D 258 11.68 -17.55 12.95
CA LEU D 258 10.74 -18.00 11.95
C LEU D 258 10.18 -16.65 11.51
N VAL D 259 10.06 -15.76 12.49
CA VAL D 259 9.58 -14.40 12.26
C VAL D 259 10.70 -13.59 11.59
N ILE D 260 11.95 -13.98 11.78
CA ILE D 260 13.06 -13.27 11.17
C ILE D 260 12.98 -13.55 9.67
N VAL D 261 12.67 -14.79 9.32
CA VAL D 261 12.57 -15.12 7.92
C VAL D 261 11.38 -14.40 7.29
N GLU D 262 10.37 -13.98 8.09
CA GLU D 262 9.25 -13.22 7.56
C GLU D 262 9.71 -11.89 6.99
N LEU D 263 10.58 -11.26 7.78
CA LEU D 263 11.19 -9.99 7.45
C LEU D 263 11.95 -10.12 6.14
N ILE D 264 12.79 -11.13 6.08
CA ILE D 264 13.61 -11.46 4.93
C ILE D 264 12.74 -11.39 3.66
N PRO D 265 11.79 -12.33 3.51
CA PRO D 265 10.88 -12.36 2.36
C PRO D 265 10.26 -11.01 2.01
N SER D 266 9.89 -10.24 3.02
CA SER D 266 9.31 -8.93 2.75
C SER D 266 10.39 -8.03 2.19
N THR D 267 11.46 -7.83 2.97
CA THR D 267 12.62 -7.01 2.61
C THR D 267 13.24 -7.46 1.26
N SER D 268 13.57 -8.75 1.18
CA SER D 268 14.18 -9.32 -0.02
C SER D 268 13.32 -9.06 -1.26
N SER D 269 12.04 -9.39 -1.17
CA SER D 269 11.17 -9.17 -2.30
C SER D 269 10.83 -7.67 -2.38
N ALA D 270 11.21 -6.92 -1.36
CA ALA D 270 10.98 -5.47 -1.26
C ALA D 270 12.25 -4.74 -1.72
N VAL D 271 13.35 -5.48 -1.79
CA VAL D 271 14.65 -4.95 -2.22
C VAL D 271 15.39 -6.23 -2.68
N PRO D 272 15.67 -6.35 -3.99
CA PRO D 272 16.31 -7.44 -4.74
C PRO D 272 17.73 -7.87 -4.44
N LEU D 273 17.94 -9.17 -4.52
CA LEU D 273 19.22 -9.79 -4.26
C LEU D 273 19.26 -11.19 -4.87
N ILE D 274 20.45 -11.68 -5.20
CA ILE D 274 20.57 -13.03 -5.75
C ILE D 274 20.35 -14.07 -4.65
N GLY D 275 19.35 -14.91 -4.86
CA GLY D 275 19.01 -15.93 -3.89
C GLY D 275 20.19 -16.65 -3.25
N LYS D 276 21.21 -16.95 -4.04
CA LYS D 276 22.39 -17.65 -3.53
C LYS D 276 22.79 -17.14 -2.14
N TYR D 277 22.40 -15.91 -1.83
CA TYR D 277 22.72 -15.32 -0.57
C TYR D 277 21.92 -15.91 0.62
N MET D 278 20.59 -15.79 0.57
CA MET D 278 19.73 -16.31 1.65
C MET D 278 20.11 -17.75 1.96
N LEU D 279 20.70 -18.45 0.99
CA LEU D 279 21.13 -19.84 1.18
C LEU D 279 22.06 -19.93 2.38
N PHE D 280 22.84 -18.86 2.56
CA PHE D 280 23.76 -18.82 3.69
C PHE D 280 22.95 -18.98 4.94
N THR D 281 22.07 -18.01 5.17
CA THR D 281 21.16 -18.01 6.35
C THR D 281 20.37 -19.30 6.48
N MET D 282 19.89 -19.80 5.33
CA MET D 282 19.07 -20.99 5.29
C MET D 282 19.66 -22.08 6.17
N ILE D 283 20.56 -22.86 5.61
CA ILE D 283 21.19 -23.93 6.38
C ILE D 283 21.83 -23.49 7.68
N PHE D 284 22.59 -22.39 7.68
CA PHE D 284 23.22 -21.93 8.95
C PHE D 284 22.14 -21.93 10.03
N VAL D 285 21.02 -21.28 9.73
CA VAL D 285 19.96 -21.23 10.76
C VAL D 285 19.20 -22.51 10.88
N ILE D 286 18.96 -23.22 9.77
CA ILE D 286 18.25 -24.48 9.94
C ILE D 286 19.24 -25.27 10.78
N SER D 287 20.49 -24.83 10.80
CA SER D 287 21.49 -25.50 11.59
C SER D 287 21.18 -25.31 13.07
N SER D 288 20.78 -24.10 13.47
CA SER D 288 20.47 -23.93 14.88
C SER D 288 19.26 -24.83 15.12
N ILE D 289 18.37 -24.95 14.14
CA ILE D 289 17.25 -25.83 14.35
C ILE D 289 17.73 -27.29 14.34
N ILE D 290 18.40 -27.73 13.26
CA ILE D 290 18.92 -29.10 13.18
C ILE D 290 19.65 -29.45 14.48
N VAL D 291 20.46 -28.52 14.96
CA VAL D 291 21.22 -28.72 16.18
C VAL D 291 20.30 -28.72 17.43
N THR D 292 19.43 -27.70 17.61
CA THR D 292 18.53 -27.77 18.78
C THR D 292 17.71 -29.03 18.62
N VAL D 293 17.52 -29.44 17.37
CA VAL D 293 16.76 -30.67 17.10
C VAL D 293 17.39 -31.77 17.88
N VAL D 294 18.65 -32.02 17.53
CA VAL D 294 19.47 -33.06 18.16
C VAL D 294 19.83 -32.67 19.56
N VAL D 295 20.45 -31.49 19.72
CA VAL D 295 20.88 -31.04 21.06
C VAL D 295 19.82 -31.03 22.16
N ILE D 296 18.64 -30.45 21.95
CA ILE D 296 17.72 -30.52 23.07
C ILE D 296 17.03 -31.89 23.02
N ASN D 297 16.86 -32.45 21.82
CA ASN D 297 16.27 -33.79 21.76
C ASN D 297 17.28 -34.55 22.61
N THR D 298 18.57 -34.36 22.28
CA THR D 298 19.66 -35.00 23.01
C THR D 298 19.60 -34.41 24.43
N HIS D 299 19.29 -33.12 24.54
CA HIS D 299 19.22 -32.47 25.86
C HIS D 299 18.25 -33.29 26.72
N HIS D 300 17.08 -33.62 26.17
CA HIS D 300 16.13 -34.41 26.98
C HIS D 300 16.41 -35.91 26.92
N ARG D 301 17.34 -36.27 26.04
CA ARG D 301 17.83 -37.66 25.78
C ARG D 301 18.02 -38.74 26.87
N SER D 302 17.63 -38.50 28.11
CA SER D 302 17.86 -39.50 29.18
C SER D 302 16.58 -39.99 29.83
N PRO D 303 16.43 -41.32 30.05
CA PRO D 303 15.25 -41.90 30.65
C PRO D 303 14.40 -41.08 31.56
N SER D 304 14.93 -40.68 32.72
CA SER D 304 14.14 -39.86 33.64
C SER D 304 14.77 -38.52 34.06
N THR D 305 16.01 -38.28 33.66
CA THR D 305 16.57 -36.99 34.04
C THR D 305 16.30 -35.96 32.94
N HIS D 306 15.74 -36.43 31.83
CA HIS D 306 15.40 -35.59 30.69
C HIS D 306 16.39 -34.46 30.47
N SER D 307 16.57 -56.76 68.32
CA SER D 307 15.91 -57.95 67.87
C SER D 307 15.06 -57.63 66.67
N ALA D 308 13.81 -57.94 66.90
CA ALA D 308 12.84 -57.65 65.89
C ALA D 308 12.74 -56.14 65.75
N ILE D 309 12.89 -55.41 66.86
CA ILE D 309 12.85 -53.95 66.80
C ILE D 309 14.01 -53.50 65.88
N GLU D 310 15.12 -54.24 65.90
CA GLU D 310 16.32 -54.02 65.09
C GLU D 310 15.83 -54.27 63.65
N GLY D 311 14.87 -55.17 63.58
CA GLY D 311 14.28 -55.60 62.33
C GLY D 311 13.69 -54.49 61.49
N VAL D 312 12.72 -53.74 62.04
CA VAL D 312 12.15 -52.67 61.26
C VAL D 312 13.13 -51.57 61.02
N LYS D 313 14.06 -51.43 61.94
CA LYS D 313 15.08 -50.39 61.77
C LYS D 313 15.65 -50.80 60.41
N TYR D 314 15.67 -52.12 60.17
CA TYR D 314 16.16 -52.62 58.92
C TYR D 314 15.11 -52.60 57.82
N ILE D 315 13.84 -52.70 58.16
CA ILE D 315 12.83 -52.63 57.09
C ILE D 315 12.92 -51.16 56.66
N ALA D 316 13.14 -50.29 57.65
CA ALA D 316 13.21 -48.84 57.44
C ALA D 316 14.43 -48.31 56.70
N GLU D 317 15.64 -48.62 57.15
CA GLU D 317 16.83 -48.13 56.46
C GLU D 317 16.83 -48.78 55.08
N HIS D 318 16.08 -49.87 55.00
CA HIS D 318 15.91 -50.63 53.75
C HIS D 318 15.14 -49.72 52.81
N MET D 319 14.05 -49.17 53.33
CA MET D 319 13.18 -48.25 52.63
C MET D 319 14.01 -47.12 51.99
N LYS D 320 14.98 -46.65 52.76
CA LYS D 320 15.88 -45.56 52.41
C LYS D 320 16.98 -45.99 51.40
N SER D 321 17.55 -47.16 51.62
CA SER D 321 18.62 -47.68 50.75
C SER D 321 18.08 -47.99 49.37
N ASP D 322 16.85 -48.47 49.30
CA ASP D 322 16.25 -48.79 48.01
C ASP D 322 16.17 -47.49 47.20
N GLU D 323 15.51 -46.48 47.76
CA GLU D 323 15.39 -45.19 47.09
C GLU D 323 16.76 -44.53 46.82
N GLU D 324 17.70 -44.59 47.76
CA GLU D 324 18.98 -43.94 47.53
C GLU D 324 19.74 -44.40 46.28
N SER D 325 19.84 -45.71 46.06
CA SER D 325 20.53 -46.24 44.86
C SER D 325 19.70 -45.81 43.64
N SER D 326 18.41 -45.58 43.91
CA SER D 326 17.45 -45.20 42.89
C SER D 326 17.68 -43.76 42.40
N ASN D 327 17.92 -42.83 43.33
CA ASN D 327 18.16 -41.45 42.97
C ASN D 327 19.51 -41.41 42.25
N ALA D 328 20.37 -42.35 42.60
CA ALA D 328 21.66 -42.47 41.99
C ALA D 328 21.40 -42.74 40.50
N ALA D 329 20.31 -43.45 40.22
CA ALA D 329 19.93 -43.80 38.85
C ALA D 329 19.62 -42.62 37.94
N GLU D 330 18.85 -41.66 38.43
CA GLU D 330 18.47 -40.52 37.57
C GLU D 330 19.74 -39.68 37.31
N GLU D 331 20.65 -39.62 38.31
CA GLU D 331 21.91 -38.89 38.16
C GLU D 331 22.84 -39.75 37.29
N TRP D 332 22.60 -41.06 37.31
CA TRP D 332 23.35 -42.02 36.53
C TRP D 332 23.15 -41.61 35.07
N LYS D 333 22.01 -40.98 34.81
CA LYS D 333 21.79 -40.56 33.42
C LYS D 333 22.30 -39.14 33.16
N TYR D 334 21.96 -38.15 33.99
CA TYR D 334 22.49 -36.80 33.78
C TYR D 334 23.94 -36.74 34.27
N VAL D 335 24.84 -37.30 33.47
CA VAL D 335 26.24 -37.39 33.80
C VAL D 335 27.07 -36.09 33.76
N ALA D 336 26.41 -34.97 33.44
CA ALA D 336 27.06 -33.66 33.39
C ALA D 336 28.35 -33.63 32.57
N MET D 337 28.65 -34.73 31.91
CA MET D 337 29.85 -34.86 31.10
C MET D 337 29.54 -34.65 29.62
N VAL D 338 28.49 -35.28 29.13
CA VAL D 338 28.25 -35.11 27.69
C VAL D 338 27.68 -33.75 27.38
N ILE D 339 27.20 -33.05 28.40
CA ILE D 339 26.68 -31.73 28.23
C ILE D 339 27.88 -30.85 27.78
N ASP D 340 29.06 -31.08 28.36
CA ASP D 340 30.20 -30.29 27.95
C ASP D 340 30.66 -30.66 26.53
N HIS D 341 30.42 -31.90 26.11
CA HIS D 341 30.86 -32.19 24.73
C HIS D 341 29.89 -31.53 23.79
N ILE D 342 28.59 -31.53 24.11
CA ILE D 342 27.63 -30.93 23.19
C ILE D 342 27.83 -29.44 22.97
N LEU D 343 28.19 -28.67 24.00
CA LEU D 343 28.39 -27.27 23.71
C LEU D 343 29.70 -27.13 22.96
N LEU D 344 30.74 -27.87 23.38
CA LEU D 344 32.00 -27.79 22.69
C LEU D 344 31.92 -28.47 21.34
N CYS D 345 31.19 -29.58 21.29
CA CYS D 345 31.02 -30.31 20.03
C CYS D 345 30.44 -29.31 19.03
N VAL D 346 29.36 -28.64 19.44
CA VAL D 346 28.69 -27.68 18.56
C VAL D 346 29.30 -26.28 18.61
N PHE D 347 29.90 -25.92 19.73
CA PHE D 347 30.52 -24.61 19.87
C PHE D 347 31.57 -24.55 18.77
N MET D 348 32.36 -25.61 18.61
CA MET D 348 33.37 -25.68 17.58
C MET D 348 32.66 -25.73 16.23
N LEU D 349 31.67 -26.62 16.12
CA LEU D 349 30.94 -26.76 14.87
C LEU D 349 30.17 -25.50 14.44
N ILE D 350 29.78 -24.67 15.40
CA ILE D 350 29.11 -23.43 15.05
C ILE D 350 30.20 -22.38 14.82
N CYS D 351 31.34 -22.57 15.50
CA CYS D 351 32.46 -21.65 15.34
C CYS D 351 33.04 -21.99 13.97
N ILE D 352 32.81 -23.23 13.53
CA ILE D 352 33.30 -23.67 12.25
C ILE D 352 32.26 -23.41 11.16
N ILE D 353 31.01 -23.81 11.38
CA ILE D 353 30.11 -23.45 10.27
C ILE D 353 29.79 -21.95 10.29
N GLY D 354 30.05 -21.37 11.48
CA GLY D 354 29.90 -19.93 11.57
C GLY D 354 31.07 -19.40 10.76
N THR D 355 32.26 -19.94 11.03
CA THR D 355 33.47 -19.55 10.33
C THR D 355 33.29 -19.95 8.85
N VAL D 356 32.35 -20.86 8.59
CA VAL D 356 32.02 -21.32 7.22
C VAL D 356 31.14 -20.24 6.60
N SER D 357 30.18 -19.80 7.42
CA SER D 357 29.33 -18.70 7.00
C SER D 357 30.16 -17.44 6.75
N VAL D 358 31.12 -17.39 7.70
CA VAL D 358 32.07 -16.30 7.72
C VAL D 358 32.94 -16.44 6.48
N PHE D 359 33.29 -17.68 6.16
CA PHE D 359 34.11 -17.99 5.02
C PHE D 359 33.53 -17.44 3.70
N ALA D 360 32.63 -18.19 3.06
CA ALA D 360 32.11 -17.69 1.77
C ALA D 360 31.67 -16.24 1.88
N GLY D 361 31.14 -15.84 3.03
CA GLY D 361 30.75 -14.45 3.20
C GLY D 361 31.95 -13.54 2.97
N ARG D 362 33.07 -13.82 3.62
CA ARG D 362 34.23 -12.99 3.43
C ARG D 362 34.96 -13.26 2.11
N LEU D 363 34.99 -14.53 1.69
CA LEU D 363 35.59 -14.89 0.41
C LEU D 363 34.89 -14.06 -0.68
N ILE D 364 33.55 -14.10 -0.67
CA ILE D 364 32.74 -13.38 -1.62
C ILE D 364 33.04 -11.87 -1.54
N GLU D 365 33.34 -11.38 -0.34
CA GLU D 365 33.65 -9.95 -0.31
C GLU D 365 35.16 -9.74 -0.56
N LEU D 366 35.96 -10.81 -0.55
CA LEU D 366 37.38 -10.62 -0.88
C LEU D 366 37.41 -10.61 -2.41
N SER D 367 36.22 -10.86 -2.98
CA SER D 367 35.98 -10.91 -4.41
C SER D 367 35.34 -9.56 -4.78
N GLN D 368 34.43 -9.10 -3.93
CA GLN D 368 33.73 -7.83 -4.10
C GLN D 368 34.63 -6.65 -3.89
N GLU D 369 35.13 -6.60 -2.65
CA GLU D 369 36.04 -5.58 -2.22
C GLU D 369 36.92 -5.16 -3.37
N GLY D 370 37.28 -6.15 -4.17
CA GLY D 370 38.12 -5.96 -5.34
C GLY D 370 37.46 -5.02 -6.32
N ASN E 1 -12.47 56.34 -29.68
CA ASN E 1 -11.05 56.83 -29.74
C ASN E 1 -10.13 55.86 -30.43
N GLU E 2 -10.35 55.62 -31.72
CA GLU E 2 -9.55 54.68 -32.50
C GLU E 2 -9.47 53.32 -31.77
N GLU E 3 -10.25 53.19 -30.69
CA GLU E 3 -10.29 51.96 -29.90
C GLU E 3 -10.23 50.72 -30.78
N GLY E 4 -11.09 50.69 -31.81
CA GLY E 4 -11.12 49.57 -32.73
C GLY E 4 -9.89 49.51 -33.62
N ARG E 5 -9.58 50.65 -34.25
CA ARG E 5 -8.44 50.80 -35.15
C ARG E 5 -7.07 50.47 -34.45
N LEU E 6 -6.93 50.91 -33.21
CA LEU E 6 -5.69 50.68 -32.47
C LEU E 6 -5.48 49.19 -32.28
N ILE E 7 -6.47 48.53 -31.67
CA ILE E 7 -6.47 47.10 -31.44
C ILE E 7 -6.09 46.39 -32.74
N GLU E 8 -6.78 46.78 -33.81
CA GLU E 8 -6.56 46.21 -35.13
C GLU E 8 -5.19 46.60 -35.70
N LYS E 9 -4.65 47.75 -35.32
CA LYS E 9 -3.34 48.21 -35.81
C LYS E 9 -2.19 47.34 -35.33
N LEU E 10 -2.04 47.26 -34.01
CA LEU E 10 -0.94 46.46 -33.45
C LEU E 10 -1.09 45.00 -33.79
N LEU E 11 -2.30 44.48 -33.69
CA LEU E 11 -2.51 43.08 -34.01
C LEU E 11 -2.01 42.80 -35.41
N GLY E 12 -1.95 43.84 -36.22
CA GLY E 12 -1.45 43.68 -37.57
C GLY E 12 -0.01 43.29 -37.44
N ASP E 13 0.77 44.16 -36.79
CA ASP E 13 2.20 43.95 -36.59
C ASP E 13 2.51 43.05 -35.37
N TYR E 14 1.54 42.90 -34.47
CA TYR E 14 1.68 42.09 -33.25
C TYR E 14 2.53 40.84 -33.47
N ASP E 15 3.61 40.72 -32.70
CA ASP E 15 4.50 39.57 -32.79
C ASP E 15 4.48 38.70 -31.53
N LYS E 16 4.19 37.43 -31.73
CA LYS E 16 4.09 36.41 -30.69
C LYS E 16 5.38 36.02 -30.00
N ARG E 17 6.09 35.07 -30.61
CA ARG E 17 7.34 34.52 -30.07
C ARG E 17 8.56 35.44 -30.03
N ILE E 18 8.38 36.74 -30.22
CA ILE E 18 9.55 37.59 -30.17
C ILE E 18 9.55 38.39 -28.88
N LYS E 19 10.69 38.40 -28.20
CA LYS E 19 10.85 39.06 -26.92
C LYS E 19 10.87 40.58 -27.08
N PRO E 20 10.30 41.28 -26.09
CA PRO E 20 10.28 42.74 -26.13
C PRO E 20 11.67 43.28 -25.77
N ALA E 21 12.68 42.89 -26.56
CA ALA E 21 14.06 43.34 -26.33
C ALA E 21 14.40 44.56 -27.18
N LYS E 22 14.54 45.71 -26.53
CA LYS E 22 14.88 46.95 -27.23
C LYS E 22 15.74 46.67 -28.44
N THR E 23 16.84 45.97 -28.18
CA THR E 23 17.87 45.59 -29.13
C THR E 23 18.32 44.26 -28.52
N LEU E 24 19.44 43.71 -28.98
CA LEU E 24 19.93 42.44 -28.49
C LEU E 24 21.12 42.33 -27.53
N ASP E 25 21.68 43.50 -27.16
CA ASP E 25 22.85 43.37 -26.29
C ASP E 25 22.70 43.66 -24.80
N HIS E 26 21.50 44.06 -24.37
CA HIS E 26 21.24 44.39 -22.97
C HIS E 26 20.00 43.71 -22.35
N VAL E 27 19.53 42.59 -22.89
CA VAL E 27 18.36 41.94 -22.31
C VAL E 27 17.20 42.83 -21.79
N ILE E 28 16.12 42.15 -21.41
CA ILE E 28 14.93 42.75 -20.84
C ILE E 28 14.93 42.64 -19.31
N ASP E 29 14.12 43.45 -18.68
CA ASP E 29 14.10 43.51 -17.21
C ASP E 29 12.96 42.64 -16.61
N VAL E 30 13.26 41.39 -16.30
CA VAL E 30 12.24 40.51 -15.72
C VAL E 30 12.25 40.35 -14.21
N THR E 31 11.08 40.59 -13.64
CA THR E 31 10.81 40.56 -12.20
C THR E 31 10.12 39.24 -11.85
N LEU E 32 10.52 38.59 -10.75
CA LEU E 32 9.88 37.37 -10.31
C LEU E 32 9.98 37.34 -8.77
N LYS E 33 9.18 36.48 -8.15
CA LYS E 33 9.14 36.28 -6.69
C LYS E 33 8.17 35.18 -6.39
N LEU E 34 8.37 34.50 -5.27
CA LEU E 34 7.50 33.40 -4.86
C LEU E 34 7.11 33.49 -3.41
N THR E 35 5.85 33.36 -3.19
CA THR E 35 5.27 33.26 -1.86
C THR E 35 4.78 31.84 -1.60
N LEU E 36 5.34 31.13 -0.68
CA LEU E 36 4.94 29.76 -0.47
C LEU E 36 3.49 29.81 0.02
N THR E 37 2.72 28.76 -0.23
CA THR E 37 1.34 28.73 0.21
C THR E 37 0.94 27.30 0.56
N ASN E 38 1.77 26.36 0.15
CA ASN E 38 1.45 24.96 0.40
C ASN E 38 2.65 24.09 0.16
N LEU E 39 2.98 23.43 1.23
CA LEU E 39 4.02 22.45 1.25
C LEU E 39 3.38 21.09 1.47
N ILE E 40 3.02 20.55 0.36
CA ILE E 40 2.11 19.38 0.34
C ILE E 40 2.75 18.03 0.70
N SER E 41 4.01 17.78 0.33
CA SER E 41 4.56 16.47 0.64
C SER E 41 6.06 16.57 0.94
N LEU E 42 6.41 16.12 2.15
CA LEU E 42 7.79 16.12 2.59
C LEU E 42 8.30 14.71 2.68
N ASN E 43 8.98 14.27 1.64
CA ASN E 43 9.57 12.94 1.63
C ASN E 43 11.07 13.24 1.64
N GLU E 44 11.60 13.47 2.86
CA GLU E 44 13.01 13.82 3.06
C GLU E 44 14.03 12.73 2.76
N LYS E 45 13.70 11.48 3.03
CA LYS E 45 14.52 10.34 2.65
C LYS E 45 14.82 10.33 1.17
N GLU E 46 13.91 10.86 0.36
CA GLU E 46 14.20 10.91 -1.06
C GLU E 46 14.49 12.34 -1.52
N GLU E 47 14.39 13.27 -0.57
CA GLU E 47 14.66 14.68 -0.81
C GLU E 47 13.74 15.31 -1.85
N ALA E 48 12.43 15.19 -1.67
CA ALA E 48 11.50 15.75 -2.63
C ALA E 48 10.31 16.40 -1.90
N LEU E 49 9.70 17.40 -2.54
CA LEU E 49 8.57 18.11 -1.95
C LEU E 49 7.62 18.62 -3.03
N THR E 50 6.40 18.95 -2.61
CA THR E 50 5.37 19.48 -3.50
C THR E 50 4.86 20.75 -2.84
N THR E 51 4.89 21.87 -3.56
CA THR E 51 4.42 23.15 -3.02
C THR E 51 3.57 23.97 -3.99
N ASN E 52 2.59 24.69 -3.45
CA ASN E 52 1.71 25.58 -4.28
C ASN E 52 2.48 26.91 -4.15
N VAL E 53 3.19 27.30 -5.21
CA VAL E 53 4.02 28.52 -5.22
C VAL E 53 3.32 29.67 -5.93
N TRP E 54 3.35 30.87 -5.33
CA TRP E 54 2.76 31.99 -6.00
C TRP E 54 3.92 32.44 -6.88
N ILE E 55 3.84 32.16 -8.18
CA ILE E 55 4.88 32.55 -9.12
C ILE E 55 4.64 34.00 -9.52
N GLU E 56 5.17 34.93 -8.74
CA GLU E 56 5.00 36.33 -9.09
C GLU E 56 5.92 36.62 -10.26
N ILE E 57 5.31 36.80 -11.43
CA ILE E 57 5.97 37.06 -12.70
C ILE E 57 5.76 38.50 -13.12
N GLN E 58 6.84 39.20 -13.49
CA GLN E 58 6.73 40.59 -13.91
C GLN E 58 7.87 40.94 -14.88
N TRP E 59 7.57 41.81 -15.84
CA TRP E 59 8.54 42.19 -16.89
C TRP E 59 8.04 43.40 -17.64
N ASN E 60 8.80 43.83 -18.63
CA ASN E 60 8.41 45.00 -19.39
C ASN E 60 8.40 44.79 -20.93
N ASP E 61 7.40 45.32 -21.57
CA ASP E 61 7.19 45.28 -23.00
C ASP E 61 6.29 46.41 -23.45
N TYR E 62 6.85 47.57 -23.78
CA TYR E 62 6.01 48.70 -24.16
C TYR E 62 5.44 48.56 -25.54
N ARG E 63 5.68 47.39 -26.11
CA ARG E 63 5.24 47.00 -27.44
C ARG E 63 3.74 47.23 -27.50
N LEU E 64 3.16 47.57 -26.36
CA LEU E 64 1.72 47.80 -26.32
C LEU E 64 1.22 48.91 -25.39
N SER E 65 2.06 49.92 -25.11
CA SER E 65 1.58 51.03 -24.30
C SER E 65 0.49 51.52 -25.23
N TRP E 66 -0.64 51.97 -24.70
CA TRP E 66 -1.73 52.36 -25.61
C TRP E 66 -2.05 53.86 -25.64
N ASN E 67 -3.22 54.19 -26.18
CA ASN E 67 -3.64 55.58 -26.28
C ASN E 67 -4.80 55.85 -25.33
N THR E 68 -5.71 56.72 -25.73
CA THR E 68 -6.88 57.08 -24.93
C THR E 68 -7.91 55.95 -24.86
N SER E 69 -7.91 55.12 -25.89
CA SER E 69 -8.83 54.02 -26.07
C SER E 69 -8.44 52.70 -25.40
N GLU E 70 -7.35 52.69 -24.61
CA GLU E 70 -6.96 51.45 -23.96
C GLU E 70 -6.07 51.72 -22.74
N TYR E 71 -5.06 52.57 -22.87
CA TYR E 71 -4.21 52.89 -21.73
C TYR E 71 -5.08 53.73 -20.79
N GLU E 72 -5.52 54.88 -21.29
CA GLU E 72 -6.34 55.80 -20.50
C GLU E 72 -7.66 55.19 -20.12
N GLY E 73 -8.27 54.42 -21.02
CA GLY E 73 -9.55 53.81 -20.71
C GLY E 73 -9.51 53.26 -19.29
N ILE E 74 -8.53 52.46 -19.03
CA ILE E 74 -8.27 51.82 -17.74
C ILE E 74 -6.79 51.44 -17.61
N ASP E 75 -6.08 51.99 -16.66
CA ASP E 75 -4.67 51.70 -16.53
C ASP E 75 -4.47 50.20 -16.23
N LEU E 76 -5.50 49.38 -16.41
CA LEU E 76 -5.39 47.94 -16.12
C LEU E 76 -6.03 47.04 -17.20
N VAL E 77 -5.30 46.02 -17.65
CA VAL E 77 -5.76 45.07 -18.63
C VAL E 77 -5.40 43.66 -18.26
N ARG E 78 -6.32 42.72 -18.50
CA ARG E 78 -6.10 41.32 -18.21
C ARG E 78 -6.12 40.64 -19.57
N ILE E 79 -4.95 40.36 -20.16
CA ILE E 79 -4.98 39.68 -21.46
C ILE E 79 -4.35 38.29 -21.42
N PRO E 80 -5.04 37.32 -22.02
CA PRO E 80 -4.68 35.90 -22.13
C PRO E 80 -3.20 35.52 -22.26
N SER E 81 -2.87 34.46 -21.52
CA SER E 81 -1.61 33.75 -21.45
C SER E 81 -0.79 33.87 -22.74
N GLU E 82 -1.20 33.03 -23.66
CA GLU E 82 -0.70 32.84 -25.01
C GLU E 82 -0.40 34.16 -25.75
N LEU E 83 -0.60 35.30 -25.08
CA LEU E 83 -0.46 36.62 -25.67
C LEU E 83 0.65 37.58 -25.24
N LEU E 84 1.78 37.06 -24.78
CA LEU E 84 2.89 37.94 -24.39
C LEU E 84 4.01 36.98 -23.93
N TRP E 85 5.20 37.52 -23.70
CA TRP E 85 6.33 36.71 -23.27
C TRP E 85 6.04 36.06 -21.91
N LEU E 86 6.22 34.73 -21.85
CA LEU E 86 5.94 33.94 -20.68
C LEU E 86 7.14 33.09 -20.16
N PRO E 87 7.60 33.32 -18.92
CA PRO E 87 8.70 32.56 -18.37
C PRO E 87 8.33 31.13 -18.01
N ASP E 88 8.85 30.16 -18.77
CA ASP E 88 8.57 28.75 -18.50
C ASP E 88 9.45 28.43 -17.29
N VAL E 89 8.86 28.61 -16.11
CA VAL E 89 9.56 28.41 -14.84
C VAL E 89 9.88 26.96 -14.44
N VAL E 90 10.91 26.82 -13.61
CA VAL E 90 11.36 25.56 -13.05
C VAL E 90 12.53 25.72 -12.10
N LEU E 91 12.55 24.88 -11.07
CA LEU E 91 13.60 24.88 -10.05
C LEU E 91 14.75 23.94 -10.40
N GLU E 92 15.84 24.54 -10.87
CA GLU E 92 17.09 23.84 -11.23
C GLU E 92 17.30 22.60 -10.38
N ASN E 93 17.50 22.84 -9.09
CA ASN E 93 17.74 21.78 -8.12
C ASN E 93 16.51 21.09 -7.59
N ASN E 94 15.35 21.73 -7.72
CA ASN E 94 14.15 21.11 -7.16
C ASN E 94 13.08 20.61 -8.12
N VAL E 95 12.43 21.52 -8.83
CA VAL E 95 11.38 21.12 -9.76
C VAL E 95 11.67 19.82 -10.48
N ASP E 96 11.02 18.76 -10.02
CA ASP E 96 11.19 17.45 -10.65
C ASP E 96 9.88 17.12 -11.35
N GLY E 97 8.93 18.05 -11.24
CA GLY E 97 7.62 17.88 -11.87
C GLY E 97 7.18 19.17 -12.53
N GLN E 98 6.94 19.12 -13.84
CA GLN E 98 6.47 20.28 -14.58
C GLN E 98 5.38 21.02 -13.81
N PHE E 99 5.46 22.34 -13.72
CA PHE E 99 4.47 23.15 -13.00
C PHE E 99 3.01 22.88 -13.39
N GLU E 100 2.15 22.93 -12.38
CA GLU E 100 0.72 22.68 -12.56
C GLU E 100 -0.10 23.96 -12.25
N VAL E 101 -0.74 24.53 -13.27
CA VAL E 101 -1.53 25.76 -13.16
C VAL E 101 -0.60 26.96 -12.98
N ALA E 102 0.68 26.72 -13.25
CA ALA E 102 1.71 27.74 -13.14
C ALA E 102 1.85 28.50 -14.45
N TYR E 103 1.08 28.10 -15.46
CA TYR E 103 1.14 28.78 -16.76
C TYR E 103 -0.25 28.89 -17.36
N TYR E 104 -0.31 29.33 -18.60
CA TYR E 104 -1.59 29.47 -19.31
C TYR E 104 -2.65 30.25 -18.57
N ALA E 105 -2.25 31.19 -17.71
CA ALA E 105 -3.22 31.98 -16.96
C ALA E 105 -3.17 33.45 -17.30
N ASN E 106 -4.26 34.17 -17.07
CA ASN E 106 -4.39 35.58 -17.38
C ASN E 106 -3.22 36.36 -16.81
N VAL E 107 -2.59 37.19 -17.68
CA VAL E 107 -1.46 38.04 -17.21
C VAL E 107 -2.02 39.44 -17.01
N LEU E 108 -1.15 40.41 -16.74
CA LEU E 108 -1.64 41.76 -16.49
C LEU E 108 -0.81 42.84 -17.23
N VAL E 109 -1.48 43.60 -18.08
CA VAL E 109 -0.81 44.67 -18.82
C VAL E 109 -1.42 46.00 -18.39
N TYR E 110 -0.68 46.71 -17.57
CA TYR E 110 -1.11 48.02 -17.12
C TYR E 110 -1.22 48.90 -18.35
N ASN E 111 -0.84 50.17 -18.26
CA ASN E 111 -0.98 51.04 -19.41
C ASN E 111 0.32 51.53 -20.03
N ASP E 112 1.39 51.50 -19.24
CA ASP E 112 2.71 51.94 -19.66
C ASP E 112 3.50 50.77 -20.23
N GLY E 113 2.94 49.57 -20.11
CA GLY E 113 3.58 48.37 -20.60
C GLY E 113 4.09 47.50 -19.46
N SER E 114 3.61 47.76 -18.25
CA SER E 114 4.01 46.98 -17.08
C SER E 114 3.24 45.67 -17.12
N MET E 115 3.94 44.57 -16.87
CA MET E 115 3.28 43.31 -16.95
C MET E 115 3.39 42.51 -15.63
N TYR E 116 2.23 42.12 -15.11
CA TYR E 116 2.11 41.41 -13.83
C TYR E 116 1.29 40.13 -14.00
N TRP E 117 1.79 39.03 -13.45
CA TRP E 117 1.11 37.75 -13.55
C TRP E 117 1.48 36.84 -12.40
N LEU E 118 0.51 36.11 -11.88
CA LEU E 118 0.77 35.24 -10.74
C LEU E 118 -0.05 33.98 -10.58
N PRO E 119 0.28 32.92 -11.34
CA PRO E 119 -0.49 31.66 -11.22
C PRO E 119 -0.03 30.83 -10.04
N PRO E 120 -0.91 29.97 -9.51
CA PRO E 120 -0.55 29.14 -8.37
C PRO E 120 -0.04 27.83 -8.92
N ALA E 121 0.97 27.25 -8.29
CA ALA E 121 1.49 25.98 -8.79
C ALA E 121 1.82 24.95 -7.78
N ILE E 122 1.27 23.77 -8.02
CA ILE E 122 1.51 22.64 -7.19
C ILE E 122 2.52 21.90 -8.09
N TYR E 123 3.70 21.55 -7.58
CA TYR E 123 4.63 20.84 -8.42
C TYR E 123 5.59 20.09 -7.49
N ARG E 124 6.41 19.21 -8.07
CA ARG E 124 7.33 18.42 -7.26
C ARG E 124 8.72 18.97 -7.33
N SER E 125 9.47 18.79 -6.27
CA SER E 125 10.81 19.31 -6.26
C SER E 125 11.73 18.41 -5.42
N THR E 126 13.01 18.77 -5.33
CA THR E 126 13.98 17.99 -4.58
C THR E 126 15.01 18.85 -3.86
N CYS E 127 14.68 19.18 -2.74
CA CYS E 127 15.60 20.04 -2.00
C CYS E 127 16.55 19.15 -1.22
N PRO E 128 17.44 19.77 -0.39
CA PRO E 128 18.37 18.96 0.40
C PRO E 128 17.70 17.85 1.19
N ILE E 129 18.07 17.74 2.46
CA ILE E 129 17.56 16.72 3.42
C ILE E 129 18.29 15.40 3.12
N ALA E 130 19.61 15.56 2.92
CA ALA E 130 20.52 14.48 2.60
C ALA E 130 21.31 13.97 3.82
N VAL E 131 20.76 12.98 4.52
CA VAL E 131 21.46 12.41 5.68
C VAL E 131 21.85 13.51 6.66
N THR E 132 20.90 14.39 6.96
CA THR E 132 21.15 15.51 7.85
C THR E 132 19.80 15.96 8.38
N TYR E 133 19.13 16.81 7.60
CA TYR E 133 17.82 17.40 7.87
C TYR E 133 16.89 16.84 8.97
N PHE E 134 17.35 15.82 9.69
CA PHE E 134 16.61 15.20 10.78
C PHE E 134 17.25 15.59 12.13
N PRO E 135 18.32 16.54 12.01
CA PRO E 135 18.94 16.85 13.29
C PRO E 135 18.17 17.94 14.00
N PHE E 136 18.95 18.71 14.72
CA PHE E 136 18.34 19.79 15.48
C PHE E 136 18.93 21.07 14.96
N ASP E 137 19.98 20.81 14.24
CA ASP E 137 20.67 21.77 13.40
C ASP E 137 20.07 21.44 12.05
N TRP E 138 19.66 22.41 11.31
CA TRP E 138 18.95 22.08 10.08
C TRP E 138 19.72 22.44 8.82
N GLN E 139 19.53 21.57 7.84
CA GLN E 139 20.08 21.72 6.49
C GLN E 139 19.18 22.75 5.77
N ASN E 140 19.77 23.86 5.33
CA ASN E 140 19.00 24.88 4.61
C ASN E 140 18.58 24.37 3.22
N CYS E 141 17.26 24.34 3.00
CA CYS E 141 16.70 23.90 1.71
C CYS E 141 17.02 25.00 0.73
N SER E 142 17.81 24.65 -0.28
CA SER E 142 18.25 25.60 -1.30
C SER E 142 17.68 25.29 -2.68
N LEU E 143 16.61 25.99 -3.03
CA LEU E 143 16.00 25.81 -4.35
C LEU E 143 16.18 27.02 -5.25
N VAL E 144 16.82 26.82 -6.40
CA VAL E 144 16.99 27.92 -7.33
C VAL E 144 16.17 27.59 -8.55
N PHE E 145 15.34 28.54 -8.96
CA PHE E 145 14.51 28.33 -10.13
C PHE E 145 14.63 29.51 -11.06
N ARG E 146 14.48 29.22 -12.34
CA ARG E 146 14.59 30.23 -13.37
C ARG E 146 13.87 29.68 -14.58
N SER E 147 13.78 30.48 -15.64
CA SER E 147 13.16 30.04 -16.88
C SER E 147 14.17 28.99 -17.32
N GLN E 148 13.72 27.87 -17.88
CA GLN E 148 14.68 26.87 -18.34
C GLN E 148 14.88 27.01 -19.82
N THR E 149 14.41 28.14 -20.35
CA THR E 149 14.43 28.38 -21.79
C THR E 149 15.63 29.21 -22.20
N TYR E 150 15.63 30.53 -22.01
CA TYR E 150 16.74 31.33 -22.48
C TYR E 150 17.73 31.72 -21.36
N ASN E 151 18.92 32.18 -21.76
CA ASN E 151 19.96 32.54 -20.78
C ASN E 151 20.31 34.04 -20.66
N ALA E 152 20.23 34.52 -19.43
CA ALA E 152 20.44 35.90 -18.99
C ALA E 152 21.03 37.01 -19.89
N HIS E 153 21.55 36.69 -21.07
CA HIS E 153 22.07 37.73 -21.95
C HIS E 153 20.91 38.38 -22.73
N GLU E 154 19.71 37.87 -22.53
CA GLU E 154 18.54 38.42 -23.20
C GLU E 154 17.45 38.61 -22.14
N VAL E 155 17.43 37.67 -21.19
CA VAL E 155 16.50 37.59 -20.06
C VAL E 155 17.27 37.96 -18.78
N ASN E 156 16.62 38.62 -17.82
CA ASN E 156 17.25 38.98 -16.56
C ASN E 156 16.16 38.90 -15.49
N LEU E 157 16.37 38.13 -14.43
CA LEU E 157 15.38 38.01 -13.37
C LEU E 157 15.75 38.88 -12.21
N GLN E 158 14.75 39.37 -11.50
CA GLN E 158 15.00 40.20 -10.33
C GLN E 158 14.37 39.51 -9.14
N LEU E 159 14.59 40.06 -7.96
CA LEU E 159 14.05 39.49 -6.72
C LEU E 159 14.04 40.58 -5.66
N SER E 160 13.90 40.20 -4.40
CA SER E 160 13.89 41.20 -3.34
C SER E 160 14.56 40.74 -2.05
N ALA E 161 13.81 40.73 -0.96
CA ALA E 161 14.41 40.34 0.32
C ALA E 161 15.10 39.00 0.29
N GLU E 162 16.32 39.01 0.80
CA GLU E 162 17.11 37.75 0.88
C GLU E 162 17.35 37.54 2.35
N GLU E 163 16.87 38.48 3.16
CA GLU E 163 17.03 38.42 4.60
C GLU E 163 15.73 38.04 5.35
N GLY E 164 14.67 38.82 5.17
CA GLY E 164 13.42 38.54 5.84
C GLY E 164 13.18 37.06 6.04
N ILE E 165 9.48 35.15 3.70
CA ILE E 165 9.85 34.02 4.55
C ILE E 165 9.15 32.74 4.07
N ASP E 166 9.75 31.58 4.35
CA ASP E 166 9.11 30.33 3.96
C ASP E 166 7.98 30.06 4.95
N PRO E 167 8.19 30.41 6.24
CA PRO E 167 7.13 30.19 7.23
C PRO E 167 5.97 31.15 7.04
N GLU E 168 6.05 31.95 5.95
CA GLU E 168 4.97 32.86 5.59
C GLU E 168 3.64 32.14 5.51
N ASP E 169 3.77 30.97 4.86
CA ASP E 169 2.62 30.10 4.76
C ASP E 169 3.11 28.66 4.82
N PHE E 170 3.99 28.45 5.78
CA PHE E 170 4.55 27.13 6.04
C PHE E 170 3.36 26.38 6.68
N THR E 171 3.13 25.14 6.28
CA THR E 171 1.97 24.39 6.81
C THR E 171 2.08 24.02 8.26
N GLU E 172 0.97 24.27 8.94
CA GLU E 172 0.86 24.01 10.36
C GLU E 172 0.69 22.52 10.64
N ASN E 173 0.39 21.74 9.61
CA ASN E 173 0.24 20.30 9.88
C ASN E 173 1.50 19.52 9.48
N GLY E 174 2.59 20.26 9.34
CA GLY E 174 3.85 19.62 9.02
C GLY E 174 4.51 19.08 10.27
N GLU E 175 5.20 17.99 10.15
CA GLU E 175 5.85 17.34 11.28
C GLU E 175 7.19 18.02 11.60
N TRP E 176 7.30 19.34 11.06
CA TRP E 176 8.51 20.14 11.14
C TRP E 176 8.17 21.58 11.43
N THR E 177 9.17 22.49 11.16
CA THR E 177 9.06 23.93 11.45
C THR E 177 10.16 24.68 10.72
N ILE E 178 9.89 25.93 10.34
CA ILE E 178 10.88 26.75 9.65
C ILE E 178 11.33 27.90 10.55
N ARG E 179 12.60 28.30 10.42
CA ARG E 179 13.09 29.42 11.23
C ARG E 179 13.70 30.56 10.42
N HIS E 180 13.87 30.37 9.10
CA HIS E 180 14.41 31.45 8.27
C HIS E 180 14.34 31.09 6.78
N ARG E 181 14.14 32.11 5.96
CA ARG E 181 14.07 31.95 4.51
C ARG E 181 14.85 33.07 3.84
N PRO E 182 16.03 32.73 3.32
CA PRO E 182 16.89 33.72 2.64
C PRO E 182 16.77 33.49 1.12
N ALA E 183 16.86 34.55 0.30
CA ALA E 183 16.80 34.37 -1.16
C ALA E 183 17.65 35.34 -1.92
N LYS E 184 18.50 34.82 -2.80
CA LYS E 184 19.38 35.64 -3.61
C LYS E 184 19.10 35.52 -5.11
N LYS E 185 19.33 36.63 -5.82
CA LYS E 185 19.16 36.72 -7.26
C LYS E 185 20.59 36.51 -7.75
N ASN E 186 20.79 35.58 -8.69
CA ASN E 186 22.16 35.33 -9.16
C ASN E 186 22.33 34.94 -10.64
N TYR E 187 23.59 34.87 -11.06
CA TYR E 187 24.00 34.53 -12.41
C TYR E 187 24.20 33.01 -12.58
N ASN E 188 24.45 32.53 -13.84
CA ASN E 188 24.55 31.10 -14.12
C ASN E 188 25.99 30.71 -14.43
N TRP E 189 26.56 29.85 -13.52
CA TRP E 189 27.88 29.25 -13.62
C TRP E 189 27.91 28.23 -12.49
N GLN E 190 27.80 26.95 -12.82
CA GLN E 190 27.77 25.86 -11.84
C GLN E 190 28.97 24.91 -11.91
N LEU E 191 28.99 23.93 -11.01
CA LEU E 191 30.04 22.90 -10.95
C LEU E 191 30.24 22.21 -12.29
N THR E 192 29.13 22.04 -13.01
CA THR E 192 29.11 21.33 -14.29
C THR E 192 29.81 22.03 -15.47
N LYS E 193 30.21 23.28 -15.28
CA LYS E 193 30.91 24.07 -16.30
C LYS E 193 30.08 24.63 -17.46
N ASP E 194 28.97 25.24 -17.11
CA ASP E 194 28.05 25.87 -18.07
C ASP E 194 28.39 27.37 -18.10
N ASP E 195 28.35 28.02 -19.26
CA ASP E 195 28.61 29.46 -19.33
C ASP E 195 27.41 30.16 -19.94
N ILE E 196 27.53 31.47 -20.18
CA ILE E 196 26.45 32.30 -20.71
C ILE E 196 25.51 32.08 -19.54
N ASP E 197 25.51 33.02 -18.62
CA ASP E 197 24.73 32.82 -17.43
C ASP E 197 23.27 33.15 -17.60
N PHE E 198 22.39 32.27 -17.14
CA PHE E 198 21.00 32.61 -17.16
C PHE E 198 20.74 32.71 -15.69
N GLN E 199 20.35 33.91 -15.26
CA GLN E 199 20.13 34.12 -13.86
C GLN E 199 19.00 33.25 -13.31
N GLU E 200 19.05 33.01 -12.01
CA GLU E 200 18.08 32.14 -11.35
C GLU E 200 17.64 32.73 -10.01
N ILE E 201 16.85 31.93 -9.29
CA ILE E 201 16.28 32.34 -8.03
C ILE E 201 16.55 31.36 -6.86
N ILE E 202 17.51 31.68 -5.99
CA ILE E 202 17.87 30.83 -4.83
C ILE E 202 16.85 30.98 -3.68
N PHE E 203 16.44 29.82 -3.09
CA PHE E 203 15.42 29.72 -2.06
C PHE E 203 15.98 29.02 -0.83
N PHE E 204 16.56 29.71 0.18
CA PHE E 204 17.05 28.99 1.35
C PHE E 204 15.84 28.70 2.27
N LEU E 205 15.87 27.55 2.96
CA LEU E 205 14.82 27.16 3.93
C LEU E 205 15.33 26.30 5.06
N ILE E 206 16.04 26.91 6.00
CA ILE E 206 16.52 26.14 7.13
C ILE E 206 15.37 25.96 8.10
N ILE E 207 14.89 24.73 8.18
CA ILE E 207 13.75 24.43 9.02
C ILE E 207 14.00 23.34 10.05
N GLN E 208 13.22 23.38 11.12
CA GLN E 208 13.25 22.42 12.22
C GLN E 208 12.10 21.44 12.14
N ARG E 209 12.20 20.33 12.82
CA ARG E 209 11.23 19.24 12.91
C ARG E 209 11.36 18.51 14.23
N LYS E 210 11.11 17.25 14.20
CA LYS E 210 11.30 16.41 15.38
C LYS E 210 10.27 16.61 16.47
N PRO E 211 9.10 17.18 16.15
CA PRO E 211 8.19 17.32 17.29
C PRO E 211 7.66 15.92 17.63
N LEU E 212 8.47 15.19 18.38
CA LEU E 212 8.26 13.79 18.77
C LEU E 212 6.91 13.59 19.47
N PHE E 213 6.25 12.58 19.00
CA PHE E 213 5.03 12.01 19.55
C PHE E 213 5.27 10.58 20.02
N TYR E 214 6.29 10.03 19.28
CA TYR E 214 6.81 8.69 19.48
C TYR E 214 7.79 8.64 20.65
N ILE E 215 8.30 9.81 21.03
CA ILE E 215 9.27 10.03 22.10
C ILE E 215 8.93 9.32 23.39
N ILE E 216 7.77 9.67 23.94
CA ILE E 216 7.39 9.05 25.20
C ILE E 216 6.77 7.67 24.98
N ASN E 217 6.36 7.39 23.74
CA ASN E 217 5.96 6.02 23.46
C ASN E 217 7.16 5.08 23.54
N ILE E 218 8.30 5.79 23.40
CA ILE E 218 9.61 5.18 23.44
C ILE E 218 10.23 5.29 24.83
N ILE E 219 9.96 6.43 25.46
CA ILE E 219 10.47 6.77 26.79
C ILE E 219 9.81 6.04 27.97
N ALA E 220 8.51 5.82 27.90
CA ALA E 220 7.81 5.15 29.00
C ALA E 220 7.95 3.65 28.87
N PRO E 221 7.96 3.15 27.64
CA PRO E 221 8.10 1.71 27.43
C PRO E 221 9.47 1.25 27.91
N CYS E 222 10.49 2.03 27.56
CA CYS E 222 11.84 1.70 27.95
C CYS E 222 11.97 1.75 29.46
N VAL E 223 11.35 2.74 30.10
CA VAL E 223 11.45 2.79 31.55
C VAL E 223 10.71 1.58 32.08
N LEU E 224 9.49 1.36 31.57
CA LEU E 224 8.71 0.20 31.99
C LEU E 224 9.58 -1.02 31.68
N ILE E 225 10.22 -0.99 30.52
CA ILE E 225 11.07 -2.09 30.04
C ILE E 225 12.30 -2.22 30.93
N SER E 226 12.92 -1.08 31.21
CA SER E 226 14.10 -1.09 32.06
C SER E 226 13.66 -1.66 33.39
N SER E 227 12.58 -1.11 33.94
CA SER E 227 12.09 -1.58 35.22
C SER E 227 11.77 -3.06 35.11
N LEU E 228 11.13 -3.46 34.01
CA LEU E 228 10.80 -4.86 33.81
C LEU E 228 12.08 -5.66 33.95
N VAL E 229 13.13 -5.26 33.26
CA VAL E 229 14.37 -6.00 33.40
C VAL E 229 14.96 -5.79 34.79
N VAL E 230 14.79 -4.60 35.35
CA VAL E 230 15.31 -4.38 36.67
C VAL E 230 14.42 -5.21 37.60
N LEU E 231 13.25 -5.61 37.10
CA LEU E 231 12.38 -6.48 37.87
C LEU E 231 13.28 -7.71 37.79
N VAL E 232 13.56 -8.12 36.55
CA VAL E 232 14.42 -9.30 36.30
C VAL E 232 15.64 -9.24 37.19
N TYR E 233 16.11 -8.03 37.41
CA TYR E 233 17.34 -7.79 38.20
C TYR E 233 17.11 -7.80 39.71
N PHE E 234 16.19 -6.96 40.23
CA PHE E 234 15.92 -6.93 41.68
C PHE E 234 14.83 -7.93 42.08
N LEU E 235 13.91 -8.19 41.17
CA LEU E 235 12.83 -9.11 41.44
C LEU E 235 13.36 -10.47 41.91
N PRO E 236 14.54 -10.89 41.42
CA PRO E 236 15.04 -12.18 41.89
C PRO E 236 15.28 -12.21 43.39
N ALA E 237 15.88 -11.16 43.93
CA ALA E 237 16.11 -11.16 45.37
C ALA E 237 14.79 -11.29 46.10
N GLN E 238 13.73 -10.68 45.57
CA GLN E 238 12.38 -10.72 46.15
C GLN E 238 11.69 -12.06 45.81
N ALA E 239 11.77 -12.46 44.56
CA ALA E 239 11.15 -13.67 44.03
C ALA E 239 11.56 -15.02 44.62
N GLY E 240 10.62 -15.97 44.60
CA GLY E 240 10.91 -17.30 45.12
C GLY E 240 11.84 -18.12 44.22
N GLY E 241 11.93 -19.43 44.48
CA GLY E 241 12.79 -20.29 43.69
C GLY E 241 12.25 -20.50 42.30
N GLN E 242 10.93 -20.63 42.21
CA GLN E 242 10.25 -20.83 40.92
C GLN E 242 10.31 -19.56 40.11
N LYS E 243 11.36 -18.78 40.33
CA LYS E 243 11.51 -17.51 39.63
C LYS E 243 12.64 -17.39 38.61
N CYS E 244 13.63 -18.28 38.71
CA CYS E 244 14.76 -18.32 37.76
C CYS E 244 14.16 -18.36 36.36
N THR E 245 13.25 -19.29 36.18
CA THR E 245 12.54 -19.47 34.90
C THR E 245 11.55 -18.36 34.73
N LEU E 246 11.13 -17.82 35.86
CA LEU E 246 10.17 -16.69 35.89
C LEU E 246 10.85 -15.62 35.06
N SER E 247 12.08 -15.35 35.47
CA SER E 247 12.94 -14.34 34.85
C SER E 247 13.05 -14.62 33.36
N ILE E 248 13.18 -15.90 33.02
CA ILE E 248 13.30 -16.27 31.62
C ILE E 248 12.07 -15.90 30.86
N SER E 249 10.93 -16.30 31.39
CA SER E 249 9.71 -15.92 30.69
C SER E 249 9.73 -14.44 30.31
N VAL E 250 10.37 -13.64 31.16
CA VAL E 250 10.45 -12.20 30.88
C VAL E 250 11.38 -11.97 29.70
N LEU E 251 12.58 -12.58 29.70
CA LEU E 251 13.48 -12.38 28.55
C LEU E 251 12.70 -12.67 27.29
N LEU E 252 12.03 -13.82 27.26
CA LEU E 252 11.31 -14.12 26.02
C LEU E 252 10.35 -13.01 25.62
N ALA E 253 9.57 -12.64 26.63
CA ALA E 253 8.59 -11.57 26.52
C ALA E 253 9.27 -10.24 26.23
N GLN E 254 10.35 -9.95 26.97
CA GLN E 254 11.16 -8.70 26.82
C GLN E 254 11.66 -8.44 25.40
N THR E 255 12.16 -9.47 24.71
CA THR E 255 12.65 -9.23 23.34
C THR E 255 11.57 -9.49 22.30
N ILE E 256 10.52 -10.24 22.63
CA ILE E 256 9.43 -10.47 21.66
C ILE E 256 9.07 -9.04 21.34
N PHE E 257 9.05 -8.30 22.43
CA PHE E 257 8.60 -6.91 22.48
C PHE E 257 9.59 -6.01 21.75
N LEU E 258 10.86 -6.29 22.04
CA LEU E 258 12.11 -5.68 21.53
C LEU E 258 12.18 -5.64 20.01
N PHE E 259 12.43 -6.79 19.39
CA PHE E 259 12.55 -6.69 17.95
C PHE E 259 11.22 -6.25 17.37
N LEU E 260 10.10 -6.56 18.02
CA LEU E 260 8.83 -6.07 17.47
C LEU E 260 9.04 -4.55 17.37
N ILE E 261 9.72 -3.95 18.36
CA ILE E 261 9.97 -2.51 18.29
C ILE E 261 10.95 -2.31 17.13
N ALA E 262 11.94 -3.19 17.05
CA ALA E 262 12.94 -3.11 16.02
C ALA E 262 12.32 -3.16 14.64
N GLN E 263 11.14 -3.79 14.51
CA GLN E 263 10.43 -3.86 13.24
C GLN E 263 9.51 -2.63 13.04
N LYS E 264 8.88 -2.13 14.10
CA LYS E 264 7.95 -1.01 14.14
C LYS E 264 8.60 0.26 13.63
N VAL E 265 9.45 0.90 14.43
CA VAL E 265 10.02 2.17 14.06
C VAL E 265 11.11 2.12 12.99
N PRO E 266 11.58 0.91 12.61
CA PRO E 266 12.58 0.95 11.57
C PRO E 266 11.77 1.35 10.33
N GLU E 267 10.56 0.73 10.27
CA GLU E 267 9.64 1.06 9.19
C GLU E 267 9.45 2.56 9.07
N THR E 268 9.31 3.14 10.27
CA THR E 268 9.13 4.57 10.45
C THR E 268 10.16 5.33 9.62
N SER E 269 11.44 5.13 9.92
CA SER E 269 12.46 5.86 9.19
C SER E 269 12.52 5.58 7.69
N LEU E 270 12.13 4.40 7.22
CA LEU E 270 12.18 4.16 5.77
C LEU E 270 11.10 4.95 5.02
N ASN E 271 9.88 5.04 5.55
CA ASN E 271 8.82 5.78 4.86
C ASN E 271 9.11 7.30 4.96
N VAL E 272 9.88 7.69 5.98
CA VAL E 272 10.26 9.10 6.16
C VAL E 272 11.77 9.15 6.03
N PRO E 273 12.42 10.29 6.37
CA PRO E 273 13.89 10.32 6.22
C PRO E 273 14.71 9.35 7.11
N LEU E 274 15.99 9.70 7.36
CA LEU E 274 16.84 8.84 8.18
C LEU E 274 18.07 9.61 8.67
N ILE E 275 18.67 9.11 9.78
CA ILE E 275 19.85 9.67 10.41
C ILE E 275 20.32 8.68 11.48
N GLY E 276 21.64 8.50 11.63
CA GLY E 276 22.17 7.51 12.56
C GLY E 276 22.46 7.81 14.03
N LYS E 277 22.65 9.07 14.37
CA LYS E 277 23.00 9.49 15.71
C LYS E 277 21.99 9.09 16.79
N TYR E 278 20.76 9.55 16.60
CA TYR E 278 19.68 9.15 17.49
C TYR E 278 19.47 7.65 17.45
N LEU E 279 19.73 7.13 16.23
CA LEU E 279 19.66 5.68 15.93
C LEU E 279 20.67 4.91 16.78
N ILE E 280 21.87 5.46 16.92
CA ILE E 280 22.94 4.80 17.67
C ILE E 280 22.60 4.57 19.16
N PHE E 281 22.12 5.61 19.83
CA PHE E 281 21.78 5.49 21.26
C PHE E 281 20.74 4.41 21.47
N VAL E 282 19.65 4.41 20.69
CA VAL E 282 18.58 3.42 20.86
C VAL E 282 19.04 1.97 20.76
N MET E 283 19.46 1.53 19.59
CA MET E 283 19.88 0.15 19.37
C MET E 283 21.02 -0.23 20.30
N PHE E 284 21.93 0.68 20.60
CA PHE E 284 23.01 0.25 21.47
C PHE E 284 22.63 0.35 22.94
N VAL E 285 21.76 1.28 23.31
CA VAL E 285 21.30 1.33 24.69
C VAL E 285 20.39 0.10 24.77
N SER E 286 19.79 -0.25 23.62
CA SER E 286 18.89 -1.37 23.48
C SER E 286 19.67 -2.67 23.53
N LEU E 287 20.82 -2.70 22.86
CA LEU E 287 21.64 -3.90 22.84
C LEU E 287 22.25 -4.14 24.21
N VAL E 288 22.47 -3.05 24.95
CA VAL E 288 23.03 -3.19 26.30
C VAL E 288 21.93 -3.72 27.22
N ILE E 289 20.69 -3.28 26.99
CA ILE E 289 19.55 -3.77 27.76
C ILE E 289 19.47 -5.27 27.57
N VAL E 290 19.66 -5.66 26.32
CA VAL E 290 19.61 -7.08 25.91
C VAL E 290 20.79 -7.78 26.52
N THR E 291 21.94 -7.12 26.40
CA THR E 291 23.18 -7.68 26.89
C THR E 291 23.14 -8.06 28.36
N ASN E 292 22.90 -7.09 29.23
CA ASN E 292 22.84 -7.38 30.68
C ASN E 292 21.63 -8.29 30.94
N CYS E 293 20.65 -8.26 30.03
CA CYS E 293 19.42 -9.09 30.17
C CYS E 293 19.78 -10.56 30.03
N VAL E 294 20.37 -10.96 28.91
CA VAL E 294 20.79 -12.36 28.77
C VAL E 294 21.90 -12.60 29.75
N ILE E 295 22.67 -11.54 30.02
CA ILE E 295 23.77 -11.64 30.99
C ILE E 295 23.09 -12.17 32.26
N VAL E 296 21.93 -11.59 32.60
CA VAL E 296 21.21 -11.97 33.81
C VAL E 296 20.96 -13.48 33.83
N LEU E 297 20.44 -14.05 32.77
CA LEU E 297 20.22 -15.48 32.87
C LEU E 297 21.59 -16.09 32.99
N ASN E 298 22.59 -15.60 32.24
CA ASN E 298 23.90 -16.18 32.40
C ASN E 298 24.33 -15.92 33.83
N VAL E 299 23.64 -14.99 34.46
CA VAL E 299 23.88 -14.63 35.85
C VAL E 299 22.99 -15.56 36.68
N SER E 300 21.84 -15.77 36.31
CA SER E 300 21.00 -16.77 36.93
C SER E 300 21.12 -18.12 36.22
N LEU E 301 22.45 -18.32 35.93
CA LEU E 301 22.93 -19.47 35.16
C LEU E 301 24.18 -19.99 35.87
N ARG E 302 24.99 -19.02 36.28
CA ARG E 302 26.31 -19.22 36.92
C ARG E 302 26.57 -20.20 38.05
N THR E 303 25.75 -20.36 38.97
CA THR E 303 26.16 -21.06 40.18
C THR E 303 25.94 -22.56 40.03
N PRO E 304 26.68 -23.42 40.80
CA PRO E 304 26.81 -24.87 40.61
C PRO E 304 25.45 -25.59 40.55
N ASN E 305 24.59 -25.30 41.51
CA ASN E 305 23.30 -26.04 41.60
C ASN E 305 22.11 -25.12 41.71
N THR E 306 22.27 -23.90 42.09
CA THR E 306 21.13 -23.00 42.19
C THR E 306 20.69 -22.54 40.81
N HIS E 307 21.52 -22.88 39.81
CA HIS E 307 21.20 -22.50 38.44
C HIS E 307 20.64 -21.12 38.17
N SER E 308 20.65 -50.89 71.66
CA SER E 308 21.90 -51.22 70.98
C SER E 308 21.67 -51.37 69.48
N CYS E 309 20.64 -52.13 69.06
CA CYS E 309 20.32 -52.27 67.64
C CYS E 309 19.80 -50.89 67.20
N VAL E 310 19.11 -50.28 68.15
CA VAL E 310 18.52 -48.97 68.24
C VAL E 310 19.53 -47.91 67.77
N GLU E 311 20.62 -47.91 68.49
CA GLU E 311 21.63 -46.91 68.25
C GLU E 311 22.44 -47.14 67.00
N ALA E 312 22.64 -48.39 66.63
CA ALA E 312 23.41 -48.65 65.43
C ALA E 312 22.59 -48.06 64.28
N CYS E 313 21.26 -48.20 64.35
CA CYS E 313 20.43 -47.65 63.30
C CYS E 313 20.13 -46.18 63.57
N ASN E 314 20.21 -45.77 64.85
CA ASN E 314 19.96 -44.36 65.18
C ASN E 314 21.21 -43.64 64.67
N PHE E 315 22.37 -44.33 64.75
CA PHE E 315 23.63 -43.83 64.25
C PHE E 315 23.52 -43.40 62.80
N ILE E 316 23.20 -44.38 61.95
CA ILE E 316 23.08 -44.18 60.53
C ILE E 316 21.98 -43.20 60.10
N ALA E 317 20.84 -43.20 60.80
CA ALA E 317 19.77 -42.25 60.43
C ALA E 317 20.19 -40.82 60.80
N LYS E 318 20.84 -40.66 61.95
CA LYS E 318 21.29 -39.36 62.36
C LYS E 318 22.27 -38.90 61.29
N SER E 319 22.71 -39.85 60.46
CA SER E 319 23.62 -39.55 59.36
C SER E 319 22.87 -38.94 58.17
N THR E 320 21.80 -39.58 57.71
CA THR E 320 21.04 -39.02 56.58
C THR E 320 20.74 -37.57 56.84
N LYS E 321 20.54 -37.26 58.12
CA LYS E 321 20.22 -35.92 58.55
C LYS E 321 21.45 -35.06 58.28
N GLU E 322 22.59 -35.42 58.90
CA GLU E 322 23.81 -34.69 58.66
C GLU E 322 24.28 -34.86 57.22
N GLN E 323 24.03 -36.06 56.64
CA GLN E 323 24.42 -36.34 55.28
C GLN E 323 23.71 -35.40 54.30
N ASN E 324 22.39 -35.38 54.38
CA ASN E 324 21.59 -34.56 53.48
C ASN E 324 21.93 -33.12 53.84
N ASP E 325 22.15 -32.83 55.13
CA ASP E 325 22.49 -31.47 55.58
C ASP E 325 23.73 -31.01 54.77
N SER E 326 24.76 -31.86 54.70
CA SER E 326 25.93 -31.52 53.89
C SER E 326 25.52 -31.12 52.48
N GLY E 327 24.47 -31.84 52.03
CA GLY E 327 23.91 -31.59 50.71
C GLY E 327 23.20 -30.26 50.63
N SER E 328 22.29 -30.00 51.58
CA SER E 328 21.57 -28.73 51.59
C SER E 328 22.63 -27.66 51.83
N GLU E 329 23.74 -28.06 52.44
CA GLU E 329 24.88 -27.19 52.71
C GLU E 329 25.36 -26.76 51.32
N ASN E 330 25.41 -27.73 50.42
CA ASN E 330 25.83 -27.48 49.04
C ASN E 330 25.13 -26.22 48.62
N GLU E 331 23.80 -26.33 48.55
CA GLU E 331 22.92 -25.23 48.19
C GLU E 331 23.54 -23.93 48.74
N ASN E 332 23.83 -23.94 50.04
CA ASN E 332 24.44 -22.76 50.73
C ASN E 332 25.59 -22.13 49.96
N TRP E 333 26.77 -22.71 50.11
CA TRP E 333 27.96 -22.19 49.43
C TRP E 333 27.74 -21.90 47.96
N VAL E 334 26.69 -22.46 47.40
CA VAL E 334 26.39 -22.23 45.99
C VAL E 334 25.51 -21.00 45.81
N LEU E 335 24.37 -20.92 46.54
CA LEU E 335 23.42 -19.84 46.30
C LEU E 335 23.60 -18.71 47.33
N ILE E 336 24.74 -18.38 47.84
CA ILE E 336 24.90 -17.22 48.73
C ILE E 336 25.01 -16.05 47.77
N GLY E 337 23.85 -15.51 47.41
CA GLY E 337 23.73 -14.45 46.41
C GLY E 337 24.53 -13.18 46.33
N LYS E 338 25.85 -13.22 46.51
CA LYS E 338 26.69 -12.01 46.39
C LYS E 338 26.61 -11.40 44.98
N VAL E 339 26.68 -12.25 43.97
CA VAL E 339 26.63 -11.82 42.59
C VAL E 339 25.28 -11.26 42.16
N ILE E 340 24.21 -11.96 42.54
CA ILE E 340 22.84 -11.55 42.19
C ILE E 340 22.43 -10.21 42.80
N ASP E 341 22.46 -10.12 44.13
CA ASP E 341 22.08 -8.89 44.78
C ASP E 341 22.84 -7.76 44.11
N LYS E 342 24.15 -7.91 44.06
CA LYS E 342 25.02 -6.93 43.46
C LYS E 342 24.69 -6.72 41.97
N ALA E 343 24.15 -7.74 41.30
CA ALA E 343 23.80 -7.63 39.90
C ALA E 343 22.67 -6.61 39.74
N CYS E 344 21.83 -6.51 40.77
CA CYS E 344 20.73 -5.57 40.79
C CYS E 344 21.28 -4.16 40.75
N PHE E 345 22.17 -3.89 41.69
CA PHE E 345 22.84 -2.59 41.75
C PHE E 345 23.80 -2.38 40.59
N TRP E 346 24.22 -3.55 40.02
CA TRP E 346 25.10 -3.57 38.84
C TRP E 346 24.37 -2.84 37.71
N ILE E 347 23.26 -3.44 37.27
CA ILE E 347 22.45 -2.86 36.23
C ILE E 347 21.86 -1.55 36.68
N ALA E 348 21.53 -1.46 37.96
CA ALA E 348 20.94 -0.26 38.52
C ALA E 348 21.75 0.95 38.09
N LEU E 349 22.92 1.12 38.70
CA LEU E 349 23.77 2.26 38.33
C LEU E 349 24.17 2.20 36.86
N LEU E 350 24.31 0.99 36.32
CA LEU E 350 24.66 0.83 34.91
C LEU E 350 23.47 1.39 34.12
N LEU E 351 22.31 1.16 34.71
CA LEU E 351 21.03 1.67 34.20
C LEU E 351 21.02 3.20 34.19
N PHE E 352 21.41 3.68 35.38
CA PHE E 352 21.54 5.12 35.54
C PHE E 352 22.53 5.74 34.57
N SER E 353 23.61 4.99 34.34
CA SER E 353 24.64 5.46 33.40
C SER E 353 24.19 5.40 31.96
N LEU E 354 23.68 4.23 31.53
CA LEU E 354 23.20 4.08 30.17
C LEU E 354 22.18 5.19 29.92
N GLY E 355 21.29 5.36 30.90
CA GLY E 355 20.28 6.38 30.81
C GLY E 355 20.93 7.75 30.77
N THR E 356 21.74 8.05 31.79
CA THR E 356 22.39 9.35 31.81
C THR E 356 23.19 9.52 30.52
N LEU E 357 24.06 8.57 30.15
CA LEU E 357 24.81 8.71 28.90
C LEU E 357 23.89 9.17 27.78
N ALA E 358 22.77 8.46 27.64
CA ALA E 358 21.82 8.76 26.58
C ALA E 358 20.97 10.03 26.78
N ILE E 359 20.08 10.06 27.78
CA ILE E 359 19.29 11.30 27.90
C ILE E 359 20.18 12.52 28.14
N PHE E 360 21.32 12.37 28.82
CA PHE E 360 22.20 13.52 29.02
C PHE E 360 22.67 13.98 27.63
N LEU E 361 23.09 13.03 26.81
CA LEU E 361 23.52 13.35 25.44
C LEU E 361 22.31 13.83 24.64
N THR E 362 21.13 13.27 24.89
CA THR E 362 20.00 13.78 24.10
C THR E 362 19.85 15.21 24.57
N GLY E 363 20.21 15.48 25.83
CA GLY E 363 20.14 16.84 26.29
C GLY E 363 21.07 17.68 25.43
N HIS E 364 22.23 17.11 25.07
CA HIS E 364 23.22 17.84 24.29
C HIS E 364 22.86 18.02 22.84
N LEU E 365 22.39 16.98 22.17
CA LEU E 365 22.07 17.09 20.75
C LEU E 365 20.80 17.91 20.50
N ASN E 366 20.29 18.53 21.57
CA ASN E 366 19.12 19.40 21.49
C ASN E 366 19.64 20.74 21.96
N GLN E 367 20.68 20.68 22.78
CA GLN E 367 21.27 21.88 23.34
C GLN E 367 22.44 22.51 22.59
N VAL E 368 23.11 21.80 21.68
CA VAL E 368 24.17 22.47 20.93
C VAL E 368 23.39 23.16 19.82
N PRO E 369 22.60 22.38 19.06
CA PRO E 369 21.80 22.97 17.98
C PRO E 369 20.66 23.87 18.46
N GLU E 370 20.46 23.95 19.78
CA GLU E 370 19.42 24.84 20.29
C GLU E 370 20.10 26.18 19.94
#